data_5J0Z
#
_entry.id   5J0Z
#
_cell.length_a   181.868
_cell.length_b   133.320
_cell.length_c   159.919
_cell.angle_alpha   90.000
_cell.angle_beta   102.360
_cell.angle_gamma   90.000
#
_symmetry.space_group_name_H-M   'C 1 2 1'
#
loop_
_entity.id
_entity.type
_entity.pdbx_description
1 polymer 'Proton-gated ion channel'
2 non-polymer 'CHLORIDE ION'
3 non-polymer DODECYL-BETA-D-MALTOSIDE
4 non-polymer 'SULFATE ION'
5 non-polymer 'ACETATE ION'
6 non-polymer 'DOCOSA-4,7,10,13,16,19-HEXAENOIC ACID'
7 non-polymer 'DIUNDECYL PHOSPHATIDYL CHOLINE'
8 water water
#
_entity_poly.entity_id   1
_entity_poly.type   'polypeptide(L)'
_entity_poly.pdbx_seq_one_letter_code
;VSPPPPIADEPLTVNTGIYLIECYSLDDKAETFKVNAFLSLSWKDRRLAFDPVRSGVRVKTYEPEAIWIPEIRFVNVENA
RDADVVDISVSPDGTVQYLERFSARVLSPLDFRRYPFDSQTLHIYLIVRSVDTRNIVLAVDLEKVGKNDDVFLTGWDIES
FTAVVKPANFALEDRLESKLDYQLRISRQYFSYIPNIILPMLFILFISWTAFWSTSYEANVTLVVSTLIAHIAFNILVET
NLPKTPYMTYTGAIIFMIYLFYFVAVIEVTVQHYLKVESQPARAASITRASRIAFPVVFLLANIILAFLFF
;
_entity_poly.pdbx_strand_id   A,B,C,D,E
#
loop_
_chem_comp.id
_chem_comp.type
_chem_comp.name
_chem_comp.formula
ACT non-polymer 'ACETATE ION' 'C2 H3 O2 -1'
CL non-polymer 'CHLORIDE ION' 'Cl -1'
HXA non-polymer 'DOCOSA-4,7,10,13,16,19-HEXAENOIC ACID' 'C22 H32 O2'
LMT D-saccharide DODECYL-BETA-D-MALTOSIDE 'C24 H46 O11'
PLC non-polymer 'DIUNDECYL PHOSPHATIDYL CHOLINE' 'C32 H65 N O8 P 1'
SO4 non-polymer 'SULFATE ION' 'O4 S -2'
#
# COMPACT_ATOMS: atom_id res chain seq x y z
N VAL A 1 -10.60 40.36 -10.88
CA VAL A 1 -9.45 41.04 -11.59
C VAL A 1 -9.54 40.79 -13.12
N SER A 2 -8.44 40.43 -13.78
CA SER A 2 -8.13 40.53 -15.23
C SER A 2 -6.80 41.26 -15.57
N PRO A 3 -6.10 40.83 -16.66
CA PRO A 3 -4.62 41.03 -16.76
C PRO A 3 -4.14 42.47 -16.96
N PRO A 4 -2.80 42.71 -16.95
CA PRO A 4 -2.30 44.05 -17.28
C PRO A 4 -2.53 44.35 -18.74
N PRO A 5 -3.09 45.53 -19.08
CA PRO A 5 -3.28 45.83 -20.49
C PRO A 5 -1.91 46.10 -21.20
N PRO A 6 -1.75 45.62 -22.46
CA PRO A 6 -0.44 45.76 -23.14
C PRO A 6 -0.15 47.19 -23.64
N ILE A 7 0.85 47.87 -23.06
CA ILE A 7 1.15 49.27 -23.47
C ILE A 7 1.42 49.36 -24.98
N ALA A 8 2.26 48.46 -25.51
CA ALA A 8 2.45 48.32 -26.96
C ALA A 8 1.46 47.24 -27.46
N ASP A 9 1.93 46.25 -28.23
CA ASP A 9 1.16 45.03 -28.49
C ASP A 9 2.03 43.83 -28.13
N GLU A 10 2.82 44.00 -27.06
CA GLU A 10 3.81 42.99 -26.64
C GLU A 10 3.14 41.90 -25.78
N PRO A 11 3.76 40.69 -25.67
CA PRO A 11 3.05 39.65 -24.85
C PRO A 11 2.88 39.61 -23.32
N LEU A 12 3.90 39.74 -22.47
CA LEU A 12 3.88 39.71 -20.99
C LEU A 12 4.83 38.62 -20.57
N THR A 13 6.05 39.04 -20.29
CA THR A 13 7.04 38.10 -19.78
C THR A 13 6.75 37.93 -18.27
N VAL A 14 6.71 36.65 -17.83
CA VAL A 14 6.56 36.27 -16.41
C VAL A 14 7.81 35.54 -15.95
N ASN A 15 8.40 36.03 -14.87
CA ASN A 15 9.75 35.65 -14.46
C ASN A 15 9.81 34.58 -13.36
N THR A 16 10.01 33.35 -13.84
CA THR A 16 9.88 32.11 -13.07
C THR A 16 11.20 31.62 -12.46
N GLY A 17 11.09 31.00 -11.28
CA GLY A 17 12.22 30.31 -10.63
C GLY A 17 11.81 29.25 -9.59
N ILE A 18 12.42 28.07 -9.67
CA ILE A 18 12.10 26.96 -8.77
C ILE A 18 13.31 26.66 -7.90
N TYR A 19 13.14 26.73 -6.59
CA TYR A 19 14.23 26.43 -5.67
C TYR A 19 13.89 25.25 -4.79
N LEU A 20 14.57 24.13 -5.03
CA LEU A 20 14.23 22.82 -4.44
C LEU A 20 14.64 22.79 -3.00
N ILE A 21 13.70 22.45 -2.14
CA ILE A 21 13.93 22.34 -0.71
C ILE A 21 14.02 20.87 -0.30
N GLU A 22 13.25 20.02 -0.98
CA GLU A 22 13.31 18.56 -0.83
C GLU A 22 13.07 17.84 -2.19
N CYS A 23 13.90 16.85 -2.55
CA CYS A 23 13.47 15.83 -3.51
C CYS A 23 13.39 14.55 -2.69
N TYR A 24 12.37 13.74 -2.95
CA TYR A 24 12.22 12.44 -2.28
C TYR A 24 11.31 11.48 -3.06
N SER A 25 11.36 10.20 -2.72
CA SER A 25 10.50 9.16 -3.31
C SER A 25 10.64 9.04 -4.83
N LEU A 26 11.88 8.88 -5.30
CA LEU A 26 12.04 8.54 -6.68
C LEU A 26 11.55 7.14 -6.78
N ASP A 27 10.39 6.95 -7.39
CA ASP A 27 9.76 5.63 -7.56
C ASP A 27 10.00 5.09 -8.99
N ASP A 28 11.04 4.24 -9.12
CA ASP A 28 11.42 3.64 -10.41
C ASP A 28 10.28 2.96 -11.21
N LYS A 29 9.51 2.13 -10.51
CA LYS A 29 8.41 1.37 -11.07
C LYS A 29 7.36 2.31 -11.62
N ALA A 30 7.02 3.33 -10.83
CA ALA A 30 6.00 4.35 -11.17
C ALA A 30 6.46 5.43 -12.15
N GLU A 31 7.79 5.63 -12.19
CA GLU A 31 8.49 6.67 -12.94
C GLU A 31 8.02 8.04 -12.50
N THR A 32 8.25 8.29 -11.21
CA THR A 32 7.83 9.51 -10.54
C THR A 32 8.82 9.92 -9.48
N PHE A 33 8.60 11.09 -8.91
CA PHE A 33 9.32 11.57 -7.74
C PHE A 33 8.60 12.77 -7.12
N LYS A 34 8.67 12.90 -5.80
CA LYS A 34 8.08 14.04 -5.08
C LYS A 34 9.13 15.13 -4.88
N VAL A 35 8.68 16.36 -5.06
CA VAL A 35 9.51 17.53 -4.91
C VAL A 35 8.78 18.49 -3.98
N ASN A 36 9.56 19.32 -3.27
CA ASN A 36 9.04 20.35 -2.37
C ASN A 36 9.95 21.57 -2.48
N ALA A 37 9.42 22.66 -3.00
CA ALA A 37 10.25 23.73 -3.56
C ALA A 37 9.53 25.07 -3.50
N PHE A 38 10.30 26.18 -3.54
CA PHE A 38 9.71 27.49 -3.80
C PHE A 38 9.48 27.61 -5.30
N LEU A 39 8.29 28.09 -5.65
CA LEU A 39 8.03 28.60 -6.99
C LEU A 39 7.96 30.08 -6.83
N SER A 40 8.76 30.79 -7.62
CA SER A 40 8.86 32.24 -7.56
C SER A 40 8.51 32.84 -8.92
N LEU A 41 7.51 33.73 -8.93
CA LEU A 41 7.03 34.38 -10.14
C LEU A 41 7.22 35.89 -10.03
N SER A 42 7.27 36.57 -11.18
CA SER A 42 7.61 38.01 -11.23
C SER A 42 7.19 38.67 -12.55
N TRP A 43 6.20 39.56 -12.50
CA TRP A 43 5.66 40.20 -13.73
C TRP A 43 5.40 41.69 -13.51
N LYS A 44 5.13 42.40 -14.61
CA LYS A 44 4.87 43.87 -14.61
C LYS A 44 3.40 44.24 -14.88
N ASP A 45 2.76 44.74 -13.83
CA ASP A 45 1.36 45.14 -13.84
C ASP A 45 1.29 46.58 -13.33
N ARG A 46 1.40 47.52 -14.29
CA ARG A 46 1.49 48.97 -14.01
C ARG A 46 0.30 49.54 -13.22
N ARG A 47 -0.89 48.98 -13.43
CA ARG A 47 -2.08 49.28 -12.60
C ARG A 47 -1.76 49.32 -11.08
N LEU A 48 -0.83 48.47 -10.63
CA LEU A 48 -0.41 48.44 -9.22
C LEU A 48 0.70 49.41 -8.84
N ALA A 49 1.39 50.03 -9.83
CA ALA A 49 2.53 50.94 -9.59
C ALA A 49 2.16 52.12 -8.69
N PHE A 50 3.15 52.77 -8.10
CA PHE A 50 2.88 53.85 -7.13
C PHE A 50 4.07 54.77 -6.88
N ASP A 51 3.82 55.85 -6.15
CA ASP A 51 4.83 56.85 -5.76
C ASP A 51 5.37 56.52 -4.36
N PRO A 52 6.68 56.13 -4.25
CA PRO A 52 7.23 55.75 -2.93
C PRO A 52 7.33 56.96 -2.00
N VAL A 53 7.68 58.11 -2.59
CA VAL A 53 7.94 59.35 -1.85
C VAL A 53 6.70 59.70 -1.00
N ARG A 54 5.52 59.79 -1.64
CA ARG A 54 4.24 60.08 -0.94
C ARG A 54 3.52 58.86 -0.31
N SER A 55 4.30 57.85 0.12
CA SER A 55 3.81 56.43 0.28
C SER A 55 3.80 56.03 1.75
N GLY A 56 4.99 55.75 2.28
CA GLY A 56 5.10 55.09 3.54
C GLY A 56 6.41 54.33 3.56
N VAL A 57 6.34 53.00 3.46
CA VAL A 57 7.50 52.12 3.12
C VAL A 57 7.67 51.91 1.57
N ARG A 58 8.88 51.50 1.14
CA ARG A 58 9.26 51.42 -0.31
C ARG A 58 8.37 50.54 -1.18
N VAL A 59 7.90 49.42 -0.61
CA VAL A 59 7.22 48.33 -1.33
C VAL A 59 5.93 47.91 -0.65
N LYS A 60 4.97 47.48 -1.45
CA LYS A 60 3.60 47.19 -0.99
C LYS A 60 3.28 45.70 -1.11
N THR A 61 2.71 45.14 -0.04
CA THR A 61 2.26 43.75 0.02
C THR A 61 0.78 43.65 -0.27
N TYR A 62 0.36 42.57 -0.92
CA TYR A 62 -1.06 42.27 -1.14
C TYR A 62 -1.37 40.83 -0.75
N GLU A 63 -2.57 40.62 -0.23
CA GLU A 63 -3.13 39.28 -0.08
C GLU A 63 -3.41 38.76 -1.50
N PRO A 64 -3.25 37.43 -1.72
CA PRO A 64 -3.32 36.83 -3.08
C PRO A 64 -4.50 37.25 -3.97
N GLU A 65 -5.73 36.98 -3.56
CA GLU A 65 -6.89 37.30 -4.40
C GLU A 65 -7.16 38.82 -4.60
N ALA A 66 -6.31 39.70 -4.06
CA ALA A 66 -6.39 41.13 -4.34
C ALA A 66 -5.96 41.47 -5.77
N ILE A 67 -4.74 41.08 -6.14
CA ILE A 67 -4.16 41.45 -7.46
C ILE A 67 -4.42 40.36 -8.50
N TRP A 68 -4.07 40.67 -9.74
CA TRP A 68 -4.08 39.68 -10.83
C TRP A 68 -2.79 38.93 -10.77
N ILE A 69 -2.92 37.59 -10.71
CA ILE A 69 -1.78 36.66 -10.66
C ILE A 69 -1.92 35.64 -11.80
N PRO A 70 -0.82 35.37 -12.55
CA PRO A 70 -0.94 34.53 -13.75
C PRO A 70 -1.20 33.06 -13.44
N GLU A 71 -1.98 32.42 -14.32
CA GLU A 71 -2.25 31.00 -14.21
C GLU A 71 -1.03 30.17 -14.61
N ILE A 72 -0.09 30.03 -13.66
CA ILE A 72 1.10 29.17 -13.80
C ILE A 72 0.72 27.82 -13.26
N ARG A 73 0.88 26.78 -14.07
CA ARG A 73 0.50 25.41 -13.69
C ARG A 73 1.60 24.43 -14.16
N PHE A 74 1.86 23.40 -13.35
CA PHE A 74 2.83 22.34 -13.67
C PHE A 74 2.20 21.39 -14.68
N VAL A 75 2.99 20.89 -15.61
CA VAL A 75 2.44 20.08 -16.69
C VAL A 75 2.41 18.65 -16.30
N ASN A 76 3.57 18.15 -15.87
CA ASN A 76 3.80 16.71 -15.74
C ASN A 76 3.73 16.30 -14.28
N VAL A 77 2.54 16.48 -13.70
CA VAL A 77 2.26 16.08 -12.34
C VAL A 77 0.91 15.35 -12.27
N GLU A 78 0.79 14.51 -11.24
CA GLU A 78 -0.43 13.73 -10.98
C GLU A 78 -1.29 14.50 -9.98
N ASN A 79 -0.64 14.82 -8.86
CA ASN A 79 -1.17 15.71 -7.83
C ASN A 79 -0.97 17.15 -8.31
N ALA A 80 -2.04 17.76 -8.80
CA ALA A 80 -2.10 19.20 -9.05
C ALA A 80 -1.66 19.95 -7.77
N ARG A 81 -0.58 20.72 -7.86
CA ARG A 81 0.26 21.10 -6.70
C ARG A 81 -0.44 21.61 -5.42
N ASP A 82 0.04 21.16 -4.27
CA ASP A 82 -0.32 21.71 -2.97
C ASP A 82 0.63 22.90 -2.63
N ALA A 83 0.09 24.14 -2.59
CA ALA A 83 0.89 25.39 -2.41
C ALA A 83 0.38 26.30 -1.27
N ASP A 84 1.28 26.84 -0.43
CA ASP A 84 0.93 28.01 0.45
C ASP A 84 1.64 29.27 -0.21
N VAL A 85 0.95 30.41 -0.16
CA VAL A 85 1.49 31.67 -0.72
C VAL A 85 2.34 32.25 0.39
N VAL A 86 3.53 32.71 0.03
CA VAL A 86 4.57 33.11 1.01
C VAL A 86 4.69 34.63 1.09
N ASP A 87 4.87 35.28 -0.05
CA ASP A 87 4.88 36.73 -0.10
C ASP A 87 4.46 37.19 -1.49
N ILE A 88 3.71 38.30 -1.55
CA ILE A 88 3.51 39.06 -2.79
C ILE A 88 3.96 40.49 -2.52
N SER A 89 5.09 40.90 -3.11
CA SER A 89 5.64 42.26 -2.96
C SER A 89 5.54 42.97 -4.30
N VAL A 90 4.97 44.18 -4.29
CA VAL A 90 4.86 44.99 -5.50
C VAL A 90 5.86 46.12 -5.36
N SER A 91 6.81 46.18 -6.30
CA SER A 91 7.77 47.28 -6.37
C SER A 91 7.10 48.56 -6.97
N PRO A 92 7.58 49.77 -6.58
CA PRO A 92 7.10 51.09 -7.00
C PRO A 92 6.62 51.17 -8.46
N ASP A 93 7.38 50.53 -9.36
CA ASP A 93 7.14 50.59 -10.82
C ASP A 93 6.10 49.60 -11.40
N GLY A 94 5.25 49.03 -10.54
CA GLY A 94 4.22 48.05 -10.96
C GLY A 94 4.71 46.62 -11.18
N THR A 95 5.96 46.34 -10.78
CA THR A 95 6.53 45.00 -10.94
C THR A 95 6.22 44.19 -9.67
N VAL A 96 5.65 43.00 -9.87
CA VAL A 96 5.20 42.11 -8.79
C VAL A 96 6.24 41.04 -8.54
N GLN A 97 6.36 40.65 -7.28
CA GLN A 97 7.21 39.54 -6.81
C GLN A 97 6.33 38.54 -6.05
N TYR A 98 6.00 37.42 -6.70
CA TYR A 98 5.19 36.35 -6.12
C TYR A 98 6.09 35.22 -5.66
N LEU A 99 5.80 34.69 -4.47
CA LEU A 99 6.49 33.51 -3.95
C LEU A 99 5.53 32.58 -3.23
N GLU A 100 5.48 31.34 -3.72
CA GLU A 100 4.79 30.26 -3.05
C GLU A 100 5.80 29.19 -2.79
N ARG A 101 5.55 28.41 -1.77
CA ARG A 101 6.23 27.17 -1.57
C ARG A 101 5.21 26.11 -1.94
N PHE A 102 5.62 25.14 -2.76
CA PHE A 102 4.73 24.10 -3.21
C PHE A 102 5.41 22.78 -2.96
N SER A 103 4.62 21.71 -3.04
CA SER A 103 5.12 20.35 -3.19
C SER A 103 4.19 19.56 -4.09
N ALA A 104 4.77 18.74 -4.98
CA ALA A 104 3.98 17.98 -5.96
C ALA A 104 4.66 16.69 -6.36
N ARG A 105 3.86 15.80 -6.91
CA ARG A 105 4.35 14.51 -7.39
C ARG A 105 4.48 14.61 -8.89
N VAL A 106 5.74 14.57 -9.33
CA VAL A 106 6.14 14.78 -10.71
C VAL A 106 6.27 13.43 -11.40
N LEU A 107 5.94 13.41 -12.68
CA LEU A 107 5.90 12.20 -13.45
C LEU A 107 6.87 12.33 -14.63
N SER A 108 8.16 12.14 -14.37
CA SER A 108 9.17 12.10 -15.43
C SER A 108 9.60 10.66 -15.67
N PRO A 109 9.67 10.25 -16.95
CA PRO A 109 10.12 8.91 -17.28
C PRO A 109 11.62 8.79 -17.10
N LEU A 110 12.03 7.56 -16.81
CA LEU A 110 13.42 7.18 -16.56
C LEU A 110 13.81 6.14 -17.62
N ASP A 111 15.05 6.19 -18.09
CA ASP A 111 15.56 5.24 -19.07
C ASP A 111 16.46 4.22 -18.39
N PHE A 112 15.98 2.98 -18.35
CA PHE A 112 16.57 1.88 -17.57
C PHE A 112 17.60 1.03 -18.31
N ARG A 113 17.88 1.36 -19.58
CA ARG A 113 18.87 0.62 -20.39
C ARG A 113 20.10 0.25 -19.59
N ARG A 114 20.64 1.22 -18.85
CA ARG A 114 21.87 1.01 -18.10
C ARG A 114 21.72 0.70 -16.63
N TYR A 115 20.56 0.20 -16.21
CA TYR A 115 20.30 -0.09 -14.79
C TYR A 115 21.22 -1.21 -14.33
N PRO A 116 21.81 -1.14 -13.12
CA PRO A 116 21.64 -0.07 -12.15
C PRO A 116 22.80 0.92 -12.19
N PHE A 117 23.35 1.14 -13.39
CA PHE A 117 24.44 2.10 -13.60
C PHE A 117 23.97 3.33 -14.37
N ASP A 118 22.68 3.61 -14.29
CA ASP A 118 22.05 4.63 -15.12
C ASP A 118 22.14 5.99 -14.46
N SER A 119 21.95 6.99 -15.30
CA SER A 119 21.64 8.33 -14.86
C SER A 119 20.40 8.80 -15.57
N GLN A 120 19.81 9.84 -15.01
CA GLN A 120 18.55 10.34 -15.48
C GLN A 120 18.55 11.85 -15.52
N THR A 121 17.64 12.34 -16.35
CA THR A 121 17.28 13.74 -16.46
C THR A 121 15.79 13.87 -16.13
N LEU A 122 15.49 14.24 -14.88
CA LEU A 122 14.12 14.52 -14.47
C LEU A 122 13.68 15.87 -15.07
N HIS A 123 12.37 16.07 -15.12
CA HIS A 123 11.76 17.19 -15.84
C HIS A 123 10.60 17.76 -15.03
N ILE A 124 10.66 19.04 -14.69
CA ILE A 124 9.52 19.71 -14.11
C ILE A 124 9.08 20.77 -15.12
N TYR A 125 8.02 20.49 -15.88
CA TYR A 125 7.53 21.43 -16.91
C TYR A 125 6.53 22.45 -16.34
N LEU A 126 6.83 23.74 -16.55
CA LEU A 126 5.96 24.86 -16.14
C LEU A 126 5.25 25.39 -17.36
N ILE A 127 3.98 25.68 -17.21
CA ILE A 127 3.17 26.18 -18.32
C ILE A 127 2.46 27.46 -17.86
N VAL A 128 1.93 28.19 -18.84
CA VAL A 128 0.96 29.26 -18.59
C VAL A 128 0.07 29.41 -19.80
N ARG A 129 -1.25 29.43 -19.58
CA ARG A 129 -2.15 29.62 -20.70
C ARG A 129 -2.38 31.10 -20.94
N SER A 130 -2.41 31.47 -22.22
CA SER A 130 -2.54 32.86 -22.63
C SER A 130 -4.02 33.23 -22.73
N VAL A 131 -4.38 34.40 -22.16
CA VAL A 131 -5.80 34.86 -22.05
C VAL A 131 -6.30 35.57 -23.32
N ASP A 132 -7.63 35.70 -23.40
CA ASP A 132 -8.30 36.55 -24.42
C ASP A 132 -7.61 37.89 -24.74
N THR A 133 -7.42 38.72 -23.70
CA THR A 133 -7.01 40.12 -23.86
C THR A 133 -5.51 40.27 -24.23
N ARG A 134 -4.64 39.37 -23.75
CA ARG A 134 -3.27 39.29 -24.24
C ARG A 134 -2.55 37.94 -24.02
N ASN A 135 -1.57 37.70 -24.89
CA ASN A 135 -0.61 36.61 -24.77
C ASN A 135 0.28 36.70 -23.54
N ILE A 136 0.72 35.54 -23.05
CA ILE A 136 1.67 35.45 -21.93
C ILE A 136 2.81 34.49 -22.27
N VAL A 137 4.00 34.90 -21.84
CA VAL A 137 5.22 34.13 -22.00
C VAL A 137 5.91 34.02 -20.65
N LEU A 138 6.58 32.88 -20.46
CA LEU A 138 7.43 32.63 -19.29
C LEU A 138 8.88 32.89 -19.65
N ALA A 139 9.69 33.15 -18.64
CA ALA A 139 11.14 33.09 -18.80
C ALA A 139 11.78 32.94 -17.44
N VAL A 140 13.05 32.57 -17.48
CA VAL A 140 13.79 32.11 -16.29
C VAL A 140 14.49 33.25 -15.58
N ASP A 141 14.24 33.42 -14.29
CA ASP A 141 15.01 34.37 -13.48
C ASP A 141 16.19 33.61 -12.87
N LEU A 142 17.23 33.42 -13.68
CA LEU A 142 18.35 32.52 -13.34
C LEU A 142 18.89 32.65 -11.90
N GLU A 143 18.66 33.78 -11.22
CA GLU A 143 19.09 33.93 -9.81
C GLU A 143 18.11 33.40 -8.77
N LYS A 144 16.89 33.08 -9.20
CA LYS A 144 15.87 32.45 -8.34
C LYS A 144 15.66 30.93 -8.64
N VAL A 145 16.70 30.26 -9.16
CA VAL A 145 16.72 28.82 -9.46
C VAL A 145 17.88 28.16 -8.72
N GLY A 146 17.59 27.20 -7.85
CA GLY A 146 18.66 26.49 -7.17
C GLY A 146 18.16 25.28 -6.44
N LYS A 147 18.92 24.85 -5.42
CA LYS A 147 18.53 23.75 -4.54
C LYS A 147 19.25 23.84 -3.21
N ASN A 148 18.80 23.06 -2.21
CA ASN A 148 19.45 23.06 -0.89
C ASN A 148 20.74 22.23 -0.86
N ASP A 149 21.59 22.54 0.12
CA ASP A 149 22.71 21.68 0.48
C ASP A 149 22.24 20.50 1.34
N ASP A 150 21.06 20.62 1.94
CA ASP A 150 20.39 19.46 2.54
C ASP A 150 20.01 18.36 1.50
N VAL A 151 19.41 18.77 0.36
CA VAL A 151 18.64 17.88 -0.57
C VAL A 151 19.32 16.53 -0.86
N PHE A 152 18.67 15.43 -0.46
CA PHE A 152 19.19 14.10 -0.67
C PHE A 152 18.05 13.25 -1.24
N LEU A 153 18.32 12.66 -2.39
CA LEU A 153 17.40 11.73 -3.01
C LEU A 153 18.00 10.34 -2.79
N THR A 154 17.55 9.66 -1.73
CA THR A 154 18.15 8.37 -1.31
C THR A 154 18.33 7.44 -2.51
N GLY A 155 19.56 6.94 -2.68
CA GLY A 155 19.89 6.03 -3.78
C GLY A 155 20.23 6.73 -5.10
N TRP A 156 20.37 8.05 -5.07
CA TRP A 156 20.85 8.80 -6.21
C TRP A 156 21.75 9.95 -5.80
N ASP A 157 22.74 10.27 -6.64
CA ASP A 157 23.48 11.52 -6.50
C ASP A 157 22.81 12.52 -7.42
N ILE A 158 22.87 13.80 -7.02
CA ILE A 158 22.20 14.85 -7.75
C ILE A 158 23.25 15.75 -8.39
N GLU A 159 23.23 15.85 -9.73
CA GLU A 159 24.21 16.65 -10.49
C GLU A 159 23.84 18.13 -10.53
N SER A 160 22.82 18.43 -11.32
CA SER A 160 22.48 19.79 -11.64
C SER A 160 20.99 20.00 -11.49
N PHE A 161 20.60 21.24 -11.18
CA PHE A 161 19.25 21.68 -11.40
C PHE A 161 19.36 22.99 -12.16
N THR A 162 19.03 22.90 -13.45
CA THR A 162 19.16 24.01 -14.39
C THR A 162 17.80 24.21 -15.04
N ALA A 163 17.71 25.17 -15.96
CA ALA A 163 16.46 25.39 -16.70
C ALA A 163 16.72 25.82 -18.13
N VAL A 164 16.05 25.16 -19.09
CA VAL A 164 16.14 25.53 -20.52
C VAL A 164 15.49 26.90 -20.65
N VAL A 165 16.36 27.91 -20.74
CA VAL A 165 16.01 29.33 -20.76
C VAL A 165 14.94 29.73 -21.76
N LYS A 166 14.99 29.14 -22.96
CA LYS A 166 14.02 29.45 -24.02
C LYS A 166 12.72 28.60 -23.96
N PRO A 167 11.57 29.19 -23.59
CA PRO A 167 10.32 28.42 -23.58
C PRO A 167 9.76 28.27 -24.96
N ALA A 168 9.66 27.05 -25.46
CA ALA A 168 8.96 26.82 -26.73
C ALA A 168 7.47 26.98 -26.43
N ASN A 169 6.83 27.87 -27.20
CA ASN A 169 5.42 28.20 -27.05
C ASN A 169 4.71 27.68 -28.28
N PHE A 170 3.39 27.56 -28.19
CA PHE A 170 2.60 26.80 -29.16
C PHE A 170 1.12 26.93 -28.91
N ALA A 171 0.37 26.51 -29.92
CA ALA A 171 -1.06 26.64 -29.92
C ALA A 171 -1.68 25.37 -29.41
N LEU A 172 -2.53 25.52 -28.39
CA LEU A 172 -3.28 24.40 -27.83
C LEU A 172 -4.74 24.81 -27.75
N GLU A 173 -5.63 24.08 -28.44
CA GLU A 173 -7.05 24.42 -28.55
C GLU A 173 -7.23 25.95 -28.74
N ASP A 174 -6.87 26.47 -29.92
CA ASP A 174 -7.10 27.88 -30.32
C ASP A 174 -6.24 28.97 -29.69
N ARG A 175 -5.81 28.84 -28.44
CA ARG A 175 -4.97 29.86 -27.76
C ARG A 175 -3.54 29.40 -27.58
N LEU A 176 -2.67 30.36 -27.28
CA LEU A 176 -1.27 30.07 -27.06
C LEU A 176 -1.05 29.62 -25.62
N GLU A 177 -0.06 28.73 -25.45
CA GLU A 177 0.42 28.26 -24.15
C GLU A 177 1.98 28.33 -24.19
N SER A 178 2.62 28.85 -23.13
CA SER A 178 4.10 28.99 -23.07
C SER A 178 4.67 28.04 -22.02
N LYS A 179 5.59 27.17 -22.43
CA LYS A 179 6.04 26.02 -21.62
C LYS A 179 7.53 26.06 -21.34
N LEU A 180 7.91 26.13 -20.08
CA LEU A 180 9.31 26.09 -19.70
C LEU A 180 9.68 24.67 -19.38
N ASP A 181 10.98 24.44 -19.18
CA ASP A 181 11.53 23.11 -18.87
C ASP A 181 12.63 23.18 -17.81
N TYR A 182 12.34 22.75 -16.59
CA TYR A 182 13.36 22.66 -15.53
C TYR A 182 13.91 21.24 -15.45
N GLN A 183 15.23 21.11 -15.27
CA GLN A 183 15.93 19.84 -15.45
C GLN A 183 16.83 19.43 -14.30
N LEU A 184 16.37 18.42 -13.57
CA LEU A 184 17.10 17.81 -12.46
C LEU A 184 17.76 16.52 -12.94
N ARG A 185 19.09 16.54 -12.98
CA ARG A 185 19.87 15.39 -13.44
C ARG A 185 20.36 14.64 -12.22
N ILE A 186 20.30 13.31 -12.31
CA ILE A 186 20.72 12.44 -11.23
C ILE A 186 21.39 11.21 -11.76
N SER A 187 22.20 10.59 -10.90
CA SER A 187 22.95 9.37 -11.20
C SER A 187 22.76 8.34 -10.09
N ARG A 188 22.47 7.09 -10.47
CA ARG A 188 22.11 6.10 -9.47
C ARG A 188 23.32 5.68 -8.67
N GLN A 189 23.14 5.61 -7.34
CA GLN A 189 24.12 5.00 -6.44
C GLN A 189 24.17 3.48 -6.57
N TYR A 190 25.01 3.02 -7.49
CA TYR A 190 25.13 1.59 -7.86
C TYR A 190 25.84 0.66 -6.85
N PHE A 191 26.54 1.21 -5.85
CA PHE A 191 27.31 0.39 -4.89
C PHE A 191 26.50 -0.73 -4.28
N SER A 192 25.34 -0.36 -3.74
CA SER A 192 24.41 -1.33 -3.13
C SER A 192 24.33 -2.64 -3.93
N TYR A 193 24.25 -2.52 -5.25
CA TYR A 193 23.97 -3.66 -6.14
C TYR A 193 25.07 -4.70 -6.27
N ILE A 194 26.31 -4.34 -5.94
CA ILE A 194 27.44 -5.26 -6.07
C ILE A 194 27.27 -6.43 -5.10
N PRO A 195 27.31 -6.14 -3.78
CA PRO A 195 27.29 -7.22 -2.79
C PRO A 195 25.87 -7.71 -2.44
N ASN A 196 24.86 -7.09 -3.03
CA ASN A 196 23.47 -7.45 -2.75
C ASN A 196 22.88 -8.28 -3.87
N ILE A 197 23.24 -7.99 -5.11
CA ILE A 197 22.71 -8.73 -6.25
C ILE A 197 23.76 -9.44 -7.12
N ILE A 198 24.84 -8.76 -7.49
CA ILE A 198 25.73 -9.29 -8.52
C ILE A 198 26.62 -10.39 -7.93
N LEU A 199 27.34 -10.09 -6.87
CA LEU A 199 28.30 -11.06 -6.33
C LEU A 199 27.65 -12.36 -5.90
N PRO A 200 26.50 -12.27 -5.19
CA PRO A 200 25.78 -13.49 -4.86
C PRO A 200 25.30 -14.21 -6.10
N MET A 201 24.63 -13.50 -6.98
CA MET A 201 24.11 -14.11 -8.19
C MET A 201 25.20 -14.84 -8.99
N LEU A 202 26.44 -14.37 -8.83
CA LEU A 202 27.60 -15.03 -9.41
C LEU A 202 28.06 -16.22 -8.62
N PHE A 203 28.21 -16.09 -7.31
CA PHE A 203 28.56 -17.27 -6.53
C PHE A 203 27.64 -18.50 -6.79
N ILE A 204 26.33 -18.26 -6.81
CA ILE A 204 25.38 -19.36 -7.03
C ILE A 204 25.51 -19.92 -8.43
N LEU A 205 25.97 -19.09 -9.38
CA LEU A 205 26.29 -19.58 -10.71
C LEU A 205 27.57 -20.41 -10.69
N PHE A 206 28.58 -19.93 -9.99
CA PHE A 206 29.87 -20.62 -9.93
C PHE A 206 29.74 -21.98 -9.30
N ILE A 207 28.97 -22.04 -8.24
CA ILE A 207 28.66 -23.32 -7.64
C ILE A 207 28.15 -24.28 -8.74
N SER A 208 27.20 -23.86 -9.58
CA SER A 208 26.66 -24.70 -10.70
C SER A 208 27.79 -25.37 -11.45
N TRP A 209 28.85 -24.60 -11.68
CA TRP A 209 30.01 -25.08 -12.43
C TRP A 209 30.90 -26.14 -11.72
N THR A 210 30.71 -26.36 -10.42
CA THR A 210 31.39 -27.46 -9.77
C THR A 210 30.98 -28.84 -10.31
N ALA A 211 29.93 -28.92 -11.11
CA ALA A 211 29.53 -30.18 -11.74
C ALA A 211 30.34 -30.57 -12.99
N PHE A 212 31.33 -29.75 -13.33
CA PHE A 212 32.30 -30.13 -14.33
C PHE A 212 33.45 -30.98 -13.73
N TRP A 213 33.74 -30.82 -12.44
CA TRP A 213 34.72 -31.66 -11.70
C TRP A 213 34.01 -32.84 -11.00
N SER A 214 32.83 -33.20 -11.47
CA SER A 214 32.12 -34.33 -10.95
C SER A 214 31.59 -35.10 -12.10
N THR A 215 31.37 -36.38 -11.81
CA THR A 215 30.93 -37.39 -12.76
C THR A 215 29.77 -38.21 -12.18
N SER A 216 28.99 -37.58 -11.30
CA SER A 216 27.90 -38.23 -10.59
C SER A 216 26.62 -37.47 -10.94
N TYR A 217 25.92 -37.96 -11.95
CA TYR A 217 24.66 -37.34 -12.46
C TYR A 217 23.73 -37.08 -11.28
N GLU A 218 23.51 -38.16 -10.55
CA GLU A 218 22.68 -38.25 -9.35
C GLU A 218 22.90 -36.93 -8.48
N ALA A 219 24.16 -36.51 -8.37
CA ALA A 219 24.57 -35.29 -7.67
C ALA A 219 24.57 -34.02 -8.53
N ASN A 220 25.06 -34.13 -9.76
CA ASN A 220 25.18 -32.98 -10.67
C ASN A 220 23.85 -32.34 -10.97
N VAL A 221 22.84 -33.18 -11.16
CA VAL A 221 21.49 -32.68 -11.35
C VAL A 221 21.15 -31.79 -10.15
N THR A 222 21.31 -32.34 -8.96
CA THR A 222 21.14 -31.57 -7.74
C THR A 222 21.94 -30.24 -7.77
N LEU A 223 23.26 -30.31 -7.88
CA LEU A 223 24.09 -29.10 -8.08
C LEU A 223 23.50 -28.05 -9.00
N VAL A 224 23.25 -28.41 -10.26
CA VAL A 224 22.78 -27.46 -11.25
C VAL A 224 21.33 -27.01 -11.05
N VAL A 225 20.42 -27.94 -10.78
CA VAL A 225 19.02 -27.58 -10.68
C VAL A 225 18.72 -26.76 -9.40
N SER A 226 19.37 -27.10 -8.31
CA SER A 226 19.21 -26.37 -7.05
C SER A 226 19.69 -24.92 -7.12
N THR A 227 20.89 -24.75 -7.65
CA THR A 227 21.39 -23.42 -7.90
C THR A 227 20.51 -22.63 -8.85
N LEU A 228 19.85 -23.31 -9.80
CA LEU A 228 18.89 -22.64 -10.69
C LEU A 228 17.69 -22.15 -9.93
N ILE A 229 17.26 -22.93 -8.96
CA ILE A 229 16.22 -22.50 -8.04
C ILE A 229 16.70 -21.22 -7.31
N ALA A 230 17.87 -21.33 -6.67
CA ALA A 230 18.44 -20.17 -5.99
C ALA A 230 18.54 -18.93 -6.89
N HIS A 231 18.90 -19.12 -8.14
CA HIS A 231 18.97 -18.02 -9.08
C HIS A 231 17.63 -17.44 -9.35
N ILE A 232 16.62 -18.31 -9.45
CA ILE A 232 15.26 -17.85 -9.68
C ILE A 232 14.84 -16.92 -8.54
N ALA A 233 15.25 -17.22 -7.30
CA ALA A 233 15.03 -16.31 -6.12
C ALA A 233 15.41 -14.80 -6.39
N PHE A 234 16.52 -14.64 -7.12
CA PHE A 234 17.08 -13.35 -7.47
C PHE A 234 16.63 -12.81 -8.86
N ASN A 235 16.00 -13.60 -9.72
CA ASN A 235 15.38 -13.00 -10.94
C ASN A 235 14.05 -12.36 -10.56
N ILE A 236 13.19 -13.07 -9.81
CA ILE A 236 11.88 -12.48 -9.42
C ILE A 236 12.06 -11.25 -8.45
N LEU A 237 13.14 -11.22 -7.64
CA LEU A 237 13.50 -9.99 -6.81
C LEU A 237 13.93 -8.72 -7.62
N VAL A 238 14.68 -8.89 -8.73
CA VAL A 238 15.20 -7.76 -9.62
C VAL A 238 14.14 -7.27 -10.58
N GLU A 239 13.37 -8.20 -11.14
CA GLU A 239 12.40 -7.94 -12.21
C GLU A 239 11.11 -7.21 -11.72
N THR A 240 10.90 -7.14 -10.40
CA THR A 240 9.82 -6.33 -9.75
C THR A 240 10.27 -5.03 -8.98
N ASN A 241 11.59 -4.80 -8.79
CA ASN A 241 12.17 -3.45 -8.51
C ASN A 241 11.80 -2.43 -9.61
N LEU A 242 11.81 -2.90 -10.87
CA LEU A 242 11.72 -2.12 -12.10
C LEU A 242 10.41 -2.24 -12.81
N PRO A 243 10.09 -1.26 -13.67
CA PRO A 243 8.95 -1.44 -14.54
C PRO A 243 9.23 -2.30 -15.76
N LYS A 244 8.13 -2.76 -16.35
CA LYS A 244 8.14 -3.52 -17.57
C LYS A 244 8.49 -2.56 -18.69
N THR A 245 9.77 -2.59 -19.01
CA THR A 245 10.29 -1.87 -20.14
C THR A 245 10.03 -2.69 -21.40
N PRO A 246 9.68 -2.01 -22.51
CA PRO A 246 9.61 -2.64 -23.81
C PRO A 246 10.97 -2.69 -24.53
N TYR A 247 12.03 -2.25 -23.86
CA TYR A 247 13.40 -2.30 -24.39
C TYR A 247 14.22 -3.09 -23.43
N MET A 248 15.32 -3.65 -23.89
CA MET A 248 16.11 -4.52 -23.00
C MET A 248 16.96 -3.73 -21.98
N THR A 249 16.71 -3.95 -20.70
CA THR A 249 17.62 -3.53 -19.65
C THR A 249 18.95 -4.30 -19.67
N TYR A 250 20.01 -3.68 -19.17
CA TYR A 250 21.35 -4.29 -19.13
C TYR A 250 21.45 -5.41 -18.08
N THR A 251 20.98 -5.13 -16.86
CA THR A 251 20.79 -6.16 -15.81
C THR A 251 19.92 -7.32 -16.30
N GLY A 252 18.90 -6.99 -17.07
CA GLY A 252 17.93 -7.97 -17.55
C GLY A 252 18.53 -8.92 -18.56
N ALA A 253 19.42 -8.36 -19.38
CA ALA A 253 20.19 -9.14 -20.31
C ALA A 253 21.09 -10.12 -19.57
N ILE A 254 21.97 -9.57 -18.74
CA ILE A 254 22.83 -10.40 -17.89
C ILE A 254 22.07 -11.55 -17.26
N ILE A 255 20.97 -11.21 -16.64
CA ILE A 255 20.11 -12.18 -15.97
C ILE A 255 19.55 -13.20 -16.94
N PHE A 256 18.98 -12.74 -18.06
CA PHE A 256 18.47 -13.67 -19.06
C PHE A 256 19.55 -14.56 -19.69
N MET A 257 20.74 -14.00 -19.87
CA MET A 257 21.83 -14.78 -20.40
C MET A 257 22.29 -15.89 -19.41
N ILE A 258 22.23 -15.57 -18.12
CA ILE A 258 22.48 -16.58 -17.10
C ILE A 258 21.53 -17.78 -17.24
N TYR A 259 20.26 -17.57 -17.53
CA TYR A 259 19.32 -18.71 -17.75
C TYR A 259 19.73 -19.69 -18.85
N LEU A 260 20.76 -19.36 -19.64
CA LEU A 260 21.33 -20.32 -20.60
C LEU A 260 22.44 -21.09 -19.96
N PHE A 261 23.28 -20.38 -19.23
CA PHE A 261 24.43 -21.00 -18.58
C PHE A 261 24.03 -22.02 -17.47
N TYR A 262 22.74 -22.02 -17.15
CA TYR A 262 22.10 -23.10 -16.43
C TYR A 262 21.57 -24.09 -17.45
N PHE A 263 20.85 -23.63 -18.45
CA PHE A 263 20.30 -24.55 -19.43
C PHE A 263 21.33 -25.42 -20.13
N VAL A 264 22.37 -24.75 -20.61
CA VAL A 264 23.48 -25.38 -21.32
C VAL A 264 24.31 -26.27 -20.40
N ALA A 265 24.55 -25.82 -19.17
CA ALA A 265 25.14 -26.69 -18.15
C ALA A 265 24.36 -28.01 -18.01
N VAL A 266 23.04 -27.95 -17.86
CA VAL A 266 22.24 -29.15 -17.80
C VAL A 266 22.52 -30.02 -19.04
N ILE A 267 22.56 -29.41 -20.22
CA ILE A 267 22.81 -30.16 -21.45
C ILE A 267 24.12 -30.94 -21.33
N GLU A 268 25.23 -30.24 -21.06
CA GLU A 268 26.56 -30.85 -20.84
C GLU A 268 26.47 -32.01 -19.88
N VAL A 269 25.84 -31.77 -18.73
CA VAL A 269 25.76 -32.75 -17.64
C VAL A 269 24.96 -33.94 -18.14
N THR A 270 23.82 -33.64 -18.73
CA THR A 270 22.92 -34.67 -19.25
C THR A 270 23.65 -35.56 -20.29
N VAL A 271 24.55 -34.94 -21.05
CA VAL A 271 25.41 -35.60 -22.07
C VAL A 271 26.52 -36.45 -21.49
N GLN A 272 27.38 -35.83 -20.68
CA GLN A 272 28.40 -36.56 -19.93
C GLN A 272 27.82 -37.84 -19.34
N HIS A 273 26.71 -37.73 -18.60
CA HIS A 273 26.00 -38.92 -18.15
C HIS A 273 25.56 -39.81 -19.31
N TYR A 274 24.98 -39.24 -20.37
CA TYR A 274 24.51 -40.10 -21.48
C TYR A 274 25.64 -41.00 -22.01
N LEU A 275 26.73 -40.38 -22.40
CA LEU A 275 27.88 -41.09 -22.96
C LEU A 275 28.43 -42.17 -22.04
N LYS A 276 28.45 -41.92 -20.74
CA LYS A 276 28.87 -42.92 -19.76
C LYS A 276 27.98 -44.15 -19.70
N VAL A 277 26.70 -44.03 -20.04
CA VAL A 277 25.86 -45.21 -20.22
C VAL A 277 26.17 -45.86 -21.58
N GLU A 278 26.49 -45.04 -22.58
CA GLU A 278 26.91 -45.54 -23.93
C GLU A 278 28.38 -45.97 -24.03
N SER A 279 29.13 -45.89 -22.92
CA SER A 279 30.53 -46.32 -22.86
C SER A 279 31.44 -45.59 -23.88
N GLN A 280 31.63 -44.30 -23.63
CA GLN A 280 32.77 -43.55 -24.15
C GLN A 280 33.37 -42.65 -23.11
N PRO A 281 33.50 -43.12 -21.84
CA PRO A 281 34.04 -42.27 -20.79
C PRO A 281 35.17 -41.32 -21.20
N ALA A 282 35.97 -41.68 -22.21
CA ALA A 282 36.94 -40.76 -22.81
C ALA A 282 36.25 -39.50 -23.35
N ARG A 283 35.36 -39.69 -24.33
CA ARG A 283 34.63 -38.59 -24.99
C ARG A 283 33.73 -37.77 -24.04
N ALA A 284 33.04 -38.48 -23.18
CA ALA A 284 32.30 -37.87 -22.09
C ALA A 284 33.16 -36.91 -21.30
N ALA A 285 34.19 -37.42 -20.64
CA ALA A 285 35.02 -36.59 -19.78
C ALA A 285 36.11 -35.83 -20.59
N SER A 286 36.03 -35.82 -21.92
CA SER A 286 36.71 -34.76 -22.70
C SER A 286 35.91 -33.48 -22.59
N ILE A 287 34.64 -33.60 -22.99
CA ILE A 287 33.64 -32.55 -22.90
C ILE A 287 33.72 -31.91 -21.49
N THR A 288 33.48 -32.75 -20.47
CA THR A 288 33.41 -32.27 -19.07
C THR A 288 34.66 -31.44 -18.71
N ARG A 289 35.83 -31.90 -19.14
CA ARG A 289 37.07 -31.18 -18.87
C ARG A 289 37.15 -29.91 -19.68
N ALA A 290 36.66 -29.95 -20.92
CA ALA A 290 36.59 -28.76 -21.78
C ALA A 290 35.80 -27.66 -21.10
N SER A 291 34.56 -27.98 -20.81
CA SER A 291 33.65 -27.12 -20.11
C SER A 291 34.31 -26.36 -18.96
N ARG A 292 35.07 -27.08 -18.15
CA ARG A 292 35.79 -26.43 -17.04
C ARG A 292 36.44 -25.09 -17.43
N ILE A 293 36.78 -24.91 -18.72
CA ILE A 293 37.28 -23.63 -19.22
C ILE A 293 36.25 -22.95 -20.12
N ALA A 294 35.61 -23.70 -21.04
CA ALA A 294 34.58 -23.15 -21.97
C ALA A 294 33.59 -22.18 -21.31
N PHE A 295 33.09 -22.59 -20.16
CA PHE A 295 32.05 -21.86 -19.48
C PHE A 295 32.59 -20.52 -18.94
N PRO A 296 33.58 -20.55 -18.03
CA PRO A 296 34.15 -19.29 -17.52
C PRO A 296 34.63 -18.33 -18.62
N VAL A 297 35.17 -18.89 -19.69
CA VAL A 297 35.59 -18.12 -20.85
C VAL A 297 34.38 -17.50 -21.52
N VAL A 298 33.51 -18.34 -22.05
CA VAL A 298 32.38 -17.84 -22.82
C VAL A 298 31.59 -16.79 -22.01
N PHE A 299 31.59 -16.93 -20.68
CA PHE A 299 31.00 -15.92 -19.79
C PHE A 299 31.76 -14.59 -19.81
N LEU A 300 33.07 -14.63 -19.59
CA LEU A 300 33.88 -13.39 -19.55
C LEU A 300 33.93 -12.69 -20.87
N LEU A 301 33.87 -13.47 -21.96
CA LEU A 301 33.65 -12.92 -23.31
C LEU A 301 32.31 -12.23 -23.33
N ALA A 302 31.25 -13.01 -23.15
CA ALA A 302 29.90 -12.56 -23.45
C ALA A 302 29.38 -11.48 -22.49
N ASN A 303 29.93 -11.38 -21.29
CA ASN A 303 29.66 -10.21 -20.42
C ASN A 303 30.35 -8.95 -20.93
N ILE A 304 31.54 -9.14 -21.50
CA ILE A 304 32.31 -8.07 -22.18
C ILE A 304 31.73 -7.71 -23.56
N ILE A 305 31.22 -8.69 -24.32
CA ILE A 305 30.35 -8.41 -25.49
C ILE A 305 29.22 -7.48 -25.09
N LEU A 306 28.46 -7.86 -24.05
CA LEU A 306 27.32 -7.06 -23.57
C LEU A 306 27.74 -5.72 -23.02
N ALA A 307 28.62 -5.74 -22.02
CA ALA A 307 29.20 -4.50 -21.48
C ALA A 307 29.43 -3.44 -22.57
N PHE A 308 30.18 -3.80 -23.60
CA PHE A 308 30.43 -2.91 -24.73
C PHE A 308 29.09 -2.54 -25.41
N LEU A 309 28.36 -3.54 -25.88
CA LEU A 309 27.00 -3.39 -26.46
C LEU A 309 26.05 -2.42 -25.74
N PHE A 310 26.28 -2.17 -24.44
CA PHE A 310 25.40 -1.32 -23.60
C PHE A 310 26.05 0.01 -23.15
N PHE A 311 27.32 0.24 -23.49
CA PHE A 311 28.05 1.41 -22.96
C PHE A 311 28.96 2.09 -24.04
N VAL B 1 -3.75 42.03 7.33
CA VAL B 1 -2.79 42.47 8.40
C VAL B 1 -1.42 42.81 7.77
N SER B 2 -0.40 43.04 8.59
CA SER B 2 1.03 43.11 8.19
C SER B 2 1.76 43.35 9.54
N PRO B 3 3.10 43.15 9.60
CA PRO B 3 3.78 42.82 10.88
C PRO B 3 3.83 43.95 11.92
N PRO B 4 4.36 43.67 13.14
CA PRO B 4 4.57 44.76 14.12
C PRO B 4 5.68 45.68 13.67
N PRO B 5 5.44 47.02 13.69
CA PRO B 5 6.52 47.91 13.26
C PRO B 5 7.66 47.94 14.30
N PRO B 6 8.94 47.99 13.86
CA PRO B 6 10.09 47.91 14.81
C PRO B 6 10.31 49.19 15.60
N ILE B 7 10.10 49.17 16.92
CA ILE B 7 10.24 50.41 17.73
C ILE B 7 11.65 51.00 17.57
N ALA B 8 12.68 50.16 17.66
CA ALA B 8 14.05 50.57 17.35
C ALA B 8 14.32 50.24 15.86
N ASP B 9 15.42 49.57 15.54
CA ASP B 9 15.59 48.94 14.24
C ASP B 9 15.94 47.46 14.46
N GLU B 10 15.33 46.88 15.50
CA GLU B 10 15.64 45.52 15.91
C GLU B 10 14.88 44.50 15.02
N PRO B 11 15.43 43.27 14.86
CA PRO B 11 14.57 42.25 14.26
C PRO B 11 13.58 41.70 15.34
N LEU B 12 12.51 41.01 14.92
CA LEU B 12 11.50 40.42 15.85
C LEU B 12 11.85 39.00 16.32
N THR B 13 12.06 38.80 17.63
CA THR B 13 12.26 37.44 18.19
C THR B 13 10.85 36.79 18.26
N VAL B 14 10.73 35.56 17.74
CA VAL B 14 9.53 34.72 17.86
C VAL B 14 9.86 33.47 18.67
N ASN B 15 9.08 33.24 19.72
CA ASN B 15 9.43 32.27 20.76
C ASN B 15 8.74 30.91 20.61
N THR B 16 9.53 29.98 20.04
CA THR B 16 9.09 28.66 19.55
C THR B 16 9.26 27.53 20.56
N GLY B 17 8.34 26.56 20.51
CA GLY B 17 8.43 25.32 21.29
C GLY B 17 7.59 24.18 20.71
N ILE B 18 8.19 22.99 20.61
CA ILE B 18 7.52 21.81 20.11
C ILE B 18 7.37 20.78 21.24
N TYR B 19 6.14 20.37 21.54
CA TYR B 19 5.89 19.34 22.57
C TYR B 19 5.23 18.11 21.99
N LEU B 20 5.99 17.00 21.93
CA LEU B 20 5.62 15.80 21.16
C LEU B 20 4.58 15.05 21.93
N ILE B 21 3.49 14.76 21.25
CA ILE B 21 2.39 14.02 21.84
C ILE B 21 2.40 12.59 21.32
N GLU B 22 2.82 12.41 20.07
CA GLU B 22 3.01 11.10 19.44
C GLU B 22 4.21 11.12 18.48
N CYS B 23 5.09 10.14 18.56
CA CYS B 23 5.96 9.80 17.42
C CYS B 23 5.49 8.44 16.98
N TYR B 24 5.42 8.22 15.67
CA TYR B 24 5.04 6.92 15.11
C TYR B 24 5.49 6.75 13.65
N SER B 25 5.45 5.52 13.17
CA SER B 25 5.81 5.19 11.78
C SER B 25 7.21 5.64 11.38
N LEU B 26 8.22 5.23 12.15
CA LEU B 26 9.56 5.45 11.69
C LEU B 26 9.73 4.47 10.57
N ASP B 27 9.75 4.98 9.34
CA ASP B 27 9.88 4.16 8.13
C ASP B 27 11.32 4.17 7.61
N ASP B 28 12.08 3.14 8.00
CA ASP B 28 13.50 2.99 7.62
C ASP B 28 13.81 3.14 6.14
N LYS B 29 13.01 2.46 5.33
CA LYS B 29 13.16 2.42 3.88
C LYS B 29 12.97 3.82 3.32
N ALA B 30 11.93 4.50 3.80
CA ALA B 30 11.56 5.85 3.35
C ALA B 30 12.42 6.98 3.94
N GLU B 31 13.01 6.68 5.10
CA GLU B 31 13.76 7.60 5.95
C GLU B 31 12.88 8.77 6.39
N THR B 32 11.82 8.38 7.09
CA THR B 32 10.79 9.30 7.55
C THR B 32 10.23 8.85 8.88
N PHE B 33 9.39 9.71 9.47
CA PHE B 33 8.61 9.40 10.66
C PHE B 33 7.51 10.43 10.85
N LYS B 34 6.37 9.97 11.36
CA LYS B 34 5.26 10.86 11.66
C LYS B 34 5.35 11.34 13.10
N VAL B 35 5.03 12.62 13.29
CA VAL B 35 5.02 13.25 14.58
C VAL B 35 3.67 13.95 14.75
N ASN B 36 3.25 14.07 16.00
CA ASN B 36 2.02 14.77 16.34
C ASN B 36 2.29 15.52 17.64
N ALA B 37 2.27 16.84 17.58
CA ALA B 37 2.88 17.67 18.62
C ALA B 37 2.22 19.04 18.72
N PHE B 38 2.36 19.71 19.87
CA PHE B 38 2.02 21.14 19.97
C PHE B 38 3.17 21.92 19.39
N LEU B 39 2.83 22.89 18.54
CA LEU B 39 3.77 23.94 18.16
C LEU B 39 3.27 25.15 18.88
N SER B 40 4.15 25.78 19.63
CA SER B 40 3.83 26.95 20.44
C SER B 40 4.72 28.12 20.04
N LEU B 41 4.08 29.22 19.64
CA LEU B 41 4.77 30.43 19.21
C LEU B 41 4.41 31.59 20.13
N SER B 42 5.26 32.61 20.15
CA SER B 42 5.12 33.73 21.11
C SER B 42 5.92 34.97 20.70
N TRP B 43 5.23 36.05 20.34
CA TRP B 43 5.91 37.27 19.85
C TRP B 43 5.25 38.54 20.43
N LYS B 44 5.91 39.67 20.23
CA LYS B 44 5.43 40.99 20.73
C LYS B 44 4.92 41.90 19.60
N ASP B 45 3.60 42.14 19.62
CA ASP B 45 2.91 43.00 18.64
C ASP B 45 2.10 44.03 19.42
N ARG B 46 2.75 45.16 19.69
CA ARG B 46 2.21 46.24 20.54
C ARG B 46 0.87 46.82 20.04
N ARG B 47 0.66 46.82 18.73
CA ARG B 47 -0.64 47.17 18.13
C ARG B 47 -1.83 46.51 18.83
N LEU B 48 -1.63 45.28 19.31
CA LEU B 48 -2.65 44.55 20.03
C LEU B 48 -2.77 44.86 21.53
N ALA B 49 -1.77 45.55 22.12
CA ALA B 49 -1.69 45.80 23.58
C ALA B 49 -2.90 46.56 24.07
N PHE B 50 -3.17 46.51 25.37
CA PHE B 50 -4.42 47.08 25.91
C PHE B 50 -4.41 47.30 27.42
N ASP B 51 -5.46 47.99 27.92
CA ASP B 51 -5.64 48.34 29.34
C ASP B 51 -6.53 47.26 29.97
N PRO B 52 -5.98 46.42 30.87
CA PRO B 52 -6.78 45.38 31.52
C PRO B 52 -7.87 45.96 32.38
N VAL B 53 -7.54 47.05 33.08
CA VAL B 53 -8.41 47.66 34.11
C VAL B 53 -9.77 48.00 33.47
N ARG B 54 -9.73 48.77 32.40
CA ARG B 54 -10.96 49.16 31.71
C ARG B 54 -11.56 48.11 30.79
N SER B 55 -10.75 47.21 30.23
CA SER B 55 -11.24 46.34 29.15
C SER B 55 -12.02 45.13 29.68
N GLY B 56 -11.73 44.70 30.90
CA GLY B 56 -12.52 43.68 31.61
C GLY B 56 -11.60 42.54 31.99
N VAL B 57 -11.76 41.38 31.35
CA VAL B 57 -11.01 40.16 31.72
C VAL B 57 -9.49 40.37 31.28
N ARG B 58 -8.55 39.73 31.99
CA ARG B 58 -7.08 40.06 31.92
C ARG B 58 -6.44 39.96 30.56
N VAL B 59 -6.88 38.97 29.79
CA VAL B 59 -6.22 38.57 28.56
C VAL B 59 -7.26 38.31 27.45
N LYS B 60 -6.88 38.64 26.22
CA LYS B 60 -7.79 38.70 25.09
C LYS B 60 -7.45 37.60 24.11
N THR B 61 -8.50 36.88 23.69
CA THR B 61 -8.41 35.83 22.68
C THR B 61 -8.80 36.36 21.31
N TYR B 62 -8.15 35.87 20.28
CA TYR B 62 -8.48 36.22 18.91
C TYR B 62 -8.62 34.97 18.08
N GLU B 63 -9.56 35.01 17.13
CA GLU B 63 -9.62 34.02 16.06
C GLU B 63 -8.37 34.25 15.18
N PRO B 64 -7.78 33.17 14.62
CA PRO B 64 -6.51 33.23 13.89
C PRO B 64 -6.36 34.37 12.85
N GLU B 65 -7.20 34.41 11.84
CA GLU B 65 -7.05 35.42 10.77
C GLU B 65 -7.35 36.87 11.22
N ALA B 66 -7.67 37.11 12.49
CA ALA B 66 -7.80 38.48 13.03
C ALA B 66 -6.44 39.20 13.15
N ILE B 67 -5.50 38.60 13.86
CA ILE B 67 -4.19 39.21 14.12
C ILE B 67 -3.14 38.81 13.07
N TRP B 68 -1.98 39.45 13.15
CA TRP B 68 -0.81 39.08 12.36
C TRP B 68 -0.12 37.96 13.09
N ILE B 69 0.07 36.86 12.36
CA ILE B 69 0.76 35.68 12.88
C ILE B 69 1.92 35.36 11.94
N PRO B 70 3.12 35.05 12.51
CA PRO B 70 4.28 34.84 11.63
C PRO B 70 4.24 33.57 10.79
N GLU B 71 4.78 33.65 9.58
CA GLU B 71 4.87 32.49 8.71
C GLU B 71 5.95 31.54 9.18
N ILE B 72 5.58 30.71 10.17
CA ILE B 72 6.43 29.63 10.69
C ILE B 72 6.08 28.41 9.86
N ARG B 73 7.10 27.79 9.26
CA ARG B 73 6.89 26.62 8.40
C ARG B 73 7.98 25.59 8.68
N PHE B 74 7.59 24.31 8.62
CA PHE B 74 8.54 23.19 8.81
C PHE B 74 9.34 22.99 7.53
N VAL B 75 10.62 22.67 7.65
CA VAL B 75 11.49 22.62 6.49
C VAL B 75 11.41 21.25 5.88
N ASN B 76 11.67 20.25 6.71
CA ASN B 76 11.99 18.91 6.23
C ASN B 76 10.78 18.01 6.42
N VAL B 77 9.70 18.39 5.71
CA VAL B 77 8.46 17.59 5.71
C VAL B 77 7.94 17.42 4.28
N GLU B 78 7.17 16.36 4.10
CA GLU B 78 6.57 16.03 2.80
C GLU B 78 5.15 16.59 2.79
N ASN B 79 4.40 16.18 3.81
CA ASN B 79 3.08 16.71 4.10
C ASN B 79 3.28 18.04 4.82
N ALA B 80 3.09 19.14 4.09
CA ALA B 80 2.99 20.49 4.68
C ALA B 80 1.91 20.47 5.78
N ARG B 81 2.32 20.77 7.01
CA ARG B 81 1.61 20.30 8.23
C ARG B 81 0.08 20.48 8.33
N ASP B 82 -0.60 19.46 8.87
CA ASP B 82 -2.02 19.57 9.26
C ASP B 82 -2.12 20.09 10.67
N ALA B 83 -2.69 21.28 10.84
CA ALA B 83 -2.74 21.96 12.15
C ALA B 83 -4.13 22.45 12.54
N ASP B 84 -4.53 22.25 13.81
CA ASP B 84 -5.66 22.97 14.41
C ASP B 84 -5.05 24.05 15.24
N VAL B 85 -5.70 25.21 15.27
CA VAL B 85 -5.29 26.28 16.16
C VAL B 85 -5.99 26.03 17.48
N VAL B 86 -5.25 26.13 18.57
CA VAL B 86 -5.72 25.72 19.89
C VAL B 86 -6.08 26.93 20.75
N ASP B 87 -5.14 27.88 20.86
CA ASP B 87 -5.42 29.13 21.55
C ASP B 87 -4.53 30.22 20.99
N ILE B 88 -5.08 31.42 20.86
CA ILE B 88 -4.28 32.64 20.68
C ILE B 88 -4.67 33.56 21.83
N SER B 89 -3.75 33.75 22.79
CA SER B 89 -3.95 34.65 23.94
C SER B 89 -3.01 35.85 23.78
N VAL B 90 -3.57 37.06 23.87
CA VAL B 90 -2.79 38.28 23.84
C VAL B 90 -2.76 38.85 25.24
N SER B 91 -1.55 38.96 25.81
CA SER B 91 -1.35 39.58 27.10
C SER B 91 -1.44 41.12 26.98
N PRO B 92 -1.90 41.81 28.04
CA PRO B 92 -2.05 43.27 28.13
C PRO B 92 -1.00 44.06 27.35
N ASP B 93 0.27 43.63 27.42
CA ASP B 93 1.43 44.37 26.87
C ASP B 93 1.75 44.14 25.40
N GLY B 94 0.78 43.60 24.67
CA GLY B 94 0.95 43.29 23.25
C GLY B 94 1.69 42.00 22.90
N THR B 95 1.95 41.17 23.92
CA THR B 95 2.66 39.91 23.71
C THR B 95 1.61 38.83 23.40
N VAL B 96 1.84 38.10 22.30
CA VAL B 96 0.92 37.06 21.82
C VAL B 96 1.45 35.68 22.24
N GLN B 97 0.49 34.79 22.54
CA GLN B 97 0.74 33.37 22.84
C GLN B 97 -0.06 32.52 21.85
N TYR B 98 0.63 31.96 20.85
CA TYR B 98 0.00 31.11 19.82
C TYR B 98 0.26 29.66 20.15
N LEU B 99 -0.78 28.84 20.03
CA LEU B 99 -0.65 27.39 20.20
C LEU B 99 -1.49 26.65 19.18
N GLU B 100 -0.81 25.83 18.40
CA GLU B 100 -1.46 24.90 17.51
C GLU B 100 -0.99 23.52 17.89
N ARG B 101 -1.83 22.56 17.61
CA ARG B 101 -1.41 21.19 17.63
C ARG B 101 -1.31 20.82 16.16
N PHE B 102 -0.20 20.20 15.77
CA PHE B 102 0.03 19.81 14.40
C PHE B 102 0.41 18.36 14.37
N SER B 103 0.35 17.78 13.18
CA SER B 103 0.96 16.49 12.90
C SER B 103 1.48 16.51 11.48
N ALA B 104 2.67 15.98 11.28
CA ALA B 104 3.33 16.01 9.97
C ALA B 104 4.25 14.85 9.77
N ARG B 105 4.56 14.60 8.50
CA ARG B 105 5.45 13.52 8.14
C ARG B 105 6.79 14.17 7.85
N VAL B 106 7.75 13.86 8.72
CA VAL B 106 9.07 14.44 8.71
C VAL B 106 10.03 13.53 7.95
N LEU B 107 11.00 14.14 7.28
CA LEU B 107 11.91 13.44 6.41
C LEU B 107 13.33 13.66 6.92
N SER B 108 13.72 12.93 7.96
CA SER B 108 15.11 12.96 8.45
C SER B 108 15.79 11.67 8.01
N PRO B 109 17.03 11.79 7.45
CA PRO B 109 17.78 10.61 7.07
C PRO B 109 18.34 9.89 8.29
N LEU B 110 18.55 8.57 8.10
CA LEU B 110 19.03 7.65 9.11
C LEU B 110 20.34 7.04 8.58
N ASP B 111 21.30 6.82 9.46
CA ASP B 111 22.57 6.19 9.10
C ASP B 111 22.57 4.73 9.57
N PHE B 112 22.58 3.83 8.58
CA PHE B 112 22.38 2.40 8.77
C PHE B 112 23.65 1.60 8.96
N ARG B 113 24.81 2.25 8.92
CA ARG B 113 26.10 1.58 9.09
C ARG B 113 26.03 0.50 10.17
N ARG B 114 25.45 0.85 11.31
CA ARG B 114 25.42 -0.05 12.46
C ARG B 114 24.11 -0.81 12.64
N TYR B 115 23.33 -0.97 11.59
CA TYR B 115 22.05 -1.69 11.68
C TYR B 115 22.28 -3.17 12.01
N PRO B 116 21.47 -3.80 12.87
CA PRO B 116 20.36 -3.19 13.59
C PRO B 116 20.75 -2.75 15.01
N PHE B 117 21.98 -2.28 15.19
CA PHE B 117 22.47 -1.81 16.48
C PHE B 117 22.68 -0.30 16.46
N ASP B 118 21.96 0.38 15.58
CA ASP B 118 22.21 1.79 15.32
C ASP B 118 21.40 2.65 16.27
N SER B 119 21.84 3.90 16.34
CA SER B 119 21.05 4.98 16.89
C SER B 119 21.01 6.11 15.90
N GLN B 120 20.03 6.99 16.10
CA GLN B 120 19.78 8.07 15.18
C GLN B 120 19.50 9.36 15.91
N THR B 121 19.70 10.44 15.16
CA THR B 121 19.33 11.79 15.52
C THR B 121 18.33 12.32 14.46
N LEU B 122 17.05 12.22 14.78
CA LEU B 122 16.02 12.81 13.94
C LEU B 122 16.05 14.37 14.06
N HIS B 123 15.47 15.03 13.07
CA HIS B 123 15.57 16.47 12.91
C HIS B 123 14.23 17.06 12.50
N ILE B 124 13.69 17.99 13.28
CA ILE B 124 12.51 18.75 12.85
C ILE B 124 12.96 20.20 12.71
N TYR B 125 13.20 20.64 11.48
CA TYR B 125 13.68 22.02 11.25
C TYR B 125 12.52 23.00 11.11
N LEU B 126 12.56 24.08 11.93
CA LEU B 126 11.58 25.18 11.88
C LEU B 126 12.20 26.35 11.18
N ILE B 127 11.43 27.00 10.31
CA ILE B 127 11.94 28.16 9.60
C ILE B 127 10.94 29.31 9.77
N VAL B 128 11.39 30.52 9.41
CA VAL B 128 10.49 31.67 9.22
C VAL B 128 11.12 32.61 8.19
N ARG B 129 10.34 33.02 7.20
CA ARG B 129 10.88 33.94 6.20
C ARG B 129 10.65 35.36 6.65
N SER B 130 11.66 36.20 6.43
CA SER B 130 11.66 37.58 6.90
C SER B 130 11.00 38.47 5.84
N VAL B 131 10.09 39.36 6.30
CA VAL B 131 9.24 40.23 5.45
C VAL B 131 10.03 41.45 4.96
N ASP B 132 9.51 42.05 3.90
CA ASP B 132 9.76 43.41 3.49
C ASP B 132 10.11 44.46 4.59
N THR B 133 9.12 44.70 5.45
CA THR B 133 9.12 45.79 6.42
C THR B 133 10.06 45.53 7.63
N ARG B 134 10.23 44.27 8.04
CA ARG B 134 11.28 43.92 9.01
C ARG B 134 11.71 42.43 9.02
N ASN B 135 12.95 42.23 9.47
CA ASN B 135 13.53 40.91 9.73
C ASN B 135 12.83 40.18 10.85
N ILE B 136 12.87 38.85 10.78
CA ILE B 136 12.33 37.98 11.84
C ILE B 136 13.35 36.91 12.22
N VAL B 137 13.41 36.65 13.52
CA VAL B 137 14.26 35.62 14.08
C VAL B 137 13.44 34.73 14.99
N LEU B 138 13.82 33.45 15.03
CA LEU B 138 13.25 32.48 15.95
C LEU B 138 14.16 32.31 17.15
N ALA B 139 13.58 31.83 18.24
CA ALA B 139 14.39 31.34 19.36
C ALA B 139 13.54 30.43 20.22
N VAL B 140 14.23 29.68 21.07
CA VAL B 140 13.64 28.55 21.79
C VAL B 140 13.09 28.98 23.13
N ASP B 141 11.81 28.70 23.39
CA ASP B 141 11.26 28.89 24.73
C ASP B 141 11.44 27.59 25.49
N LEU B 142 12.65 27.38 26.02
CA LEU B 142 13.05 26.08 26.60
C LEU B 142 12.02 25.42 27.54
N GLU B 143 11.09 26.17 28.11
CA GLU B 143 10.03 25.58 28.95
C GLU B 143 8.80 25.08 28.20
N LYS B 144 8.68 25.42 26.92
CA LYS B 144 7.61 24.92 26.05
C LYS B 144 8.12 23.84 25.04
N VAL B 145 9.18 23.11 25.41
CA VAL B 145 9.77 22.01 24.62
C VAL B 145 9.80 20.72 25.48
N GLY B 146 9.14 19.67 25.03
CA GLY B 146 9.19 18.40 25.75
C GLY B 146 8.62 17.26 24.96
N LYS B 147 8.18 16.23 25.68
CA LYS B 147 7.47 15.08 25.10
C LYS B 147 6.62 14.37 26.14
N ASN B 148 5.71 13.49 25.71
CA ASN B 148 4.87 12.73 26.65
C ASN B 148 5.62 11.55 27.32
N ASP B 149 5.09 11.11 28.44
CA ASP B 149 5.46 9.82 29.03
C ASP B 149 4.74 8.65 28.32
N ASP B 150 3.66 8.93 27.60
CA ASP B 150 3.07 7.98 26.65
C ASP B 150 4.03 7.60 25.50
N VAL B 151 4.66 8.61 24.87
CA VAL B 151 5.32 8.51 23.52
C VAL B 151 6.17 7.24 23.33
N PHE B 152 5.75 6.40 22.39
CA PHE B 152 6.44 5.14 22.07
C PHE B 152 6.59 5.04 20.56
N LEU B 153 7.83 4.90 20.13
CA LEU B 153 8.15 4.72 18.74
C LEU B 153 8.52 3.26 18.62
N THR B 154 7.55 2.43 18.24
CA THR B 154 7.72 0.97 18.22
C THR B 154 9.03 0.56 17.55
N GLY B 155 9.83 -0.24 18.26
CA GLY B 155 11.13 -0.67 17.77
C GLY B 155 12.28 0.30 18.00
N TRP B 156 12.05 1.36 18.78
CA TRP B 156 13.11 2.28 19.17
C TRP B 156 12.91 2.78 20.59
N ASP B 157 14.01 3.01 21.28
CA ASP B 157 13.95 3.76 22.53
C ASP B 157 14.25 5.21 22.19
N ILE B 158 13.69 6.11 22.98
CA ILE B 158 13.79 7.53 22.73
C ILE B 158 14.62 8.16 23.83
N GLU B 159 15.75 8.76 23.45
CA GLU B 159 16.68 9.39 24.41
C GLU B 159 16.23 10.80 24.83
N SER B 160 16.38 11.74 23.92
CA SER B 160 16.22 13.14 24.22
C SER B 160 15.36 13.79 23.16
N PHE B 161 14.64 14.84 23.55
CA PHE B 161 14.15 15.80 22.58
C PHE B 161 14.58 17.15 23.10
N THR B 162 15.56 17.72 22.40
CA THR B 162 16.18 18.99 22.76
C THR B 162 16.08 19.93 21.56
N ALA B 163 16.61 21.14 21.69
CA ALA B 163 16.66 22.06 20.56
C ALA B 163 17.93 22.89 20.55
N VAL B 164 18.60 22.97 19.39
CA VAL B 164 19.79 23.82 19.22
C VAL B 164 19.32 25.25 19.31
N VAL B 165 19.58 25.83 20.48
CA VAL B 165 19.11 27.16 20.89
C VAL B 165 19.40 28.27 19.89
N LYS B 166 20.59 28.23 19.29
CA LYS B 166 21.00 29.25 18.31
C LYS B 166 20.57 29.01 16.88
N PRO B 167 19.59 29.79 16.36
CA PRO B 167 19.20 29.60 14.98
C PRO B 167 20.21 30.23 14.05
N ALA B 168 20.86 29.42 13.22
CA ALA B 168 21.67 29.98 12.15
C ALA B 168 20.70 30.53 11.09
N ASN B 169 20.88 31.82 10.77
CA ASN B 169 20.05 32.54 9.82
C ASN B 169 20.91 32.86 8.63
N PHE B 170 20.28 33.22 7.52
CA PHE B 170 20.97 33.26 6.24
C PHE B 170 20.06 33.84 5.17
N ALA B 171 20.70 34.17 4.05
CA ALA B 171 20.04 34.78 2.92
C ALA B 171 19.61 33.73 1.92
N LEU B 172 18.32 33.72 1.60
CA LEU B 172 17.76 32.81 0.62
C LEU B 172 16.94 33.65 -0.35
N GLU B 173 17.33 33.61 -1.63
CA GLU B 173 16.70 34.44 -2.67
C GLU B 173 16.42 35.87 -2.14
N ASP B 174 17.48 36.65 -1.94
CA ASP B 174 17.40 38.08 -1.57
C ASP B 174 17.01 38.45 -0.13
N ARG B 175 16.15 37.68 0.53
CA ARG B 175 15.72 37.97 1.91
C ARG B 175 16.31 37.00 2.92
N LEU B 176 16.22 37.37 4.19
CA LEU B 176 16.70 36.54 5.27
C LEU B 176 15.64 35.50 5.64
N GLU B 177 16.13 34.34 6.07
CA GLU B 177 15.32 33.26 6.63
C GLU B 177 16.03 32.79 7.94
N SER B 178 15.28 32.57 9.01
CA SER B 178 15.86 32.11 10.29
C SER B 178 15.41 30.69 10.59
N LYS B 179 16.37 29.79 10.80
CA LYS B 179 16.12 28.33 10.88
C LYS B 179 16.54 27.73 12.21
N LEU B 180 15.60 27.15 12.94
CA LEU B 180 15.88 26.43 14.16
C LEU B 180 16.07 24.97 13.87
N ASP B 181 16.54 24.23 14.87
CA ASP B 181 16.81 22.79 14.75
C ASP B 181 16.37 22.02 16.01
N TYR B 182 15.28 21.29 15.92
CA TYR B 182 14.85 20.40 17.01
C TYR B 182 15.35 18.97 16.80
N GLN B 183 15.81 18.32 17.87
CA GLN B 183 16.57 17.06 17.75
C GLN B 183 16.08 15.93 18.62
N LEU B 184 15.45 14.96 17.96
CA LEU B 184 14.95 13.76 18.59
C LEU B 184 15.95 12.63 18.34
N ARG B 185 16.60 12.17 19.43
CA ARG B 185 17.58 11.07 19.38
C ARG B 185 16.90 9.76 19.80
N ILE B 186 17.25 8.69 19.07
CA ILE B 186 16.65 7.39 19.31
C ILE B 186 17.67 6.31 19.07
N SER B 187 17.41 5.16 19.70
CA SER B 187 18.26 3.97 19.60
C SER B 187 17.42 2.73 19.29
N ARG B 188 17.88 1.93 18.33
CA ARG B 188 17.04 0.85 17.85
C ARG B 188 16.97 -0.28 18.88
N GLN B 189 15.76 -0.78 19.10
CA GLN B 189 15.55 -1.99 19.89
C GLN B 189 15.99 -3.26 19.14
N TYR B 190 17.25 -3.61 19.33
CA TYR B 190 17.92 -4.72 18.60
C TYR B 190 17.55 -6.15 19.04
N PHE B 191 16.92 -6.31 20.20
CA PHE B 191 16.60 -7.66 20.73
C PHE B 191 15.90 -8.54 19.72
N SER B 192 14.82 -8.02 19.13
CA SER B 192 14.06 -8.74 18.10
C SER B 192 14.96 -9.52 17.13
N TYR B 193 16.06 -8.89 16.71
CA TYR B 193 16.90 -9.41 15.64
C TYR B 193 17.75 -10.63 15.99
N ILE B 194 17.95 -10.89 17.28
CA ILE B 194 18.76 -12.05 17.69
C ILE B 194 18.05 -13.34 17.31
N PRO B 195 16.89 -13.64 17.92
CA PRO B 195 16.21 -14.91 17.68
C PRO B 195 15.36 -14.95 16.39
N ASN B 196 15.30 -13.84 15.67
CA ASN B 196 14.49 -13.74 14.47
C ASN B 196 15.36 -13.82 13.23
N ILE B 197 16.55 -13.23 13.28
CA ILE B 197 17.43 -13.21 12.11
C ILE B 197 18.79 -13.86 12.35
N ILE B 198 19.47 -13.54 13.46
CA ILE B 198 20.87 -13.92 13.59
C ILE B 198 20.99 -15.38 13.96
N LEU B 199 20.33 -15.80 15.03
CA LEU B 199 20.47 -17.18 15.49
C LEU B 199 20.04 -18.23 14.46
N PRO B 200 18.90 -18.01 13.80
CA PRO B 200 18.52 -18.91 12.71
C PRO B 200 19.51 -18.88 11.56
N MET B 201 19.82 -17.69 11.08
CA MET B 201 20.76 -17.56 9.98
C MET B 201 22.09 -18.29 10.29
N LEU B 202 22.42 -18.42 11.57
CA LEU B 202 23.60 -19.15 12.02
C LEU B 202 23.35 -20.63 12.05
N PHE B 203 22.28 -21.08 12.67
CA PHE B 203 21.98 -22.52 12.61
C PHE B 203 22.01 -23.10 11.18
N ILE B 204 21.39 -22.41 10.22
CA ILE B 204 21.36 -22.91 8.82
C ILE B 204 22.76 -22.90 8.22
N LEU B 205 23.63 -22.01 8.69
CA LEU B 205 25.02 -22.01 8.30
C LEU B 205 25.75 -23.20 8.94
N PHE B 206 25.50 -23.43 10.23
CA PHE B 206 26.18 -24.50 10.95
C PHE B 206 25.82 -25.86 10.40
N ILE B 207 24.56 -26.04 10.06
CA ILE B 207 24.14 -27.24 9.35
C ILE B 207 25.03 -27.46 8.11
N SER B 208 25.23 -26.43 7.27
CA SER B 208 26.15 -26.52 6.09
C SER B 208 27.46 -27.21 6.46
N TRP B 209 28.00 -26.84 7.62
CA TRP B 209 29.27 -27.38 8.12
C TRP B 209 29.27 -28.87 8.56
N THR B 210 28.09 -29.49 8.69
CA THR B 210 28.05 -30.94 8.90
C THR B 210 28.59 -31.75 7.72
N ALA B 211 28.82 -31.12 6.56
CA ALA B 211 29.44 -31.81 5.42
C ALA B 211 30.98 -31.96 5.51
N PHE B 212 31.55 -31.49 6.61
CA PHE B 212 32.94 -31.79 6.91
C PHE B 212 33.11 -33.15 7.61
N TRP B 213 32.08 -33.61 8.33
CA TRP B 213 32.04 -34.96 8.94
C TRP B 213 31.36 -35.99 8.01
N SER B 214 31.32 -35.69 6.71
CA SER B 214 30.74 -36.59 5.74
C SER B 214 31.64 -36.61 4.58
N THR B 215 31.56 -37.73 3.87
CA THR B 215 32.38 -38.06 2.73
C THR B 215 31.51 -38.56 1.57
N SER B 216 30.26 -38.08 1.51
CA SER B 216 29.29 -38.50 0.52
C SER B 216 28.86 -37.25 -0.26
N TYR B 217 29.52 -37.01 -1.40
CA TYR B 217 29.27 -35.84 -2.27
C TYR B 217 27.76 -35.75 -2.52
N GLU B 218 27.21 -36.88 -2.98
CA GLU B 218 25.76 -37.04 -3.26
C GLU B 218 24.94 -36.27 -2.22
N ALA B 219 25.33 -36.46 -0.96
CA ALA B 219 24.66 -35.88 0.20
C ALA B 219 25.16 -34.50 0.57
N ASN B 220 26.48 -34.31 0.52
CA ASN B 220 27.09 -33.01 0.87
C ASN B 220 26.62 -31.86 -0.01
N VAL B 221 26.49 -32.14 -1.30
CA VAL B 221 25.94 -31.16 -2.20
C VAL B 221 24.59 -30.74 -1.66
N THR B 222 23.73 -31.72 -1.43
CA THR B 222 22.43 -31.46 -0.82
C THR B 222 22.56 -30.61 0.47
N LEU B 223 23.28 -31.10 1.47
CA LEU B 223 23.60 -30.31 2.69
C LEU B 223 23.93 -28.83 2.45
N VAL B 224 24.98 -28.58 1.69
CA VAL B 224 25.42 -27.22 1.44
C VAL B 224 24.49 -26.40 0.54
N VAL B 225 24.02 -26.96 -0.55
CA VAL B 225 23.24 -26.18 -1.51
C VAL B 225 21.85 -25.85 -0.95
N SER B 226 21.27 -26.79 -0.24
CA SER B 226 19.96 -26.60 0.38
C SER B 226 19.96 -25.51 1.46
N THR B 227 20.92 -25.61 2.34
CA THR B 227 21.11 -24.58 3.34
C THR B 227 21.43 -23.23 2.72
N LEU B 228 22.08 -23.20 1.55
CA LEU B 228 22.27 -21.94 0.80
C LEU B 228 20.95 -21.38 0.28
N ILE B 229 20.05 -22.26 -0.15
CA ILE B 229 18.70 -21.86 -0.49
C ILE B 229 18.01 -21.23 0.75
N ALA B 230 17.99 -21.97 1.85
CA ALA B 230 17.44 -21.45 3.11
C ALA B 230 18.04 -20.09 3.51
N HIS B 231 19.34 -19.91 3.33
CA HIS B 231 19.99 -18.64 3.63
C HIS B 231 19.52 -17.55 2.71
N ILE B 232 19.32 -17.88 1.43
CA ILE B 232 18.80 -16.91 0.48
C ILE B 232 17.43 -16.40 0.95
N ALA B 233 16.60 -17.29 1.53
CA ALA B 233 15.31 -16.88 2.17
C ALA B 233 15.41 -15.62 3.13
N PHE B 234 16.51 -15.60 3.88
CA PHE B 234 16.82 -14.60 4.86
C PHE B 234 17.71 -13.45 4.33
N ASN B 235 18.33 -13.56 3.17
CA ASN B 235 18.99 -12.37 2.57
C ASN B 235 17.94 -11.48 1.93
N ILE B 236 17.04 -12.05 1.11
CA ILE B 236 16.00 -11.22 0.46
C ILE B 236 15.00 -10.61 1.51
N LEU B 237 14.77 -11.29 2.67
CA LEU B 237 13.97 -10.71 3.81
C LEU B 237 14.62 -9.46 4.53
N VAL B 238 15.97 -9.46 4.70
CA VAL B 238 16.74 -8.37 5.40
C VAL B 238 17.00 -7.18 4.47
N GLU B 239 17.32 -7.49 3.22
CA GLU B 239 17.76 -6.50 2.22
C GLU B 239 16.62 -5.61 1.67
N THR B 240 15.35 -5.97 1.95
CA THR B 240 14.15 -5.13 1.68
C THR B 240 13.42 -4.48 2.93
N ASN B 241 13.82 -4.83 4.16
CA ASN B 241 13.58 -4.01 5.40
C ASN B 241 14.18 -2.59 5.25
N LEU B 242 15.38 -2.53 4.64
CA LEU B 242 16.26 -1.35 4.56
C LEU B 242 16.31 -0.71 3.20
N PRO B 243 16.72 0.56 3.15
CA PRO B 243 16.97 1.17 1.87
C PRO B 243 18.33 0.82 1.30
N LYS B 244 18.43 1.05 -0.01
CA LYS B 244 19.64 0.86 -0.75
C LYS B 244 20.56 1.99 -0.33
N THR B 245 21.43 1.63 0.60
CA THR B 245 22.49 2.48 1.00
C THR B 245 23.63 2.36 -0.01
N PRO B 246 24.31 3.50 -0.29
CA PRO B 246 25.52 3.49 -1.07
C PRO B 246 26.77 3.23 -0.22
N TYR B 247 26.59 2.96 1.07
CA TYR B 247 27.67 2.63 1.99
C TYR B 247 27.37 1.29 2.59
N MET B 248 28.39 0.58 3.07
CA MET B 248 28.16 -0.78 3.55
C MET B 248 27.50 -0.82 4.95
N THR B 249 26.32 -1.43 5.04
CA THR B 249 25.74 -1.78 6.34
C THR B 249 26.51 -2.93 7.00
N TYR B 250 26.43 -2.97 8.32
CA TYR B 250 27.13 -4.00 9.10
C TYR B 250 26.46 -5.37 8.94
N THR B 251 25.13 -5.42 9.07
CA THR B 251 24.34 -6.63 8.76
C THR B 251 24.58 -7.13 7.34
N GLY B 252 24.71 -6.18 6.42
CA GLY B 252 24.90 -6.50 5.01
C GLY B 252 26.24 -7.12 4.72
N ALA B 253 27.26 -6.65 5.42
CA ALA B 253 28.58 -7.24 5.39
C ALA B 253 28.53 -8.69 5.88
N ILE B 254 28.09 -8.86 7.12
CA ILE B 254 27.91 -10.20 7.70
C ILE B 254 27.23 -11.15 6.74
N ILE B 255 26.11 -10.71 6.22
CA ILE B 255 25.34 -11.48 5.25
C ILE B 255 26.15 -11.78 4.00
N PHE B 256 26.77 -10.75 3.41
CA PHE B 256 27.58 -10.96 2.20
C PHE B 256 28.79 -11.86 2.44
N MET B 257 29.38 -11.75 3.62
CA MET B 257 30.50 -12.61 3.96
C MET B 257 30.04 -14.07 4.09
N ILE B 258 28.83 -14.28 4.62
CA ILE B 258 28.24 -15.62 4.66
C ILE B 258 28.16 -16.26 3.25
N TYR B 259 27.80 -15.50 2.22
CA TYR B 259 27.81 -16.03 0.85
C TYR B 259 29.14 -16.61 0.37
N LEU B 260 30.23 -16.39 1.11
CA LEU B 260 31.51 -17.04 0.81
C LEU B 260 31.60 -18.36 1.53
N PHE B 261 31.22 -18.35 2.78
CA PHE B 261 31.30 -19.55 3.63
C PHE B 261 30.35 -20.69 3.14
N TYR B 262 29.49 -20.34 2.19
CA TYR B 262 28.78 -21.30 1.38
C TYR B 262 29.61 -21.57 0.15
N PHE B 263 30.07 -20.52 -0.51
CA PHE B 263 30.86 -20.72 -1.73
C PHE B 263 32.11 -21.56 -1.55
N VAL B 264 32.87 -21.19 -0.53
CA VAL B 264 34.09 -21.84 -0.15
C VAL B 264 33.82 -23.27 0.36
N ALA B 265 32.77 -23.44 1.16
CA ALA B 265 32.32 -24.80 1.55
C ALA B 265 32.10 -25.71 0.33
N VAL B 266 31.36 -25.22 -0.67
CA VAL B 266 31.19 -25.97 -1.90
C VAL B 266 32.57 -26.33 -2.47
N ILE B 267 33.49 -25.37 -2.51
CA ILE B 267 34.82 -25.62 -3.06
C ILE B 267 35.45 -26.83 -2.33
N GLU B 268 35.57 -26.73 -1.00
CA GLU B 268 36.12 -27.82 -0.16
C GLU B 268 35.48 -29.14 -0.47
N VAL B 269 34.15 -29.14 -0.52
CA VAL B 269 33.37 -30.36 -0.73
C VAL B 269 33.66 -30.89 -2.12
N THR B 270 33.58 -30.00 -3.11
CA THR B 270 33.84 -30.34 -4.52
C THR B 270 35.26 -30.94 -4.70
N VAL B 271 36.21 -30.43 -3.91
CA VAL B 271 37.60 -30.94 -3.83
C VAL B 271 37.77 -32.31 -3.15
N GLN B 272 37.34 -32.41 -1.89
CA GLN B 272 37.31 -33.68 -1.19
C GLN B 272 36.78 -34.78 -2.11
N HIS B 273 35.62 -34.55 -2.73
CA HIS B 273 35.13 -35.48 -3.74
C HIS B 273 36.12 -35.64 -4.89
N TYR B 274 36.65 -34.55 -5.43
CA TYR B 274 37.57 -34.68 -6.57
C TYR B 274 38.71 -35.66 -6.26
N LEU B 275 39.43 -35.37 -5.19
CA LEU B 275 40.56 -36.18 -4.77
C LEU B 275 40.23 -37.65 -4.56
N LYS B 276 39.05 -37.93 -4.02
CA LYS B 276 38.60 -39.32 -3.86
C LYS B 276 38.38 -40.06 -5.16
N VAL B 277 38.07 -39.36 -6.25
CA VAL B 277 38.08 -40.00 -7.58
C VAL B 277 39.53 -40.14 -8.07
N GLU B 278 40.39 -39.18 -7.72
CA GLU B 278 41.84 -39.23 -8.04
C GLU B 278 42.68 -40.10 -7.07
N SER B 279 42.05 -40.73 -6.08
CA SER B 279 42.72 -41.61 -5.13
C SER B 279 43.86 -40.94 -4.36
N GLN B 280 43.49 -40.00 -3.50
CA GLN B 280 44.31 -39.59 -2.37
C GLN B 280 43.51 -39.45 -1.10
N PRO B 281 42.57 -40.39 -0.82
CA PRO B 281 41.72 -40.27 0.35
C PRO B 281 42.39 -39.71 1.60
N ALA B 282 43.70 -39.92 1.75
CA ALA B 282 44.47 -39.26 2.80
C ALA B 282 44.38 -37.74 2.68
N ARG B 283 44.87 -37.21 1.57
CA ARG B 283 44.91 -35.75 1.31
C ARG B 283 43.52 -35.10 1.29
N ALA B 284 42.58 -35.76 0.64
CA ALA B 284 41.18 -35.39 0.68
C ALA B 284 40.69 -35.19 2.09
N ALA B 285 40.71 -36.25 2.89
CA ALA B 285 40.18 -36.16 4.22
C ALA B 285 41.22 -35.64 5.23
N SER B 286 42.34 -35.08 4.76
CA SER B 286 43.12 -34.13 5.59
C SER B 286 42.40 -32.79 5.60
N ILE B 287 42.20 -32.27 4.39
CA ILE B 287 41.46 -31.03 4.13
C ILE B 287 40.15 -31.07 4.92
N THR B 288 39.32 -32.07 4.65
CA THR B 288 37.98 -32.18 5.26
C THR B 288 38.07 -32.08 6.79
N ARG B 289 39.07 -32.73 7.38
CA ARG B 289 39.27 -32.69 8.84
C ARG B 289 39.77 -31.33 9.29
N ALA B 290 40.63 -30.71 8.49
CA ALA B 290 41.10 -29.34 8.75
C ALA B 290 39.93 -28.38 8.85
N SER B 291 39.18 -28.31 7.76
CA SER B 291 37.99 -27.50 7.66
C SER B 291 37.14 -27.52 8.93
N ARG B 292 36.92 -28.72 9.48
CA ARG B 292 36.16 -28.86 10.72
C ARG B 292 36.54 -27.83 11.80
N ILE B 293 37.77 -27.31 11.75
CA ILE B 293 38.17 -26.20 12.61
C ILE B 293 38.36 -24.91 11.83
N ALA B 294 39.01 -24.98 10.66
CA ALA B 294 39.25 -23.78 9.79
C ALA B 294 38.04 -22.84 9.67
N PHE B 295 36.89 -23.44 9.42
CA PHE B 295 35.68 -22.69 9.14
C PHE B 295 35.18 -21.95 10.40
N PRO B 296 34.83 -22.67 11.48
CA PRO B 296 34.42 -22.01 12.74
C PRO B 296 35.41 -20.96 13.27
N VAL B 297 36.70 -21.22 13.08
CA VAL B 297 37.75 -20.28 13.42
C VAL B 297 37.67 -19.07 12.53
N VAL B 298 37.91 -19.26 11.23
CA VAL B 298 37.97 -18.13 10.32
C VAL B 298 36.70 -17.26 10.44
N PHE B 299 35.57 -17.88 10.78
CA PHE B 299 34.32 -17.15 11.07
C PHE B 299 34.42 -16.28 12.34
N LEU B 300 34.84 -16.87 13.47
CA LEU B 300 34.94 -16.12 14.73
C LEU B 300 35.98 -15.03 14.69
N LEU B 301 37.06 -15.26 13.94
CA LEU B 301 38.02 -14.21 13.60
C LEU B 301 37.30 -13.12 12.83
N ALA B 302 36.82 -13.48 11.64
CA ALA B 302 36.35 -12.49 10.67
C ALA B 302 35.08 -11.74 11.07
N ASN B 303 34.24 -12.31 11.95
CA ASN B 303 33.14 -11.53 12.56
C ASN B 303 33.65 -10.53 13.60
N ILE B 304 34.72 -10.90 14.29
CA ILE B 304 35.46 -10.01 15.20
C ILE B 304 36.33 -8.98 14.45
N ILE B 305 36.96 -9.34 13.33
CA ILE B 305 37.55 -8.35 12.39
C ILE B 305 36.49 -7.29 12.05
N LEU B 306 35.32 -7.73 11.59
CA LEU B 306 34.23 -6.81 11.19
C LEU B 306 33.69 -6.04 12.37
N ALA B 307 33.23 -6.74 13.39
CA ALA B 307 32.80 -6.10 14.62
C ALA B 307 33.67 -4.86 14.97
N PHE B 308 35.00 -5.04 15.08
CA PHE B 308 35.97 -3.92 15.41
C PHE B 308 35.88 -2.87 14.29
N LEU B 309 36.09 -3.31 13.05
CA LEU B 309 35.90 -2.48 11.82
C LEU B 309 34.64 -1.57 11.75
N PHE B 310 33.57 -1.93 12.47
CA PHE B 310 32.28 -1.21 12.43
C PHE B 310 31.93 -0.49 13.73
N PHE B 311 32.75 -0.61 14.77
CA PHE B 311 32.39 -0.09 16.12
C PHE B 311 33.59 0.57 16.86
N VAL C 1 -16.66 34.05 20.63
CA VAL C 1 -17.17 33.62 21.98
C VAL C 1 -16.02 33.64 23.00
N SER C 2 -16.26 33.12 24.20
CA SER C 2 -15.22 32.81 25.22
C SER C 2 -16.03 32.20 26.39
N PRO C 3 -15.36 31.53 27.36
CA PRO C 3 -16.06 30.49 28.16
C PRO C 3 -17.15 31.00 29.14
N PRO C 4 -17.90 30.09 29.82
CA PRO C 4 -18.81 30.51 30.90
C PRO C 4 -18.04 31.05 32.10
N PRO C 5 -18.44 32.24 32.63
CA PRO C 5 -17.69 32.77 33.77
C PRO C 5 -18.02 31.97 35.04
N PRO C 6 -17.01 31.71 35.91
CA PRO C 6 -17.22 30.85 37.09
C PRO C 6 -18.02 31.55 38.20
N ILE C 7 -19.25 31.10 38.48
CA ILE C 7 -20.08 31.75 39.52
C ILE C 7 -19.34 31.79 40.87
N ALA C 8 -18.76 30.67 41.29
CA ALA C 8 -17.89 30.62 42.46
C ALA C 8 -16.43 30.84 41.97
N ASP C 9 -15.48 29.99 42.38
CA ASP C 9 -14.17 29.91 41.73
C ASP C 9 -13.93 28.46 41.32
N GLU C 10 -15.00 27.78 40.91
CA GLU C 10 -14.96 26.35 40.61
C GLU C 10 -14.40 26.13 39.18
N PRO C 11 -13.78 24.95 38.94
CA PRO C 11 -13.50 24.64 37.54
C PRO C 11 -14.80 24.12 36.85
N LEU C 12 -14.82 24.11 35.52
CA LEU C 12 -16.00 23.62 34.74
C LEU C 12 -15.97 22.11 34.45
N THR C 13 -16.95 21.35 34.95
CA THR C 13 -17.04 19.94 34.58
C THR C 13 -17.70 19.86 33.17
N VAL C 14 -17.09 19.07 32.27
CA VAL C 14 -17.63 18.76 30.92
C VAL C 14 -17.93 17.26 30.81
N ASN C 15 -19.17 16.94 30.42
CA ASN C 15 -19.71 15.58 30.57
C ASN C 15 -19.66 14.76 29.28
N THR C 16 -18.61 13.93 29.22
CA THR C 16 -18.17 13.19 28.03
C THR C 16 -18.75 11.77 27.94
N GLY C 17 -18.98 11.33 26.70
CA GLY C 17 -19.37 9.94 26.40
C GLY C 17 -19.08 9.50 24.96
N ILE C 18 -18.47 8.32 24.81
CA ILE C 18 -18.13 7.77 23.50
C ILE C 18 -18.97 6.54 23.22
N TYR C 19 -19.74 6.53 22.13
CA TYR C 19 -20.54 5.36 21.76
C TYR C 19 -20.12 4.81 20.41
N LEU C 20 -19.51 3.61 20.44
CA LEU C 20 -18.82 3.02 19.28
C LEU C 20 -19.84 2.46 18.31
N ILE C 21 -19.74 2.90 17.07
CA ILE C 21 -20.62 2.45 16.02
C ILE C 21 -19.89 1.45 15.14
N GLU C 22 -18.58 1.64 14.96
CA GLU C 22 -17.69 0.71 14.23
C GLU C 22 -16.30 0.66 14.88
N CYS C 23 -15.77 -0.55 15.11
CA CYS C 23 -14.32 -0.70 15.28
C CYS C 23 -13.90 -1.51 14.07
N TYR C 24 -12.76 -1.15 13.48
CA TYR C 24 -12.21 -1.89 12.32
C TYR C 24 -10.71 -1.64 12.12
N SER C 25 -10.05 -2.50 11.33
CA SER C 25 -8.63 -2.38 10.98
C SER C 25 -7.70 -2.36 12.20
N LEU C 26 -7.82 -3.37 13.05
CA LEU C 26 -6.85 -3.50 14.09
C LEU C 26 -5.62 -3.96 13.38
N ASP C 27 -4.64 -3.07 13.26
CA ASP C 27 -3.36 -3.34 12.56
C ASP C 27 -2.23 -3.66 13.56
N ASP C 28 -2.01 -4.96 13.78
CA ASP C 28 -1.01 -5.45 14.74
C ASP C 28 0.37 -4.86 14.58
N LYS C 29 0.81 -4.85 13.33
CA LYS C 29 2.16 -4.39 12.96
C LYS C 29 2.29 -2.91 13.32
N ALA C 30 1.26 -2.14 12.97
CA ALA C 30 1.21 -0.67 13.21
C ALA C 30 0.89 -0.26 14.65
N GLU C 31 0.23 -1.17 15.36
CA GLU C 31 -0.33 -0.99 16.70
C GLU C 31 -1.34 0.16 16.68
N THR C 32 -2.36 -0.04 15.87
CA THR C 32 -3.42 0.91 15.67
C THR C 32 -4.76 0.22 15.42
N PHE C 33 -5.82 1.03 15.37
CA PHE C 33 -7.16 0.58 14.99
C PHE C 33 -8.06 1.79 14.69
N LYS C 34 -8.95 1.64 13.71
CA LYS C 34 -9.89 2.70 13.36
C LYS C 34 -11.19 2.50 14.15
N VAL C 35 -11.73 3.62 14.59
CA VAL C 35 -12.97 3.65 15.33
C VAL C 35 -13.88 4.68 14.66
N ASN C 36 -15.18 4.46 14.80
CA ASN C 36 -16.19 5.37 14.29
C ASN C 36 -17.33 5.40 15.33
N ALA C 37 -17.52 6.55 15.95
CA ALA C 37 -18.28 6.62 17.19
C ALA C 37 -18.94 7.97 17.39
N PHE C 38 -20.00 8.04 18.22
CA PHE C 38 -20.51 9.33 18.70
C PHE C 38 -19.60 9.77 19.80
N LEU C 39 -19.23 11.05 19.77
CA LEU C 39 -18.67 11.74 20.92
C LEU C 39 -19.75 12.68 21.39
N SER C 40 -20.08 12.57 22.68
CA SER C 40 -21.15 13.35 23.29
C SER C 40 -20.60 14.15 24.47
N LEU C 41 -20.78 15.46 24.40
CA LEU C 41 -20.30 16.40 25.42
C LEU C 41 -21.48 17.13 26.04
N SER C 42 -21.27 17.66 27.25
CA SER C 42 -22.35 18.24 28.03
C SER C 42 -21.83 19.15 29.17
N TRP C 43 -22.05 20.47 29.08
CA TRP C 43 -21.53 21.44 30.07
C TRP C 43 -22.58 22.49 30.41
N LYS C 44 -22.29 23.28 31.44
CA LYS C 44 -23.19 24.34 31.94
C LYS C 44 -22.67 25.77 31.63
N ASP C 45 -23.39 26.45 30.73
CA ASP C 45 -23.08 27.81 30.27
C ASP C 45 -24.35 28.65 30.45
N ARG C 46 -24.47 29.25 31.65
CA ARG C 46 -25.67 30.00 32.08
C ARG C 46 -26.05 31.16 31.17
N ARG C 47 -25.05 31.79 30.55
CA ARG C 47 -25.25 32.80 29.51
C ARG C 47 -26.33 32.37 28.47
N LEU C 48 -26.40 31.08 28.18
CA LEU C 48 -27.38 30.53 27.25
C LEU C 48 -28.74 30.20 27.86
N ALA C 49 -28.84 30.16 29.19
CA ALA C 49 -30.09 29.76 29.92
C ALA C 49 -31.28 30.62 29.55
N PHE C 50 -32.49 30.13 29.81
CA PHE C 50 -33.70 30.85 29.37
C PHE C 50 -34.98 30.39 30.11
N ASP C 51 -36.06 31.13 29.86
CA ASP C 51 -37.39 30.85 30.42
C ASP C 51 -38.19 30.01 29.40
N PRO C 52 -38.51 28.73 29.73
CA PRO C 52 -39.27 27.89 28.78
C PRO C 52 -40.71 28.39 28.58
N VAL C 53 -41.35 28.85 29.69
CA VAL C 53 -42.82 29.23 29.73
C VAL C 53 -43.02 30.32 28.65
N ARG C 54 -42.22 31.39 28.67
CA ARG C 54 -42.35 32.47 27.67
C ARG C 54 -41.71 32.20 26.31
N SER C 55 -40.65 31.39 26.23
CA SER C 55 -39.87 31.31 24.99
C SER C 55 -40.50 30.38 23.95
N GLY C 56 -41.27 29.38 24.39
CA GLY C 56 -42.09 28.54 23.51
C GLY C 56 -41.71 27.08 23.74
N VAL C 57 -41.04 26.46 22.75
CA VAL C 57 -40.64 25.04 22.83
C VAL C 57 -39.56 24.87 23.93
N ARG C 58 -39.48 23.68 24.54
CA ARG C 58 -38.72 23.43 25.80
C ARG C 58 -37.24 23.74 25.72
N VAL C 59 -36.64 23.43 24.57
CA VAL C 59 -35.18 23.38 24.42
C VAL C 59 -34.74 24.00 23.09
N LYS C 60 -33.57 24.64 23.11
CA LYS C 60 -33.11 25.50 22.03
C LYS C 60 -31.90 24.87 21.34
N THR C 61 -31.94 24.84 19.99
CA THR C 61 -30.87 24.31 19.11
C THR C 61 -29.98 25.49 18.58
N TYR C 62 -28.68 25.28 18.49
CA TYR C 62 -27.74 26.27 17.94
C TYR C 62 -26.85 25.62 16.89
N GLU C 63 -26.52 26.37 15.84
CA GLU C 63 -25.44 26.01 14.93
C GLU C 63 -24.12 26.10 15.71
N PRO C 64 -23.14 25.22 15.40
CA PRO C 64 -21.89 25.09 16.21
C PRO C 64 -21.15 26.40 16.58
N GLU C 65 -20.70 27.16 15.58
CA GLU C 65 -19.95 28.39 15.86
C GLU C 65 -20.75 29.52 16.55
N ALA C 66 -22.04 29.31 16.86
CA ALA C 66 -22.83 30.28 17.64
C ALA C 66 -22.39 30.33 19.10
N ILE C 67 -22.41 29.17 19.76
CA ILE C 67 -22.10 29.09 21.20
C ILE C 67 -20.62 28.78 21.46
N TRP C 68 -20.23 28.87 22.73
CA TRP C 68 -18.90 28.44 23.18
C TRP C 68 -18.94 26.97 23.40
N ILE C 69 -18.01 26.26 22.75
CA ILE C 69 -17.89 24.79 22.82
C ILE C 69 -16.46 24.46 23.23
N PRO C 70 -16.28 23.51 24.18
CA PRO C 70 -14.92 23.28 24.71
C PRO C 70 -13.99 22.56 23.73
N GLU C 71 -12.71 22.90 23.81
CA GLU C 71 -11.69 22.24 23.01
C GLU C 71 -11.41 20.85 23.56
N ILE C 72 -12.27 19.90 23.18
CA ILE C 72 -12.08 18.47 23.45
C ILE C 72 -11.32 17.88 22.28
N ARG C 73 -10.19 17.23 22.56
CA ARG C 73 -9.33 16.66 21.52
C ARG C 73 -8.84 15.28 21.96
N PHE C 74 -8.73 14.35 21.00
CA PHE C 74 -8.22 12.99 21.23
C PHE C 74 -6.70 13.03 21.34
N VAL C 75 -6.13 12.24 22.23
CA VAL C 75 -4.70 12.32 22.51
C VAL C 75 -3.96 11.44 21.57
N ASN C 76 -4.36 10.18 21.56
CA ASN C 76 -3.56 9.12 20.98
C ASN C 76 -4.13 8.73 19.63
N VAL C 77 -4.10 9.70 18.72
CA VAL C 77 -4.52 9.50 17.34
C VAL C 77 -3.49 10.11 16.36
N GLU C 78 -3.48 9.57 15.15
CA GLU C 78 -2.60 10.01 14.08
C GLU C 78 -3.36 11.02 13.22
N ASN C 79 -4.52 10.55 12.75
CA ASN C 79 -5.51 11.37 12.08
C ASN C 79 -6.31 12.14 13.13
N ALA C 80 -5.98 13.44 13.29
CA ALA C 80 -6.78 14.38 14.07
C ALA C 80 -8.24 14.32 13.56
N ARG C 81 -9.16 13.94 14.46
CA ARG C 81 -10.47 13.35 14.07
C ARG C 81 -11.30 14.06 12.97
N ASP C 82 -11.89 13.25 12.09
CA ASP C 82 -12.88 13.71 11.12
C ASP C 82 -14.30 13.63 11.75
N ALA C 83 -14.95 14.78 12.00
CA ALA C 83 -16.24 14.86 12.75
C ALA C 83 -17.35 15.65 12.03
N ASP C 84 -18.60 15.16 12.07
CA ASP C 84 -19.81 15.97 11.75
C ASP C 84 -20.44 16.31 13.08
N VAL C 85 -21.00 17.51 13.16
CA VAL C 85 -21.78 17.89 14.33
C VAL C 85 -23.19 17.40 14.07
N VAL C 86 -23.80 16.78 15.08
CA VAL C 86 -25.10 16.09 14.95
C VAL C 86 -26.24 16.88 15.58
N ASP C 87 -26.06 17.28 16.84
CA ASP C 87 -27.03 18.14 17.51
C ASP C 87 -26.32 18.95 18.61
N ILE C 88 -26.73 20.22 18.77
CA ILE C 88 -26.43 20.99 19.97
C ILE C 88 -27.77 21.45 20.56
N SER C 89 -28.16 20.86 21.70
CA SER C 89 -29.41 21.22 22.40
C SER C 89 -29.03 21.92 23.72
N VAL C 90 -29.62 23.09 23.97
CA VAL C 90 -29.42 23.81 25.22
C VAL C 90 -30.67 23.68 26.05
N SER C 91 -30.53 23.08 27.23
CA SER C 91 -31.65 22.98 28.19
C SER C 91 -31.89 24.34 28.89
N PRO C 92 -33.15 24.62 29.31
CA PRO C 92 -33.61 25.83 29.99
C PRO C 92 -32.59 26.45 30.95
N ASP C 93 -31.93 25.59 31.74
CA ASP C 93 -31.01 26.03 32.80
C ASP C 93 -29.55 26.35 32.38
N GLY C 94 -29.32 26.56 31.08
CA GLY C 94 -27.99 26.85 30.52
C GLY C 94 -27.08 25.65 30.30
N THR C 95 -27.63 24.44 30.42
CA THR C 95 -26.85 23.22 30.25
C THR C 95 -26.93 22.81 28.78
N VAL C 96 -25.76 22.59 28.18
CA VAL C 96 -25.61 22.28 26.75
C VAL C 96 -25.46 20.77 26.57
N GLN C 97 -26.01 20.27 25.46
CA GLN C 97 -25.89 18.88 25.02
C GLN C 97 -25.29 18.89 23.62
N TYR C 98 -24.00 18.58 23.52
CA TYR C 98 -23.28 18.48 22.23
C TYR C 98 -23.16 17.04 21.79
N LEU C 99 -23.39 16.80 20.49
CA LEU C 99 -23.18 15.48 19.90
C LEU C 99 -22.58 15.59 18.52
N GLU C 100 -21.43 14.96 18.36
CA GLU C 100 -20.81 14.76 17.07
C GLU C 100 -20.66 13.27 16.87
N ARG C 101 -20.64 12.89 15.62
CA ARG C 101 -20.18 11.58 15.24
C ARG C 101 -18.81 11.80 14.64
N PHE C 102 -17.83 11.01 15.07
CA PHE C 102 -16.45 11.14 14.59
C PHE C 102 -15.98 9.79 14.16
N SER C 103 -14.88 9.79 13.41
CA SER C 103 -14.09 8.60 13.16
C SER C 103 -12.62 8.97 13.11
N ALA C 104 -11.77 8.13 13.72
CA ALA C 104 -10.33 8.43 13.84
C ALA C 104 -9.50 7.17 13.91
N ARG C 105 -8.22 7.33 13.62
CA ARG C 105 -7.28 6.23 13.69
C ARG C 105 -6.51 6.39 14.98
N VAL C 106 -6.74 5.44 15.88
CA VAL C 106 -6.21 5.45 17.24
C VAL C 106 -4.93 4.63 17.28
N LEU C 107 -4.02 5.04 18.14
CA LEU C 107 -2.71 4.46 18.23
C LEU C 107 -2.55 3.93 19.66
N SER C 108 -3.11 2.75 19.95
CA SER C 108 -2.86 2.06 21.23
C SER C 108 -1.91 0.88 21.01
N PRO C 109 -0.89 0.73 21.89
CA PRO C 109 0.03 -0.39 21.78
C PRO C 109 -0.62 -1.67 22.27
N LEU C 110 -0.14 -2.77 21.71
CA LEU C 110 -0.62 -4.12 21.97
C LEU C 110 0.55 -4.93 22.55
N ASP C 111 0.26 -5.81 23.51
CA ASP C 111 1.28 -6.66 24.13
C ASP C 111 1.18 -8.07 23.57
N PHE C 112 2.22 -8.44 22.81
CA PHE C 112 2.24 -9.66 22.00
C PHE C 112 2.83 -10.87 22.68
N ARG C 113 3.25 -10.73 23.95
CA ARG C 113 3.82 -11.84 24.71
C ARG C 113 3.05 -13.15 24.47
N ARG C 114 1.73 -13.08 24.55
CA ARG C 114 0.89 -14.26 24.42
C ARG C 114 0.27 -14.51 23.07
N TYR C 115 0.85 -13.95 22.01
CA TYR C 115 0.32 -14.13 20.66
C TYR C 115 0.43 -15.61 20.22
N PRO C 116 -0.56 -16.17 19.53
CA PRO C 116 -1.81 -15.54 19.15
C PRO C 116 -2.94 -15.85 20.13
N PHE C 117 -2.62 -15.97 21.42
CA PHE C 117 -3.61 -16.24 22.46
C PHE C 117 -3.78 -15.03 23.37
N ASP C 118 -3.47 -13.85 22.85
CA ASP C 118 -3.39 -12.66 23.65
C ASP C 118 -4.76 -12.01 23.74
N SER C 119 -4.84 -11.13 24.74
CA SER C 119 -5.89 -10.14 24.82
C SER C 119 -5.25 -8.78 25.02
N GLN C 120 -6.03 -7.76 24.73
CA GLN C 120 -5.56 -6.40 24.75
C GLN C 120 -6.54 -5.50 25.43
N THR C 121 -5.99 -4.37 25.88
CA THR C 121 -6.73 -3.23 26.37
C THR C 121 -6.41 -2.00 25.50
N LEU C 122 -7.28 -1.73 24.52
CA LEU C 122 -7.15 -0.53 23.69
C LEU C 122 -7.51 0.71 24.52
N HIS C 123 -7.07 1.88 24.07
CA HIS C 123 -7.14 3.13 24.83
C HIS C 123 -7.53 4.28 23.91
N ILE C 124 -8.62 4.96 24.20
CA ILE C 124 -8.95 6.20 23.50
C ILE C 124 -8.88 7.31 24.54
N TYR C 125 -7.80 8.08 24.57
CA TYR C 125 -7.63 9.15 25.57
C TYR C 125 -8.26 10.47 25.10
N LEU C 126 -9.13 11.02 25.94
CA LEU C 126 -9.78 12.33 25.70
C LEU C 126 -9.11 13.38 26.55
N ILE C 127 -8.86 14.55 25.97
CA ILE C 127 -8.21 15.63 26.70
C ILE C 127 -9.06 16.90 26.55
N VAL C 128 -8.77 17.88 27.40
CA VAL C 128 -9.25 19.26 27.22
C VAL C 128 -8.25 20.23 27.84
N ARG C 129 -7.86 21.26 27.09
CA ARG C 129 -6.92 22.23 27.63
C ARG C 129 -7.67 23.33 28.33
N SER C 130 -7.14 23.76 29.48
CA SER C 130 -7.81 24.73 30.34
C SER C 130 -7.39 26.15 29.91
N VAL C 131 -8.39 27.05 29.80
CA VAL C 131 -8.25 28.46 29.28
C VAL C 131 -7.71 29.42 30.36
N ASP C 132 -7.18 30.57 29.90
CA ASP C 132 -6.87 31.73 30.78
C ASP C 132 -7.90 32.01 31.87
N THR C 133 -9.16 32.23 31.47
CA THR C 133 -10.20 32.75 32.36
C THR C 133 -10.70 31.71 33.38
N ARG C 134 -10.72 30.43 33.00
CA ARG C 134 -10.95 29.35 33.99
C ARG C 134 -10.47 27.94 33.58
N ASN C 135 -10.20 27.14 34.61
CA ASN C 135 -9.91 25.72 34.49
C ASN C 135 -11.08 24.91 33.95
N ILE C 136 -10.76 23.79 33.28
CA ILE C 136 -11.75 22.85 32.76
C ILE C 136 -11.36 21.43 33.16
N VAL C 137 -12.39 20.66 33.52
CA VAL C 137 -12.28 19.25 33.87
C VAL C 137 -13.30 18.46 33.06
N LEU C 138 -12.91 17.22 32.74
CA LEU C 138 -13.79 16.26 32.07
C LEU C 138 -14.35 15.29 33.10
N ALA C 139 -15.47 14.67 32.77
CA ALA C 139 -15.95 13.52 33.54
C ALA C 139 -16.93 12.75 32.70
N VAL C 140 -17.19 11.53 33.14
CA VAL C 140 -17.88 10.52 32.35
C VAL C 140 -19.39 10.54 32.57
N ASP C 141 -20.17 10.67 31.50
CA ASP C 141 -21.63 10.50 31.59
C ASP C 141 -21.94 9.04 31.31
N LEU C 142 -21.75 8.21 32.34
CA LEU C 142 -21.80 6.74 32.20
C LEU C 142 -22.97 6.20 31.34
N GLU C 143 -24.06 6.95 31.16
CA GLU C 143 -25.19 6.50 30.32
C GLU C 143 -25.03 6.82 28.85
N LYS C 144 -24.07 7.67 28.52
CA LYS C 144 -23.75 8.01 27.12
C LYS C 144 -22.44 7.30 26.62
N VAL C 145 -22.11 6.15 27.23
CA VAL C 145 -20.95 5.32 26.87
C VAL C 145 -21.43 3.91 26.54
N GLY C 146 -21.19 3.45 25.32
CA GLY C 146 -21.55 2.08 24.96
C GLY C 146 -20.93 1.65 23.66
N LYS C 147 -21.56 0.65 23.02
CA LYS C 147 -21.18 0.19 21.69
C LYS C 147 -22.36 -0.50 20.98
N ASN C 148 -22.24 -0.74 19.68
CA ASN C 148 -23.31 -1.42 18.91
C ASN C 148 -23.30 -2.95 19.11
N ASP C 149 -24.45 -3.57 18.83
CA ASP C 149 -24.55 -5.02 18.71
C ASP C 149 -24.06 -5.46 17.33
N ASP C 150 -24.00 -4.53 16.38
CA ASP C 150 -23.30 -4.75 15.12
C ASP C 150 -21.77 -4.99 15.32
N VAL C 151 -21.11 -4.12 16.12
CA VAL C 151 -19.62 -3.93 16.13
C VAL C 151 -18.82 -5.23 16.11
N PHE C 152 -18.06 -5.42 15.03
CA PHE C 152 -17.22 -6.62 14.85
C PHE C 152 -15.83 -6.18 14.43
N LEU C 153 -14.84 -6.58 15.21
CA LEU C 153 -13.46 -6.32 14.92
C LEU C 153 -12.90 -7.65 14.45
N THR C 154 -12.88 -7.84 13.13
CA THR C 154 -12.48 -9.13 12.52
C THR C 154 -11.22 -9.70 13.16
N GLY C 155 -11.32 -10.94 13.64
CA GLY C 155 -10.19 -11.59 14.30
C GLY C 155 -10.03 -11.27 15.77
N TRP C 156 -11.00 -10.60 16.37
CA TRP C 156 -11.03 -10.37 17.81
C TRP C 156 -12.44 -10.44 18.37
N ASP C 157 -12.56 -10.90 19.61
CA ASP C 157 -13.81 -10.74 20.34
C ASP C 157 -13.64 -9.52 21.20
N ILE C 158 -14.76 -8.85 21.45
CA ILE C 158 -14.77 -7.59 22.16
C ILE C 158 -15.45 -7.80 23.51
N GLU C 159 -14.71 -7.55 24.60
CA GLU C 159 -15.22 -7.73 25.97
C GLU C 159 -16.03 -6.54 26.44
N SER C 160 -15.33 -5.46 26.75
CA SER C 160 -15.91 -4.33 27.43
C SER C 160 -15.53 -3.05 26.71
N PHE C 161 -16.38 -2.04 26.81
CA PHE C 161 -15.98 -0.67 26.55
C PHE C 161 -16.46 0.13 27.75
N THR C 162 -15.50 0.51 28.58
CA THR C 162 -15.74 1.18 29.84
C THR C 162 -14.92 2.47 29.85
N ALA C 163 -15.00 3.24 30.92
CA ALA C 163 -14.16 4.46 31.04
C ALA C 163 -13.72 4.69 32.48
N VAL C 164 -12.41 4.94 32.66
CA VAL C 164 -11.86 5.26 33.97
C VAL C 164 -12.44 6.63 34.35
N VAL C 165 -13.45 6.54 35.23
CA VAL C 165 -14.26 7.68 35.68
C VAL C 165 -13.47 8.90 36.15
N LYS C 166 -12.38 8.66 36.88
CA LYS C 166 -11.54 9.74 37.38
C LYS C 166 -10.46 10.25 36.41
N PRO C 167 -10.63 11.46 35.85
CA PRO C 167 -9.58 12.01 35.01
C PRO C 167 -8.41 12.52 35.81
N ALA C 168 -7.22 11.94 35.65
CA ALA C 168 -6.02 12.53 36.21
C ALA C 168 -5.69 13.80 35.36
N ASN C 169 -5.57 14.93 36.05
CA ASN C 169 -5.28 16.24 35.44
C ASN C 169 -3.91 16.68 35.91
N PHE C 170 -3.35 17.64 35.19
CA PHE C 170 -1.91 17.93 35.31
C PHE C 170 -1.54 19.16 34.52
N ALA C 171 -0.33 19.64 34.80
CA ALA C 171 0.19 20.83 34.20
C ALA C 171 1.02 20.49 32.98
N LEU C 172 0.67 21.11 31.86
CA LEU C 172 1.40 20.95 30.63
C LEU C 172 1.68 22.35 30.08
N GLU C 173 2.97 22.69 29.94
CA GLU C 173 3.41 24.03 29.52
C GLU C 173 2.54 25.12 30.21
N ASP C 174 2.74 25.32 31.51
CA ASP C 174 2.10 26.41 32.30
C ASP C 174 0.61 26.31 32.65
N ARG C 175 -0.24 25.71 31.79
CA ARG C 175 -1.68 25.56 32.06
C ARG C 175 -2.06 24.12 32.36
N LEU C 176 -3.27 23.96 32.91
CA LEU C 176 -3.79 22.64 33.25
C LEU C 176 -4.43 22.01 32.03
N GLU C 177 -4.34 20.67 31.98
CA GLU C 177 -5.00 19.84 30.98
C GLU C 177 -5.68 18.67 31.75
N SER C 178 -6.93 18.34 31.41
CA SER C 178 -7.66 17.23 32.05
C SER C 178 -7.87 16.07 31.09
N LYS C 179 -7.39 14.88 31.46
CA LYS C 179 -7.30 13.72 30.54
C LYS C 179 -8.13 12.52 31.01
N LEU C 180 -9.09 12.10 30.19
CA LEU C 180 -9.88 10.91 30.48
C LEU C 180 -9.28 9.73 29.78
N ASP C 181 -9.77 8.54 30.12
CA ASP C 181 -9.27 7.26 29.59
C ASP C 181 -10.41 6.28 29.28
N TYR C 182 -10.73 6.10 28.00
CA TYR C 182 -11.72 5.10 27.58
C TYR C 182 -11.02 3.80 27.19
N GLN C 183 -11.59 2.66 27.59
CA GLN C 183 -10.90 1.36 27.52
C GLN C 183 -11.70 0.24 26.85
N LEU C 184 -11.26 -0.09 25.64
CA LEU C 184 -11.81 -1.17 24.83
C LEU C 184 -10.92 -2.40 24.98
N ARG C 185 -11.46 -3.44 25.62
CA ARG C 185 -10.74 -4.70 25.85
C ARG C 185 -11.17 -5.69 24.79
N ILE C 186 -10.20 -6.44 24.28
CA ILE C 186 -10.45 -7.42 23.24
C ILE C 186 -9.56 -8.61 23.43
N SER C 187 -10.01 -9.74 22.86
CA SER C 187 -9.31 -11.01 22.93
C SER C 187 -9.20 -11.60 21.54
N ARG C 188 -8.00 -12.08 21.20
CA ARG C 188 -7.78 -12.53 19.85
C ARG C 188 -8.51 -13.84 19.57
N GLN C 189 -9.17 -13.93 18.42
CA GLN C 189 -9.72 -15.18 17.90
C GLN C 189 -8.63 -16.12 17.37
N TYR C 190 -8.12 -16.95 18.30
CA TYR C 190 -6.98 -17.86 18.05
C TYR C 190 -7.26 -19.11 17.19
N PHE C 191 -8.53 -19.48 16.99
CA PHE C 191 -8.88 -20.68 16.20
C PHE C 191 -8.14 -20.79 14.87
N SER C 192 -8.24 -19.73 14.06
CA SER C 192 -7.57 -19.65 12.76
C SER C 192 -6.17 -20.28 12.80
N TYR C 193 -5.41 -19.98 13.85
CA TYR C 193 -3.99 -20.31 13.95
C TYR C 193 -3.67 -21.78 14.13
N ILE C 194 -4.64 -22.58 14.57
CA ILE C 194 -4.40 -24.02 14.80
C ILE C 194 -4.14 -24.73 13.47
N PRO C 195 -5.14 -24.77 12.56
CA PRO C 195 -5.00 -25.50 11.30
C PRO C 195 -4.26 -24.73 10.18
N ASN C 196 -3.90 -23.48 10.44
CA ASN C 196 -3.24 -22.66 9.46
C ASN C 196 -1.75 -22.57 9.74
N ILE C 197 -1.36 -22.51 11.01
CA ILE C 197 0.06 -22.36 11.38
C ILE C 197 0.62 -23.50 12.25
N ILE C 198 -0.08 -23.89 13.31
CA ILE C 198 0.52 -24.79 14.30
C ILE C 198 0.52 -26.23 13.79
N LEU C 199 -0.63 -26.75 13.38
CA LEU C 199 -0.72 -28.16 12.96
C LEU C 199 0.17 -28.50 11.77
N PRO C 200 0.16 -27.66 10.72
CA PRO C 200 1.13 -27.83 9.65
C PRO C 200 2.58 -27.73 10.12
N MET C 201 2.92 -26.66 10.82
CA MET C 201 4.27 -26.46 11.28
C MET C 201 4.77 -27.66 12.09
N LEU C 202 3.83 -28.38 12.71
CA LEU C 202 4.13 -29.60 13.43
C LEU C 202 4.28 -30.79 12.52
N PHE C 203 3.33 -31.01 11.62
CA PHE C 203 3.51 -32.11 10.64
C PHE C 203 4.89 -32.07 9.93
N ILE C 204 5.30 -30.89 9.47
CA ILE C 204 6.58 -30.76 8.76
C ILE C 204 7.74 -31.05 9.71
N LEU C 205 7.55 -30.79 10.99
CA LEU C 205 8.53 -31.16 11.98
C LEU C 205 8.55 -32.66 12.17
N PHE C 206 7.36 -33.26 12.28
CA PHE C 206 7.25 -34.68 12.56
C PHE C 206 7.84 -35.49 11.43
N ILE C 207 7.58 -35.07 10.20
CA ILE C 207 8.22 -35.67 9.05
C ILE C 207 9.74 -35.71 9.31
N SER C 208 10.36 -34.58 9.72
CA SER C 208 11.83 -34.52 10.02
C SER C 208 12.24 -35.72 10.86
N TRP C 209 11.41 -36.07 11.83
CA TRP C 209 11.69 -37.17 12.74
C TRP C 209 11.60 -38.60 12.16
N THR C 210 11.05 -38.75 10.95
CA THR C 210 11.12 -40.04 10.26
C THR C 210 12.55 -40.47 9.93
N ALA C 211 13.53 -39.59 10.06
CA ALA C 211 14.94 -39.95 9.85
C ALA C 211 15.61 -40.68 11.05
N PHE C 212 14.84 -40.92 12.10
CA PHE C 212 15.27 -41.80 13.16
C PHE C 212 15.01 -43.29 12.85
N TRP C 213 14.00 -43.58 12.02
CA TRP C 213 13.69 -44.95 11.52
C TRP C 213 14.38 -45.20 10.15
N SER C 214 15.40 -44.42 9.86
CA SER C 214 16.16 -44.61 8.65
C SER C 214 17.61 -44.50 9.00
N THR C 215 18.40 -45.16 8.15
CA THR C 215 19.85 -45.30 8.29
C THR C 215 20.55 -44.96 6.99
N SER C 216 19.93 -44.08 6.20
CA SER C 216 20.41 -43.69 4.89
C SER C 216 20.65 -42.18 4.93
N TYR C 217 21.90 -41.78 5.23
CA TYR C 217 22.30 -40.37 5.28
C TYR C 217 21.83 -39.65 4.02
N GLU C 218 22.20 -40.23 2.87
CA GLU C 218 21.79 -39.75 1.52
C GLU C 218 20.37 -39.20 1.56
N ALA C 219 19.49 -39.98 2.18
CA ALA C 219 18.06 -39.68 2.31
C ALA C 219 17.69 -38.85 3.51
N ASN C 220 18.29 -39.14 4.66
CA ASN C 220 18.02 -38.39 5.89
C ASN C 220 18.34 -36.90 5.78
N VAL C 221 19.46 -36.60 5.13
CA VAL C 221 19.82 -35.22 4.89
C VAL C 221 18.65 -34.58 4.17
N THR C 222 18.24 -35.18 3.06
CA THR C 222 17.07 -34.72 2.35
C THR C 222 15.84 -34.55 3.28
N LEU C 223 15.40 -35.62 3.94
CA LEU C 223 14.34 -35.51 4.96
C LEU C 223 14.43 -34.30 5.87
N VAL C 224 15.52 -34.18 6.62
CA VAL C 224 15.67 -33.09 7.58
C VAL C 224 15.86 -31.69 6.95
N VAL C 225 16.72 -31.58 5.94
CA VAL C 225 17.02 -30.26 5.37
C VAL C 225 15.83 -29.69 4.58
N SER C 226 15.12 -30.56 3.87
CA SER C 226 13.95 -30.15 3.11
C SER C 226 12.82 -29.64 3.97
N THR C 227 12.51 -30.41 4.99
CA THR C 227 11.53 -29.97 5.98
C THR C 227 11.95 -28.69 6.70
N LEU C 228 13.27 -28.46 6.86
CA LEU C 228 13.77 -27.18 7.40
C LEU C 228 13.49 -26.03 6.45
N ILE C 229 13.63 -26.29 5.17
CA ILE C 229 13.23 -25.32 4.16
C ILE C 229 11.71 -25.02 4.31
N ALA C 230 10.90 -26.08 4.28
CA ALA C 230 9.46 -25.93 4.48
C ALA C 230 9.10 -25.15 5.77
N HIS C 231 9.81 -25.40 6.85
CA HIS C 231 9.61 -24.66 8.09
C HIS C 231 9.98 -23.20 7.95
N ILE C 232 11.06 -22.91 7.21
CA ILE C 232 11.47 -21.53 6.98
C ILE C 232 10.33 -20.78 6.27
N ALA C 233 9.62 -21.46 5.34
CA ALA C 233 8.41 -20.89 4.69
C ALA C 233 7.36 -20.22 5.70
N PHE C 234 7.21 -20.89 6.84
CA PHE C 234 6.30 -20.53 7.89
C PHE C 234 6.95 -19.66 8.99
N ASN C 235 8.27 -19.55 9.07
CA ASN C 235 8.87 -18.54 10.01
C ASN C 235 8.78 -17.16 9.40
N ILE C 236 9.18 -17.01 8.12
CA ILE C 236 9.12 -15.67 7.49
C ILE C 236 7.62 -15.20 7.30
N LEU C 237 6.65 -16.14 7.15
CA LEU C 237 5.18 -15.79 7.16
C LEU C 237 4.60 -15.26 8.53
N VAL C 238 5.07 -15.82 9.67
CA VAL C 238 4.62 -15.43 11.08
C VAL C 238 5.31 -14.17 11.59
N GLU C 239 6.60 -14.06 11.29
CA GLU C 239 7.46 -12.99 11.80
C GLU C 239 7.22 -11.61 11.14
N THR C 240 6.47 -11.56 10.02
CA THR C 240 6.00 -10.31 9.38
C THR C 240 4.47 -9.97 9.51
N ASN C 241 3.66 -10.91 10.05
CA ASN C 241 2.33 -10.59 10.65
C ASN C 241 2.45 -9.55 11.80
N LEU C 242 3.52 -9.68 12.60
CA LEU C 242 3.76 -8.96 13.85
C LEU C 242 4.83 -7.92 13.76
N PRO C 243 4.83 -6.96 14.69
CA PRO C 243 5.94 -6.05 14.80
C PRO C 243 7.12 -6.63 15.56
N LYS C 244 8.25 -5.96 15.33
CA LYS C 244 9.49 -6.27 16.00
C LYS C 244 9.32 -5.80 17.44
N THR C 245 9.00 -6.77 18.26
CA THR C 245 8.96 -6.60 19.68
C THR C 245 10.39 -6.71 20.24
N PRO C 246 10.71 -5.88 21.25
CA PRO C 246 11.95 -6.01 22.00
C PRO C 246 11.84 -7.01 23.17
N TYR C 247 10.70 -7.70 23.27
CA TYR C 247 10.49 -8.75 24.27
C TYR C 247 10.11 -10.00 23.55
N MET C 248 10.30 -11.17 24.17
CA MET C 248 9.98 -12.41 23.43
C MET C 248 8.49 -12.75 23.33
N THR C 249 7.99 -12.89 22.11
CA THR C 249 6.70 -13.50 21.84
C THR C 249 6.69 -14.97 22.22
N TYR C 250 5.51 -15.50 22.55
CA TYR C 250 5.34 -16.93 22.83
C TYR C 250 5.42 -17.82 21.55
N THR C 251 4.69 -17.45 20.49
CA THR C 251 4.85 -18.05 19.16
C THR C 251 6.29 -18.00 18.65
N GLY C 252 6.96 -16.88 18.93
CA GLY C 252 8.33 -16.67 18.48
C GLY C 252 9.31 -17.59 19.15
N ALA C 253 9.06 -17.83 20.44
CA ALA C 253 9.84 -18.80 21.21
C ALA C 253 9.67 -20.20 20.63
N ILE C 254 8.43 -20.66 20.59
CA ILE C 254 8.11 -21.95 19.95
C ILE C 254 8.83 -22.15 18.63
N ILE C 255 8.68 -21.15 17.77
CA ILE C 255 9.32 -21.14 16.46
C ILE C 255 10.83 -21.19 16.56
N PHE C 256 11.41 -20.33 17.38
CA PHE C 256 12.86 -20.34 17.55
C PHE C 256 13.37 -21.64 18.17
N MET C 257 12.60 -22.21 19.08
CA MET C 257 13.00 -23.48 19.68
C MET C 257 12.95 -24.62 18.62
N ILE C 258 11.99 -24.55 17.70
CA ILE C 258 11.94 -25.48 16.59
C ILE C 258 13.24 -25.45 15.75
N TYR C 259 13.81 -24.28 15.50
CA TYR C 259 15.12 -24.21 14.81
C TYR C 259 16.27 -25.00 15.47
N LEU C 260 16.08 -25.50 16.69
CA LEU C 260 17.05 -26.41 17.31
C LEU C 260 16.72 -27.84 16.97
N PHE C 261 15.46 -28.16 17.05
CA PHE C 261 14.98 -29.52 16.80
C PHE C 261 15.16 -29.97 15.31
N TYR C 262 15.52 -28.99 14.49
CA TYR C 262 16.09 -29.25 13.20
C TYR C 262 17.61 -29.33 13.38
N PHE C 263 18.21 -28.35 14.05
CA PHE C 263 19.67 -28.32 14.18
C PHE C 263 20.23 -29.56 14.83
N VAL C 264 19.63 -29.91 15.94
CA VAL C 264 19.98 -31.07 16.73
C VAL C 264 19.68 -32.38 15.98
N ALA C 265 18.54 -32.45 15.29
CA ALA C 265 18.26 -33.58 14.40
C ALA C 265 19.39 -33.79 13.39
N VAL C 266 19.82 -32.73 12.73
CA VAL C 266 20.97 -32.83 11.82
C VAL C 266 22.17 -33.42 12.58
N ILE C 267 22.44 -32.94 13.79
CA ILE C 267 23.57 -33.43 14.56
C ILE C 267 23.46 -34.94 14.71
N GLU C 268 22.35 -35.41 15.28
CA GLU C 268 22.08 -36.86 15.45
C GLU C 268 22.31 -37.63 14.18
N VAL C 269 21.75 -37.12 13.08
CA VAL C 269 21.81 -37.80 11.78
C VAL C 269 23.25 -37.82 11.33
N THR C 270 23.89 -36.66 11.39
CA THR C 270 25.29 -36.49 10.98
C THR C 270 26.20 -37.46 11.77
N VAL C 271 25.86 -37.70 13.04
CA VAL C 271 26.52 -38.66 13.95
C VAL C 271 26.28 -40.14 13.64
N GLN C 272 25.01 -40.54 13.64
CA GLN C 272 24.63 -41.88 13.20
C GLN C 272 25.39 -42.28 11.93
N HIS C 273 25.35 -41.44 10.90
CA HIS C 273 26.20 -41.64 9.71
C HIS C 273 27.69 -41.69 10.08
N TYR C 274 28.20 -40.74 10.89
CA TYR C 274 29.63 -40.75 11.20
C TYR C 274 30.08 -42.11 11.74
N LEU C 275 29.42 -42.56 12.80
CA LEU C 275 29.74 -43.83 13.47
C LEU C 275 29.68 -45.04 12.55
N LYS C 276 28.70 -45.07 11.63
CA LYS C 276 28.64 -46.12 10.62
C LYS C 276 29.82 -46.16 9.66
N VAL C 277 30.49 -45.04 9.40
CA VAL C 277 31.76 -45.07 8.67
C VAL C 277 32.87 -45.54 9.62
N GLU C 278 32.78 -45.16 10.90
CA GLU C 278 33.74 -45.61 11.93
C GLU C 278 33.45 -47.02 12.51
N SER C 279 32.42 -47.70 12.00
CA SER C 279 32.08 -49.07 12.39
C SER C 279 31.82 -49.21 13.91
N GLN C 280 30.71 -48.62 14.34
CA GLN C 280 30.04 -49.00 15.58
C GLN C 280 28.55 -49.06 15.40
N PRO C 281 28.07 -49.64 14.26
CA PRO C 281 26.63 -49.68 14.02
C PRO C 281 25.73 -49.93 15.25
N ALA C 282 26.25 -50.63 16.25
CA ALA C 282 25.56 -50.76 17.54
C ALA C 282 25.33 -49.39 18.18
N ARG C 283 26.42 -48.68 18.48
CA ARG C 283 26.38 -47.36 19.15
C ARG C 283 25.64 -46.30 18.34
N ALA C 284 25.90 -46.29 17.04
CA ALA C 284 25.15 -45.46 16.09
C ALA C 284 23.65 -45.67 16.25
N ALA C 285 23.18 -46.87 16.00
CA ALA C 285 21.75 -47.12 16.03
C ALA C 285 21.25 -47.43 17.45
N SER C 286 22.07 -47.18 18.48
CA SER C 286 21.53 -46.98 19.85
C SER C 286 20.94 -45.59 19.93
N ILE C 287 21.79 -44.61 19.64
CA ILE C 287 21.44 -43.20 19.56
C ILE C 287 20.15 -43.06 18.74
N THR C 288 20.20 -43.51 17.48
CA THR C 288 19.07 -43.34 16.53
C THR C 288 17.77 -43.88 17.14
N ARG C 289 17.85 -45.02 17.82
CA ARG C 289 16.67 -45.61 18.47
C ARG C 289 16.24 -44.81 19.68
N ALA C 290 17.23 -44.28 20.43
CA ALA C 290 16.95 -43.40 21.57
C ALA C 290 16.13 -42.19 21.14
N SER C 291 16.72 -41.45 20.21
CA SER C 291 16.09 -40.28 19.60
C SER C 291 14.62 -40.49 19.31
N ARG C 292 14.28 -41.65 18.73
CA ARG C 292 12.89 -41.95 18.44
C ARG C 292 11.93 -41.61 19.58
N ILE C 293 12.43 -41.61 20.82
CA ILE C 293 11.66 -41.14 21.97
C ILE C 293 12.19 -39.81 22.51
N ALA C 294 13.51 -39.66 22.64
CA ALA C 294 14.15 -38.40 23.15
C ALA C 294 13.51 -37.12 22.58
N PHE C 295 13.30 -37.11 21.27
CA PHE C 295 12.85 -35.93 20.56
C PHE C 295 11.38 -35.61 20.94
N PRO C 296 10.43 -36.50 20.64
CA PRO C 296 9.03 -36.27 21.05
C PRO C 296 8.82 -35.94 22.53
N VAL C 297 9.63 -36.56 23.38
CA VAL C 297 9.65 -36.27 24.81
C VAL C 297 10.15 -34.85 25.05
N VAL C 298 11.42 -34.61 24.73
CA VAL C 298 12.02 -33.32 25.04
C VAL C 298 11.16 -32.18 24.48
N PHE C 299 10.47 -32.42 23.37
CA PHE C 299 9.49 -31.46 22.82
C PHE C 299 8.28 -31.25 23.73
N LEU C 300 7.61 -32.33 24.16
CA LEU C 300 6.41 -32.22 25.01
C LEU C 300 6.73 -31.67 26.38
N LEU C 301 7.93 -31.96 26.88
CA LEU C 301 8.48 -31.27 28.06
C LEU C 301 8.61 -29.78 27.78
N ALA C 302 9.49 -29.45 26.84
CA ALA C 302 9.92 -28.08 26.62
C ALA C 302 8.83 -27.14 26.09
N ASN C 303 7.80 -27.66 25.42
CA ASN C 303 6.60 -26.84 25.10
C ASN C 303 5.76 -26.56 26.35
N ILE C 304 5.74 -27.53 27.26
CA ILE C 304 5.11 -27.39 28.58
C ILE C 304 5.95 -26.54 29.55
N ILE C 305 7.28 -26.65 29.52
CA ILE C 305 8.15 -25.66 30.18
C ILE C 305 7.76 -24.25 29.74
N LEU C 306 7.70 -24.03 28.42
CA LEU C 306 7.36 -22.70 27.85
C LEU C 306 5.94 -22.30 28.15
N ALA C 307 4.98 -23.12 27.74
CA ALA C 307 3.58 -22.89 28.10
C ALA C 307 3.43 -22.29 29.52
N PHE C 308 3.98 -22.96 30.52
CA PHE C 308 3.95 -22.49 31.90
C PHE C 308 4.66 -21.13 32.02
N LEU C 309 5.94 -21.10 31.63
CA LEU C 309 6.75 -19.86 31.53
C LEU C 309 6.04 -18.63 30.94
N PHE C 310 5.00 -18.82 30.13
CA PHE C 310 4.29 -17.72 29.42
C PHE C 310 2.86 -17.49 29.90
N PHE C 311 2.38 -18.31 30.84
CA PHE C 311 0.95 -18.27 31.23
C PHE C 311 0.83 -18.41 32.78
N VAL D 1 -31.89 27.08 9.90
CA VAL D 1 -33.22 26.41 9.69
C VAL D 1 -33.60 25.60 10.95
N SER D 2 -34.65 24.80 10.88
CA SER D 2 -35.04 23.77 11.89
C SER D 2 -36.30 23.12 11.30
N PRO D 3 -36.72 21.93 11.80
CA PRO D 3 -37.55 21.01 10.98
C PRO D 3 -38.98 21.47 10.65
N PRO D 4 -39.72 20.72 9.82
CA PRO D 4 -41.15 21.03 9.63
C PRO D 4 -41.94 20.74 10.91
N PRO D 5 -42.79 21.71 11.35
CA PRO D 5 -43.57 21.44 12.56
C PRO D 5 -44.67 20.39 12.30
N PRO D 6 -44.91 19.48 13.27
CA PRO D 6 -45.88 18.40 13.04
C PRO D 6 -47.34 18.87 13.08
N ILE D 7 -48.06 18.82 11.94
CA ILE D 7 -49.47 19.29 11.91
C ILE D 7 -50.32 18.55 12.96
N ALA D 8 -50.21 17.22 13.01
CA ALA D 8 -50.83 16.42 14.07
C ALA D 8 -49.80 16.25 15.22
N ASP D 9 -49.57 15.03 15.69
CA ASP D 9 -48.38 14.70 16.49
C ASP D 9 -47.66 13.51 15.84
N GLU D 10 -47.66 13.49 14.50
CA GLU D 10 -47.09 12.38 13.73
C GLU D 10 -45.56 12.53 13.63
N PRO D 11 -44.83 11.40 13.47
CA PRO D 11 -43.43 11.57 13.12
C PRO D 11 -43.32 11.87 11.60
N LEU D 12 -42.17 12.38 11.14
CA LEU D 12 -41.95 12.70 9.69
C LEU D 12 -41.38 11.51 8.86
N THR D 13 -42.12 11.04 7.85
CA THR D 13 -41.58 10.01 6.97
C THR D 13 -40.66 10.72 5.95
N VAL D 14 -39.45 10.16 5.77
CA VAL D 14 -38.46 10.60 4.76
C VAL D 14 -38.23 9.48 3.74
N ASN D 15 -38.39 9.82 2.46
CA ASN D 15 -38.50 8.82 1.39
C ASN D 15 -37.19 8.59 0.61
N THR D 16 -36.51 7.52 1.03
CA THR D 16 -35.15 7.17 0.65
C THR D 16 -35.05 6.22 -0.55
N GLY D 17 -33.99 6.40 -1.35
CA GLY D 17 -33.64 5.48 -2.45
C GLY D 17 -32.18 5.54 -2.91
N ILE D 18 -31.54 4.38 -3.06
CA ILE D 18 -30.14 4.29 -3.44
C ILE D 18 -30.03 3.64 -4.80
N TYR D 19 -29.43 4.33 -5.75
CA TYR D 19 -29.27 3.79 -7.10
C TYR D 19 -27.80 3.67 -7.44
N LEU D 20 -27.33 2.42 -7.52
CA LEU D 20 -25.90 2.12 -7.64
C LEU D 20 -25.42 2.42 -9.05
N ILE D 21 -24.37 3.22 -9.14
CA ILE D 21 -23.75 3.56 -10.41
C ILE D 21 -22.45 2.77 -10.59
N GLU D 22 -21.72 2.51 -9.49
CA GLU D 22 -20.53 1.67 -9.46
C GLU D 22 -20.45 0.85 -8.14
N CYS D 23 -20.18 -0.45 -8.23
CA CYS D 23 -19.63 -1.17 -7.09
C CYS D 23 -18.24 -1.56 -7.52
N TYR D 24 -17.28 -1.48 -6.61
CA TYR D 24 -15.90 -1.87 -6.89
C TYR D 24 -15.11 -2.16 -5.61
N SER D 25 -13.95 -2.81 -5.77
CA SER D 25 -13.02 -3.07 -4.65
C SER D 25 -13.65 -3.88 -3.51
N LEU D 26 -14.26 -5.01 -3.84
CA LEU D 26 -14.70 -5.88 -2.79
C LEU D 26 -13.42 -6.45 -2.23
N ASP D 27 -13.04 -6.00 -1.03
CA ASP D 27 -11.81 -6.43 -0.36
C ASP D 27 -12.11 -7.52 0.69
N ASP D 28 -11.94 -8.78 0.29
CA ASP D 28 -12.20 -9.94 1.17
C ASP D 28 -11.53 -9.89 2.52
N LYS D 29 -10.26 -9.56 2.50
CA LYS D 29 -9.44 -9.52 3.70
C LYS D 29 -9.98 -8.46 4.66
N ALA D 30 -10.29 -7.30 4.10
CA ALA D 30 -10.79 -6.14 4.87
C ALA D 30 -12.27 -6.20 5.25
N GLU D 31 -13.01 -6.99 4.47
CA GLU D 31 -14.45 -7.16 4.52
C GLU D 31 -15.14 -5.82 4.27
N THR D 32 -14.87 -5.29 3.09
CA THR D 32 -15.36 -4.01 2.66
C THR D 32 -15.63 -4.01 1.17
N PHE D 33 -16.20 -2.92 0.70
CA PHE D 33 -16.38 -2.64 -0.74
C PHE D 33 -16.76 -1.17 -0.95
N LYS D 34 -16.29 -0.59 -2.06
CA LYS D 34 -16.59 0.78 -2.41
C LYS D 34 -17.83 0.81 -3.32
N VAL D 35 -18.69 1.79 -3.06
CA VAL D 35 -19.90 1.98 -3.83
C VAL D 35 -19.93 3.44 -4.27
N ASN D 36 -20.59 3.69 -5.40
CA ASN D 36 -20.79 5.04 -5.92
C ASN D 36 -22.20 5.10 -6.51
N ALA D 37 -23.06 5.91 -5.91
CA ALA D 37 -24.51 5.76 -6.11
C ALA D 37 -25.24 7.08 -5.90
N PHE D 38 -26.46 7.20 -6.45
CA PHE D 38 -27.36 8.29 -6.07
C PHE D 38 -28.00 7.92 -4.78
N LEU D 39 -28.03 8.88 -3.85
CA LEU D 39 -28.91 8.81 -2.69
C LEU D 39 -29.98 9.82 -2.97
N SER D 40 -31.23 9.38 -2.89
CA SER D 40 -32.39 10.21 -3.18
C SER D 40 -33.31 10.24 -1.96
N LEU D 41 -33.57 11.45 -1.47
CA LEU D 41 -34.42 11.67 -0.31
C LEU D 41 -35.65 12.49 -0.71
N SER D 42 -36.70 12.41 0.10
CA SER D 42 -37.99 13.02 -0.24
C SER D 42 -38.92 13.18 0.98
N TRP D 43 -39.19 14.42 1.41
CA TRP D 43 -39.99 14.66 2.63
C TRP D 43 -40.94 15.82 2.42
N LYS D 44 -41.86 16.00 3.38
CA LYS D 44 -42.91 17.05 3.34
C LYS D 44 -42.66 18.18 4.36
N ASP D 45 -42.32 19.35 3.83
CA ASP D 45 -42.05 20.56 4.61
C ASP D 45 -42.95 21.68 4.05
N ARG D 46 -44.16 21.78 4.62
CA ARG D 46 -45.22 22.71 4.15
C ARG D 46 -44.80 24.17 4.15
N ARG D 47 -43.94 24.56 5.08
CA ARG D 47 -43.30 25.90 5.10
C ARG D 47 -42.81 26.33 3.69
N LEU D 48 -42.33 25.37 2.89
CA LEU D 48 -41.86 25.62 1.52
C LEU D 48 -42.94 25.62 0.43
N ALA D 49 -44.14 25.10 0.73
CA ALA D 49 -45.24 24.97 -0.24
C ALA D 49 -45.61 26.29 -0.90
N PHE D 50 -46.29 26.25 -2.05
CA PHE D 50 -46.60 27.48 -2.80
C PHE D 50 -47.72 27.31 -3.84
N ASP D 51 -48.14 28.44 -4.42
CA ASP D 51 -49.17 28.51 -5.47
C ASP D 51 -48.48 28.48 -6.86
N PRO D 52 -48.70 27.39 -7.65
CA PRO D 52 -48.04 27.30 -8.97
C PRO D 52 -48.57 28.33 -9.95
N VAL D 53 -49.88 28.56 -9.87
CA VAL D 53 -50.62 29.41 -10.79
C VAL D 53 -49.97 30.82 -10.80
N ARG D 54 -49.86 31.46 -9.63
CA ARG D 54 -49.22 32.82 -9.52
C ARG D 54 -47.70 32.83 -9.59
N SER D 55 -47.02 31.76 -9.14
CA SER D 55 -45.57 31.84 -8.93
C SER D 55 -44.77 31.67 -10.22
N GLY D 56 -45.35 30.96 -11.21
CA GLY D 56 -44.81 30.89 -12.57
C GLY D 56 -44.60 29.44 -12.95
N VAL D 57 -43.34 29.00 -13.04
CA VAL D 57 -43.04 27.59 -13.41
C VAL D 57 -43.43 26.65 -12.24
N ARG D 58 -43.69 25.39 -12.57
CA ARG D 58 -44.37 24.44 -11.66
C ARG D 58 -43.70 24.15 -10.34
N VAL D 59 -42.37 24.09 -10.37
CA VAL D 59 -41.57 23.54 -9.28
C VAL D 59 -40.33 24.42 -9.01
N LYS D 60 -39.95 24.51 -7.74
CA LYS D 60 -38.95 25.47 -7.26
C LYS D 60 -37.68 24.75 -6.79
N THR D 61 -36.53 25.26 -7.23
CA THR D 61 -35.22 24.76 -6.83
C THR D 61 -34.62 25.60 -5.72
N TYR D 62 -33.88 24.96 -4.82
CA TYR D 62 -33.15 25.66 -3.76
C TYR D 62 -31.71 25.16 -3.70
N GLU D 63 -30.80 26.08 -3.38
CA GLU D 63 -29.44 25.72 -2.99
C GLU D 63 -29.53 25.02 -1.62
N PRO D 64 -28.65 24.01 -1.37
CA PRO D 64 -28.76 23.14 -0.18
C PRO D 64 -28.99 23.86 1.17
N GLU D 65 -28.06 24.71 1.60
CA GLU D 65 -28.20 25.35 2.91
C GLU D 65 -29.36 26.37 3.03
N ALA D 66 -30.17 26.55 1.98
CA ALA D 66 -31.40 27.35 2.08
C ALA D 66 -32.49 26.67 2.92
N ILE D 67 -32.87 25.45 2.56
CA ILE D 67 -33.97 24.74 3.23
C ILE D 67 -33.45 23.84 4.36
N TRP D 68 -34.40 23.29 5.11
CA TRP D 68 -34.10 22.24 6.11
C TRP D 68 -34.02 20.92 5.38
N ILE D 69 -32.91 20.23 5.58
CA ILE D 69 -32.65 18.91 5.00
C ILE D 69 -32.31 17.93 6.13
N PRO D 70 -32.88 16.69 6.10
CA PRO D 70 -32.69 15.78 7.24
C PRO D 70 -31.29 15.18 7.34
N GLU D 71 -30.84 14.98 8.57
CA GLU D 71 -29.54 14.35 8.83
C GLU D 71 -29.59 12.87 8.53
N ILE D 72 -29.48 12.52 7.24
CA ILE D 72 -29.38 11.13 6.76
C ILE D 72 -27.89 10.81 6.75
N ARG D 73 -27.51 9.73 7.44
CA ARG D 73 -26.11 9.31 7.52
C ARG D 73 -26.02 7.78 7.35
N PHE D 74 -24.96 7.31 6.68
CA PHE D 74 -24.69 5.86 6.50
C PHE D 74 -24.10 5.31 7.79
N VAL D 75 -24.47 4.09 8.14
CA VAL D 75 -24.06 3.55 9.41
C VAL D 75 -22.74 2.87 9.29
N ASN D 76 -22.67 1.94 8.34
CA ASN D 76 -21.60 0.96 8.27
C ASN D 76 -20.62 1.37 7.18
N VAL D 77 -20.01 2.53 7.41
CA VAL D 77 -18.95 3.05 6.55
C VAL D 77 -17.75 3.55 7.39
N GLU D 78 -16.58 3.54 6.75
CA GLU D 78 -15.33 4.00 7.35
C GLU D 78 -15.14 5.46 6.96
N ASN D 79 -15.18 5.68 5.64
CA ASN D 79 -15.18 7.00 5.04
C ASN D 79 -16.62 7.53 5.11
N ALA D 80 -16.87 8.45 6.07
CA ALA D 80 -18.09 9.26 6.11
C ALA D 80 -18.31 9.96 4.74
N ARG D 81 -19.42 9.63 4.07
CA ARG D 81 -19.56 9.74 2.59
C ARG D 81 -19.13 11.07 1.89
N ASP D 82 -18.48 10.94 0.73
CA ASP D 82 -18.20 12.07 -0.16
C ASP D 82 -19.39 12.25 -1.08
N ALA D 83 -20.10 13.39 -0.96
CA ALA D 83 -21.32 13.66 -1.73
C ALA D 83 -21.35 15.02 -2.47
N ASP D 84 -21.82 15.05 -3.73
CA ASP D 84 -22.24 16.29 -4.40
C ASP D 84 -23.73 16.32 -4.31
N VAL D 85 -24.29 17.51 -4.14
CA VAL D 85 -25.73 17.69 -4.22
C VAL D 85 -26.06 17.91 -5.70
N VAL D 86 -27.10 17.23 -6.18
CA VAL D 86 -27.43 17.16 -7.61
C VAL D 86 -28.65 18.03 -7.94
N ASP D 87 -29.72 17.84 -7.21
CA ASP D 87 -30.91 18.68 -7.37
C ASP D 87 -31.69 18.68 -6.07
N ILE D 88 -32.25 19.84 -5.72
CA ILE D 88 -33.31 19.93 -4.71
C ILE D 88 -34.51 20.59 -5.38
N SER D 89 -35.57 19.81 -5.63
CA SER D 89 -36.82 20.31 -6.25
C SER D 89 -37.93 20.27 -5.19
N VAL D 90 -38.63 21.39 -5.01
CA VAL D 90 -39.76 21.45 -4.09
C VAL D 90 -41.01 21.50 -4.94
N SER D 91 -41.87 20.49 -4.78
CA SER D 91 -43.19 20.47 -5.42
C SER D 91 -44.17 21.45 -4.73
N PRO D 92 -45.15 22.00 -5.48
CA PRO D 92 -46.18 22.96 -5.02
C PRO D 92 -46.66 22.74 -3.57
N ASP D 93 -46.89 21.48 -3.22
CA ASP D 93 -47.48 21.09 -1.92
C ASP D 93 -46.52 20.97 -0.71
N GLY D 94 -45.33 21.56 -0.82
CA GLY D 94 -44.32 21.51 0.24
C GLY D 94 -43.49 20.23 0.31
N THR D 95 -43.62 19.35 -0.69
CA THR D 95 -42.89 18.09 -0.73
C THR D 95 -41.56 18.34 -1.46
N VAL D 96 -40.47 17.93 -0.81
CA VAL D 96 -39.11 18.16 -1.30
C VAL D 96 -38.60 16.89 -1.97
N GLN D 97 -37.80 17.09 -3.01
CA GLN D 97 -37.07 16.03 -3.74
C GLN D 97 -35.58 16.33 -3.70
N TYR D 98 -34.84 15.62 -2.85
CA TYR D 98 -33.39 15.78 -2.70
C TYR D 98 -32.69 14.67 -3.45
N LEU D 99 -31.62 15.05 -4.16
CA LEU D 99 -30.77 14.08 -4.82
C LEU D 99 -29.32 14.47 -4.71
N GLU D 100 -28.54 13.56 -4.13
CA GLU D 100 -27.10 13.64 -4.14
C GLU D 100 -26.58 12.41 -4.83
N ARG D 101 -25.40 12.54 -5.40
CA ARG D 101 -24.62 11.39 -5.79
C ARG D 101 -23.51 11.30 -4.74
N PHE D 102 -23.28 10.10 -4.21
CA PHE D 102 -22.28 9.89 -3.18
C PHE D 102 -21.44 8.73 -3.61
N SER D 103 -20.29 8.60 -2.93
CA SER D 103 -19.49 7.38 -2.97
C SER D 103 -18.86 7.19 -1.60
N ALA D 104 -18.85 5.95 -1.13
CA ALA D 104 -18.35 5.63 0.21
C ALA D 104 -17.79 4.23 0.27
N ARG D 105 -16.99 4.00 1.31
CA ARG D 105 -16.41 2.70 1.56
C ARG D 105 -17.23 2.05 2.66
N VAL D 106 -17.92 0.98 2.28
CA VAL D 106 -18.87 0.26 3.12
C VAL D 106 -18.20 -0.96 3.76
N LEU D 107 -18.59 -1.27 4.98
CA LEU D 107 -17.95 -2.26 5.78
C LEU D 107 -19.00 -3.31 6.11
N SER D 108 -19.29 -4.20 5.15
CA SER D 108 -20.14 -5.37 5.42
C SER D 108 -19.29 -6.64 5.53
N PRO D 109 -19.54 -7.47 6.58
CA PRO D 109 -18.83 -8.73 6.74
C PRO D 109 -19.31 -9.76 5.72
N LEU D 110 -18.39 -10.67 5.39
CA LEU D 110 -18.57 -11.73 4.43
C LEU D 110 -18.38 -13.07 5.15
N ASP D 111 -19.17 -14.07 4.78
CA ASP D 111 -19.07 -15.41 5.37
C ASP D 111 -18.35 -16.34 4.41
N PHE D 112 -17.15 -16.75 4.82
CA PHE D 112 -16.21 -17.49 3.99
C PHE D 112 -16.31 -19.00 4.07
N ARG D 113 -17.22 -19.52 4.89
CA ARG D 113 -17.41 -20.98 5.02
C ARG D 113 -17.29 -21.69 3.68
N ARG D 114 -17.98 -21.17 2.66
CA ARG D 114 -18.04 -21.84 1.37
C ARG D 114 -17.08 -21.31 0.33
N TYR D 115 -16.01 -20.65 0.75
CA TYR D 115 -15.05 -20.07 -0.20
C TYR D 115 -14.37 -21.20 -0.99
N PRO D 116 -14.15 -21.04 -2.31
CA PRO D 116 -14.47 -19.87 -3.10
C PRO D 116 -15.76 -20.10 -3.88
N PHE D 117 -16.70 -20.82 -3.27
CA PHE D 117 -18.01 -21.07 -3.87
C PHE D 117 -19.11 -20.31 -3.14
N ASP D 118 -18.74 -19.23 -2.47
CA ASP D 118 -19.63 -18.56 -1.54
C ASP D 118 -20.46 -17.53 -2.28
N SER D 119 -21.52 -17.14 -1.61
CA SER D 119 -22.25 -15.95 -1.93
C SER D 119 -22.37 -15.10 -0.70
N GLN D 120 -22.70 -13.84 -0.93
CA GLN D 120 -22.78 -12.89 0.15
C GLN D 120 -24.00 -12.01 0.00
N THR D 121 -24.35 -11.43 1.15
CA THR D 121 -25.34 -10.38 1.27
C THR D 121 -24.64 -9.14 1.87
N LEU D 122 -24.26 -8.20 1.01
CA LEU D 122 -23.73 -6.92 1.44
C LEU D 122 -24.87 -6.03 2.01
N HIS D 123 -24.49 -5.04 2.80
CA HIS D 123 -25.42 -4.25 3.61
C HIS D 123 -25.02 -2.77 3.58
N ILE D 124 -25.91 -1.90 3.13
CA ILE D 124 -25.68 -0.47 3.24
C ILE D 124 -26.76 0.04 4.17
N TYR D 125 -26.42 0.29 5.44
CA TYR D 125 -27.42 0.77 6.44
C TYR D 125 -27.55 2.30 6.44
N LEU D 126 -28.78 2.79 6.27
CA LEU D 126 -29.12 4.23 6.33
C LEU D 126 -29.76 4.54 7.65
N ILE D 127 -29.37 5.65 8.25
CA ILE D 127 -29.91 6.04 9.53
C ILE D 127 -30.40 7.49 9.43
N VAL D 128 -31.19 7.90 10.42
CA VAL D 128 -31.51 9.32 10.66
C VAL D 128 -31.77 9.53 12.13
N ARG D 129 -31.14 10.53 12.73
CA ARG D 129 -31.38 10.81 14.14
C ARG D 129 -32.54 11.77 14.28
N SER D 130 -33.39 11.49 15.27
CA SER D 130 -34.62 12.24 15.51
C SER D 130 -34.34 13.44 16.42
N VAL D 131 -34.85 14.62 16.03
CA VAL D 131 -34.53 15.93 16.70
C VAL D 131 -35.43 16.16 17.92
N ASP D 132 -35.00 17.12 18.76
CA ASP D 132 -35.84 17.67 19.86
C ASP D 132 -37.33 17.88 19.53
N THR D 133 -37.61 18.69 18.50
CA THR D 133 -38.95 19.19 18.20
C THR D 133 -39.87 18.09 17.60
N ARG D 134 -39.33 17.15 16.83
CA ARG D 134 -40.07 15.97 16.40
C ARG D 134 -39.21 14.74 15.96
N ASN D 135 -39.85 13.59 16.11
CA ASN D 135 -39.39 12.32 15.61
C ASN D 135 -39.27 12.27 14.08
N ILE D 136 -38.31 11.47 13.58
CA ILE D 136 -38.14 11.22 12.14
C ILE D 136 -38.03 9.71 11.86
N VAL D 137 -38.68 9.31 10.77
CA VAL D 137 -38.67 7.94 10.27
C VAL D 137 -38.29 7.94 8.79
N LEU D 138 -37.58 6.88 8.40
CA LEU D 138 -37.23 6.62 7.00
C LEU D 138 -38.20 5.63 6.40
N ALA D 139 -38.31 5.65 5.08
CA ALA D 139 -38.97 4.57 4.37
C ALA D 139 -38.53 4.58 2.92
N VAL D 140 -38.80 3.47 2.25
CA VAL D 140 -38.24 3.18 0.94
C VAL D 140 -39.12 3.69 -0.18
N ASP D 141 -38.57 4.49 -1.10
CA ASP D 141 -39.29 4.85 -2.33
C ASP D 141 -38.91 3.81 -3.40
N LEU D 142 -39.57 2.65 -3.34
CA LEU D 142 -39.20 1.49 -4.16
C LEU D 142 -38.89 1.78 -5.64
N GLU D 143 -39.39 2.88 -6.21
CA GLU D 143 -39.06 3.25 -7.61
C GLU D 143 -37.76 4.02 -7.79
N LYS D 144 -37.18 4.51 -6.69
CA LYS D 144 -35.88 5.20 -6.72
C LYS D 144 -34.72 4.31 -6.16
N VAL D 145 -34.89 2.98 -6.27
CA VAL D 145 -33.90 1.97 -5.84
C VAL D 145 -33.55 1.07 -7.04
N GLY D 146 -32.29 1.04 -7.45
CA GLY D 146 -31.88 0.16 -8.54
C GLY D 146 -30.39 0.06 -8.66
N LYS D 147 -29.93 -0.30 -9.86
CA LYS D 147 -28.50 -0.34 -10.21
C LYS D 147 -28.30 -0.23 -11.72
N ASN D 148 -27.06 0.02 -12.15
CA ASN D 148 -26.76 0.13 -13.60
C ASN D 148 -26.67 -1.26 -14.27
N ASP D 149 -26.83 -1.28 -15.58
CA ASP D 149 -26.46 -2.43 -16.41
C ASP D 149 -24.95 -2.44 -16.67
N ASP D 150 -24.27 -1.31 -16.49
CA ASP D 150 -22.81 -1.29 -16.44
C ASP D 150 -22.25 -2.12 -15.24
N VAL D 151 -22.81 -1.93 -14.03
CA VAL D 151 -22.18 -2.30 -12.71
C VAL D 151 -21.54 -3.70 -12.71
N PHE D 152 -20.23 -3.74 -12.53
CA PHE D 152 -19.48 -5.00 -12.51
C PHE D 152 -18.56 -4.96 -11.29
N LEU D 153 -18.71 -5.96 -10.45
CA LEU D 153 -17.87 -6.14 -9.29
C LEU D 153 -16.94 -7.28 -9.65
N THR D 154 -15.75 -6.96 -10.15
CA THR D 154 -14.81 -7.96 -10.67
C THR D 154 -14.67 -9.15 -9.72
N GLY D 155 -14.88 -10.35 -10.26
CA GLY D 155 -14.81 -11.58 -9.46
C GLY D 155 -16.09 -11.93 -8.71
N TRP D 156 -17.18 -11.22 -8.98
CA TRP D 156 -18.49 -11.56 -8.44
C TRP D 156 -19.60 -11.32 -9.43
N ASP D 157 -20.64 -12.15 -9.38
CA ASP D 157 -21.88 -11.83 -10.07
C ASP D 157 -22.80 -11.17 -9.05
N ILE D 158 -23.66 -10.30 -9.55
CA ILE D 158 -24.51 -9.49 -8.70
C ILE D 158 -25.95 -9.93 -8.93
N GLU D 159 -26.60 -10.41 -7.87
CA GLU D 159 -28.00 -10.91 -7.93
C GLU D 159 -29.02 -9.78 -7.86
N SER D 160 -29.17 -9.22 -6.66
CA SER D 160 -30.24 -8.30 -6.37
C SER D 160 -29.68 -7.08 -5.66
N PHE D 161 -30.34 -5.95 -5.84
CA PHE D 161 -30.21 -4.86 -4.90
C PHE D 161 -31.63 -4.47 -4.52
N THR D 162 -31.99 -4.82 -3.30
CA THR D 162 -33.32 -4.61 -2.74
C THR D 162 -33.20 -3.83 -1.43
N ALA D 163 -34.31 -3.56 -0.78
CA ALA D 163 -34.27 -2.89 0.52
C ALA D 163 -35.36 -3.39 1.46
N VAL D 164 -34.98 -3.72 2.69
CA VAL D 164 -35.93 -4.13 3.74
C VAL D 164 -36.78 -2.92 4.06
N VAL D 165 -37.98 -2.95 3.49
CA VAL D 165 -38.95 -1.85 3.54
C VAL D 165 -39.24 -1.28 4.93
N LYS D 166 -39.34 -2.16 5.92
CA LYS D 166 -39.64 -1.74 7.30
C LYS D 166 -38.38 -1.35 8.12
N PRO D 167 -38.20 -0.05 8.42
CA PRO D 167 -37.07 0.36 9.25
C PRO D 167 -37.32 0.09 10.72
N ALA D 168 -36.53 -0.78 11.33
CA ALA D 168 -36.60 -0.95 12.79
C ALA D 168 -35.95 0.28 13.41
N ASN D 169 -36.72 0.94 14.29
CA ASN D 169 -36.30 2.17 14.96
C ASN D 169 -36.14 1.85 16.42
N PHE D 170 -35.44 2.74 17.14
CA PHE D 170 -34.93 2.41 18.48
C PHE D 170 -34.30 3.61 19.14
N ALA D 171 -34.09 3.46 20.44
CA ALA D 171 -33.57 4.53 21.27
C ALA D 171 -32.07 4.38 21.39
N LEU D 172 -31.37 5.46 21.04
CA LEU D 172 -29.92 5.52 21.16
C LEU D 172 -29.55 6.81 21.90
N GLU D 173 -28.89 6.67 23.05
CA GLU D 173 -28.57 7.81 23.92
C GLU D 173 -29.76 8.79 23.98
N ASP D 174 -30.84 8.39 24.67
CA ASP D 174 -32.00 9.26 24.97
C ASP D 174 -32.99 9.59 23.83
N ARG D 175 -32.52 9.71 22.57
CA ARG D 175 -33.41 10.01 21.43
C ARG D 175 -33.62 8.81 20.51
N LEU D 176 -34.61 8.92 19.64
CA LEU D 176 -34.90 7.88 18.68
C LEU D 176 -34.00 8.04 17.45
N GLU D 177 -33.66 6.91 16.84
CA GLU D 177 -32.94 6.82 15.56
C GLU D 177 -33.71 5.80 14.68
N SER D 178 -33.93 6.11 13.39
CA SER D 178 -34.61 5.18 12.45
C SER D 178 -33.64 4.65 11.39
N LYS D 179 -33.52 3.32 11.29
CA LYS D 179 -32.45 2.65 10.52
C LYS D 179 -33.03 1.77 9.41
N LEU D 180 -32.69 2.06 8.16
CA LEU D 180 -33.08 1.22 7.03
C LEU D 180 -31.98 0.25 6.74
N ASP D 181 -32.27 -0.71 5.86
CA ASP D 181 -31.32 -1.76 5.44
C ASP D 181 -31.39 -2.03 3.93
N TYR D 182 -30.39 -1.59 3.18
CA TYR D 182 -30.28 -1.92 1.74
C TYR D 182 -29.38 -3.12 1.54
N GLN D 183 -29.78 -4.04 0.64
CA GLN D 183 -29.14 -5.36 0.53
C GLN D 183 -28.69 -5.76 -0.87
N LEU D 184 -27.37 -5.75 -1.05
CA LEU D 184 -26.71 -6.16 -2.28
C LEU D 184 -26.19 -7.59 -2.14
N ARG D 185 -26.79 -8.51 -2.90
CA ARG D 185 -26.43 -9.93 -2.87
C ARG D 185 -25.53 -10.23 -4.04
N ILE D 186 -24.50 -11.03 -3.77
CA ILE D 186 -23.50 -11.36 -4.77
C ILE D 186 -23.03 -12.77 -4.58
N SER D 187 -22.52 -13.34 -5.68
CA SER D 187 -22.02 -14.71 -5.74
C SER D 187 -20.66 -14.74 -6.39
N ARG D 188 -19.72 -15.44 -5.77
CA ARG D 188 -18.36 -15.38 -6.24
C ARG D 188 -18.20 -16.13 -7.56
N GLN D 189 -17.48 -15.50 -8.50
CA GLN D 189 -17.03 -16.16 -9.72
C GLN D 189 -15.90 -17.16 -9.47
N TYR D 190 -16.29 -18.39 -9.17
CA TYR D 190 -15.39 -19.48 -8.77
C TYR D 190 -14.52 -20.10 -9.91
N PHE D 191 -14.84 -19.84 -11.18
CA PHE D 191 -14.10 -20.45 -12.31
C PHE D 191 -12.59 -20.32 -12.19
N SER D 192 -12.14 -19.08 -11.98
CA SER D 192 -10.70 -18.78 -11.79
C SER D 192 -9.98 -19.84 -10.95
N TYR D 193 -10.61 -20.26 -9.85
CA TYR D 193 -9.99 -21.12 -8.85
C TYR D 193 -9.74 -22.56 -9.27
N ILE D 194 -10.41 -23.05 -10.32
CA ILE D 194 -10.21 -24.44 -10.78
C ILE D 194 -8.80 -24.64 -11.33
N PRO D 195 -8.45 -23.97 -12.45
CA PRO D 195 -7.15 -24.16 -13.09
C PRO D 195 -6.00 -23.35 -12.47
N ASN D 196 -6.31 -22.53 -11.48
CA ASN D 196 -5.30 -21.69 -10.83
C ASN D 196 -4.89 -22.26 -9.50
N ILE D 197 -5.84 -22.83 -8.74
CA ILE D 197 -5.54 -23.38 -7.41
C ILE D 197 -5.83 -24.89 -7.26
N ILE D 198 -6.99 -25.36 -7.70
CA ILE D 198 -7.41 -26.72 -7.36
C ILE D 198 -6.67 -27.76 -8.23
N LEU D 199 -6.74 -27.62 -9.55
CA LEU D 199 -6.15 -28.62 -10.42
C LEU D 199 -4.64 -28.78 -10.22
N PRO D 200 -3.91 -27.67 -10.10
CA PRO D 200 -2.49 -27.78 -9.80
C PRO D 200 -2.27 -28.40 -8.46
N MET D 201 -2.94 -27.87 -7.45
CA MET D 201 -2.76 -28.41 -6.09
C MET D 201 -3.01 -29.93 -6.02
N LEU D 202 -3.83 -30.42 -6.95
CA LEU D 202 -4.09 -31.86 -7.10
C LEU D 202 -3.00 -32.57 -7.84
N PHE D 203 -2.60 -32.06 -9.00
CA PHE D 203 -1.47 -32.69 -9.70
C PHE D 203 -0.24 -32.89 -8.79
N ILE D 204 0.13 -31.85 -8.02
CA ILE D 204 1.31 -31.96 -7.14
C ILE D 204 1.08 -32.97 -6.04
N LEU D 205 -0.18 -33.17 -5.67
CA LEU D 205 -0.54 -34.24 -4.75
C LEU D 205 -0.42 -35.60 -5.43
N PHE D 206 -0.93 -35.70 -6.64
CA PHE D 206 -0.93 -36.98 -7.36
C PHE D 206 0.48 -37.46 -7.65
N ILE D 207 1.34 -36.54 -8.05
CA ILE D 207 2.75 -36.84 -8.16
C ILE D 207 3.24 -37.53 -6.86
N SER D 208 2.96 -36.96 -5.67
CA SER D 208 3.35 -37.57 -4.37
C SER D 208 3.05 -39.06 -4.37
N TRP D 209 1.88 -39.41 -4.90
CA TRP D 209 1.42 -40.81 -4.95
C TRP D 209 2.16 -41.77 -5.91
N THR D 210 2.99 -41.22 -6.79
CA THR D 210 3.87 -42.08 -7.58
C THR D 210 4.91 -42.85 -6.74
N ALA D 211 5.07 -42.50 -5.47
CA ALA D 211 5.96 -43.26 -4.58
C ALA D 211 5.37 -44.58 -4.03
N PHE D 212 4.15 -44.91 -4.43
CA PHE D 212 3.58 -46.21 -4.17
C PHE D 212 4.01 -47.26 -5.22
N TRP D 213 4.32 -46.81 -6.45
CA TRP D 213 4.90 -47.66 -7.51
C TRP D 213 6.45 -47.60 -7.51
N SER D 214 7.03 -47.20 -6.39
CA SER D 214 8.46 -47.18 -6.24
C SER D 214 8.81 -47.76 -4.91
N THR D 215 10.03 -48.28 -4.87
CA THR D 215 10.59 -48.99 -3.72
C THR D 215 11.99 -48.46 -3.40
N SER D 216 12.23 -47.18 -3.71
CA SER D 216 13.51 -46.54 -3.54
C SER D 216 13.28 -45.37 -2.59
N TYR D 217 13.50 -45.60 -1.30
CA TYR D 217 13.34 -44.57 -0.24
C TYR D 217 14.07 -43.29 -0.66
N GLU D 218 15.34 -43.49 -0.97
CA GLU D 218 16.29 -42.49 -1.44
C GLU D 218 15.56 -41.47 -2.43
N ALA D 219 14.72 -42.02 -3.32
CA ALA D 219 13.90 -41.28 -4.26
C ALA D 219 12.53 -40.88 -3.75
N ASN D 220 11.85 -41.79 -3.05
CA ASN D 220 10.49 -41.55 -2.53
C ASN D 220 10.44 -40.37 -1.56
N VAL D 221 11.46 -40.27 -0.72
CA VAL D 221 11.56 -39.14 0.15
C VAL D 221 11.53 -37.88 -0.69
N THR D 222 12.42 -37.82 -1.68
CA THR D 222 12.42 -36.72 -2.64
C THR D 222 11.03 -36.47 -3.26
N LEU D 223 10.46 -37.47 -3.93
CA LEU D 223 9.07 -37.39 -4.41
C LEU D 223 8.08 -36.73 -3.45
N VAL D 224 7.92 -37.31 -2.26
CA VAL D 224 6.92 -36.81 -1.29
C VAL D 224 7.29 -35.48 -0.63
N VAL D 225 8.54 -35.30 -0.21
CA VAL D 225 8.92 -34.09 0.51
C VAL D 225 8.96 -32.87 -0.42
N SER D 226 9.42 -33.07 -1.64
CA SER D 226 9.46 -32.00 -2.64
C SER D 226 8.09 -31.49 -3.03
N THR D 227 7.22 -32.42 -3.35
CA THR D 227 5.84 -32.06 -3.62
C THR D 227 5.16 -31.40 -2.43
N LEU D 228 5.55 -31.76 -1.20
CA LEU D 228 5.05 -31.06 0.00
C LEU D 228 5.53 -29.62 0.05
N ILE D 229 6.77 -29.40 -0.38
CA ILE D 229 7.28 -28.05 -0.54
C ILE D 229 6.42 -27.30 -1.56
N ALA D 230 6.28 -27.88 -2.74
CA ALA D 230 5.42 -27.29 -3.76
C ALA D 230 4.00 -26.98 -3.25
N HIS D 231 3.44 -27.86 -2.45
CA HIS D 231 2.12 -27.64 -1.87
C HIS D 231 2.14 -26.48 -0.90
N ILE D 232 3.20 -26.37 -0.12
CA ILE D 232 3.32 -25.26 0.83
C ILE D 232 3.29 -23.94 0.06
N ALA D 233 3.90 -23.89 -1.13
CA ALA D 233 3.78 -22.71 -2.05
C ALA D 233 2.32 -22.14 -2.24
N PHE D 234 1.39 -23.09 -2.35
CA PHE D 234 -0.01 -22.84 -2.57
C PHE D 234 -0.85 -22.78 -1.26
N ASN D 235 -0.34 -23.19 -0.10
CA ASN D 235 -1.07 -22.92 1.16
C ASN D 235 -0.85 -21.49 1.60
N ILE D 236 0.40 -21.01 1.61
CA ILE D 236 0.68 -19.62 2.02
C ILE D 236 0.06 -18.60 0.98
N LEU D 237 -0.08 -18.97 -0.32
CA LEU D 237 -0.81 -18.12 -1.34
C LEU D 237 -2.35 -17.98 -1.10
N VAL D 238 -3.03 -19.05 -0.64
CA VAL D 238 -4.53 -19.08 -0.38
C VAL D 238 -4.89 -18.47 0.95
N GLU D 239 -4.06 -18.75 1.96
CA GLU D 239 -4.32 -18.39 3.35
C GLU D 239 -4.11 -16.89 3.67
N THR D 240 -3.49 -16.14 2.74
CA THR D 240 -3.40 -14.65 2.77
C THR D 240 -4.29 -13.84 1.74
N ASN D 241 -4.95 -14.51 0.77
CA ASN D 241 -6.14 -13.98 0.03
C ASN D 241 -7.28 -13.57 1.01
N LEU D 242 -7.47 -14.39 2.05
CA LEU D 242 -8.59 -14.36 3.00
C LEU D 242 -8.23 -13.85 4.36
N PRO D 243 -9.24 -13.42 5.13
CA PRO D 243 -8.97 -13.06 6.50
C PRO D 243 -8.97 -14.27 7.40
N LYS D 244 -8.39 -14.05 8.57
CA LYS D 244 -8.33 -15.03 9.64
C LYS D 244 -9.74 -15.14 10.18
N THR D 245 -10.43 -16.14 9.67
CA THR D 245 -11.69 -16.53 10.18
C THR D 245 -11.48 -17.38 11.45
N PRO D 246 -12.36 -17.19 12.45
CA PRO D 246 -12.40 -18.07 13.60
C PRO D 246 -13.27 -19.32 13.37
N TYR D 247 -13.78 -19.51 12.16
CA TYR D 247 -14.56 -20.67 11.78
C TYR D 247 -13.88 -21.31 10.61
N MET D 248 -14.10 -22.61 10.38
CA MET D 248 -13.38 -23.31 9.32
C MET D 248 -13.91 -23.02 7.91
N THR D 249 -13.05 -22.46 7.04
CA THR D 249 -13.36 -22.37 5.61
C THR D 249 -13.31 -23.75 4.97
N TYR D 250 -14.03 -23.87 3.86
CA TYR D 250 -14.09 -25.13 3.12
C TYR D 250 -12.79 -25.43 2.37
N THR D 251 -12.27 -24.43 1.64
CA THR D 251 -10.92 -24.49 1.02
C THR D 251 -9.85 -24.80 2.07
N GLY D 252 -10.00 -24.22 3.25
CA GLY D 252 -9.02 -24.38 4.31
C GLY D 252 -9.00 -25.77 4.88
N ALA D 253 -10.18 -26.38 4.96
CA ALA D 253 -10.31 -27.76 5.32
C ALA D 253 -9.60 -28.65 4.31
N ILE D 254 -10.04 -28.57 3.06
CA ILE D 254 -9.40 -29.31 1.96
C ILE D 254 -7.90 -29.24 2.04
N ILE D 255 -7.40 -28.01 2.15
CA ILE D 255 -5.98 -27.76 2.25
C ILE D 255 -5.36 -28.39 3.48
N PHE D 256 -5.98 -28.18 4.63
CA PHE D 256 -5.47 -28.81 5.86
C PHE D 256 -5.52 -30.34 5.82
N MET D 257 -6.55 -30.88 5.21
CA MET D 257 -6.63 -32.32 5.08
C MET D 257 -5.50 -32.86 4.17
N ILE D 258 -5.15 -32.11 3.14
CA ILE D 258 -4.04 -32.47 2.26
C ILE D 258 -2.74 -32.60 3.07
N TYR D 259 -2.50 -31.73 4.02
CA TYR D 259 -1.32 -31.88 4.89
C TYR D 259 -1.22 -33.22 5.65
N LEU D 260 -2.28 -34.04 5.64
CA LEU D 260 -2.20 -35.42 6.17
C LEU D 260 -1.77 -36.37 5.09
N PHE D 261 -2.37 -36.23 3.92
CA PHE D 261 -2.08 -37.12 2.80
C PHE D 261 -0.62 -37.00 2.28
N TYR D 262 0.07 -35.99 2.80
CA TYR D 262 1.50 -35.91 2.71
C TYR D 262 2.05 -36.59 3.95
N PHE D 263 1.56 -36.23 5.13
CA PHE D 263 2.09 -36.81 6.37
C PHE D 263 2.02 -38.32 6.43
N VAL D 264 0.84 -38.82 6.12
CA VAL D 264 0.55 -40.24 6.08
C VAL D 264 1.31 -40.95 4.94
N ALA D 265 1.40 -40.32 3.78
CA ALA D 265 2.28 -40.82 2.69
C ALA D 265 3.72 -41.03 3.18
N VAL D 266 4.30 -40.04 3.84
CA VAL D 266 5.61 -40.19 4.44
C VAL D 266 5.61 -41.43 5.35
N ILE D 267 4.58 -41.59 6.19
CA ILE D 267 4.52 -42.70 7.12
C ILE D 267 4.64 -44.01 6.33
N GLU D 268 3.74 -44.21 5.37
CA GLU D 268 3.75 -45.41 4.50
C GLU D 268 5.11 -45.66 3.93
N VAL D 269 5.70 -44.59 3.39
CA VAL D 269 6.99 -44.69 2.70
C VAL D 269 8.04 -45.07 3.69
N THR D 270 8.05 -44.35 4.82
CA THR D 270 9.01 -44.56 5.88
C THR D 270 8.94 -46.02 6.39
N VAL D 271 7.72 -46.58 6.39
CA VAL D 271 7.42 -47.99 6.75
C VAL D 271 7.87 -49.03 5.73
N GLN D 272 7.38 -48.91 4.50
CA GLN D 272 7.84 -49.74 3.39
C GLN D 272 9.37 -49.87 3.43
N HIS D 273 10.08 -48.74 3.50
CA HIS D 273 11.53 -48.76 3.71
C HIS D 273 11.90 -49.48 5.00
N TYR D 274 11.25 -49.18 6.12
CA TYR D 274 11.62 -49.85 7.38
C TYR D 274 11.62 -51.38 7.26
N LEU D 275 10.47 -51.92 6.85
CA LEU D 275 10.29 -53.37 6.69
C LEU D 275 11.32 -54.01 5.77
N LYS D 276 11.67 -53.33 4.70
CA LYS D 276 12.67 -53.83 3.77
C LYS D 276 14.09 -53.88 4.36
N VAL D 277 14.40 -53.10 5.39
CA VAL D 277 15.63 -53.32 6.18
C VAL D 277 15.39 -54.50 7.16
N GLU D 278 14.17 -54.63 7.67
CA GLU D 278 13.80 -55.76 8.54
C GLU D 278 13.45 -57.08 7.80
N SER D 279 13.56 -57.08 6.47
CA SER D 279 13.32 -58.28 5.64
C SER D 279 11.91 -58.88 5.83
N GLN D 280 10.92 -58.13 5.38
CA GLN D 280 9.61 -58.67 5.03
C GLN D 280 9.11 -58.08 3.72
N PRO D 281 9.98 -57.93 2.69
CA PRO D 281 9.54 -57.36 1.43
C PRO D 281 8.14 -57.73 0.98
N ALA D 282 7.63 -58.91 1.37
CA ALA D 282 6.23 -59.25 1.14
C ALA D 282 5.30 -58.26 1.83
N ARG D 283 5.41 -58.17 3.15
CA ARG D 283 4.54 -57.31 3.98
C ARG D 283 4.71 -55.82 3.66
N ALA D 284 5.95 -55.40 3.47
CA ALA D 284 6.27 -54.07 2.97
C ALA D 284 5.48 -53.76 1.71
N ALA D 285 5.71 -54.50 0.64
CA ALA D 285 5.08 -54.20 -0.63
C ALA D 285 3.67 -54.83 -0.75
N SER D 286 3.11 -55.31 0.36
CA SER D 286 1.64 -55.47 0.44
C SER D 286 1.03 -54.10 0.67
N ILE D 287 1.48 -53.47 1.76
CA ILE D 287 1.12 -52.13 2.14
C ILE D 287 1.22 -51.22 0.90
N THR D 288 2.42 -51.12 0.33
CA THR D 288 2.69 -50.21 -0.79
C THR D 288 1.65 -50.42 -1.91
N ARG D 289 1.33 -51.67 -2.19
CA ARG D 289 0.35 -51.99 -3.25
C ARG D 289 -1.05 -51.64 -2.83
N ALA D 290 -1.35 -51.85 -1.55
CA ALA D 290 -2.63 -51.41 -0.97
C ALA D 290 -2.86 -49.91 -1.18
N SER D 291 -1.92 -49.15 -0.64
CA SER D 291 -1.92 -47.69 -0.75
C SER D 291 -2.30 -47.21 -2.14
N ARG D 292 -1.73 -47.84 -3.17
CA ARG D 292 -2.06 -47.50 -4.54
C ARG D 292 -3.56 -47.30 -4.79
N ILE D 293 -4.40 -47.94 -3.99
CA ILE D 293 -5.84 -47.70 -4.02
C ILE D 293 -6.32 -46.96 -2.77
N ALA D 294 -5.85 -47.36 -1.57
CA ALA D 294 -6.25 -46.71 -0.27
C ALA D 294 -6.29 -45.18 -0.31
N PHE D 295 -5.25 -44.61 -0.90
CA PHE D 295 -5.08 -43.18 -0.92
C PHE D 295 -6.13 -42.51 -1.82
N PRO D 296 -6.15 -42.80 -3.14
CA PRO D 296 -7.18 -42.23 -4.04
C PRO D 296 -8.62 -42.43 -3.58
N VAL D 297 -8.87 -43.59 -2.97
CA VAL D 297 -10.17 -43.90 -2.35
C VAL D 297 -10.43 -43.00 -1.17
N VAL D 298 -9.63 -43.12 -0.12
CA VAL D 298 -9.87 -42.36 1.09
C VAL D 298 -9.99 -40.86 0.78
N PHE D 299 -9.29 -40.39 -0.26
CA PHE D 299 -9.43 -39.00 -0.74
C PHE D 299 -10.82 -38.72 -1.33
N LEU D 300 -11.28 -39.56 -2.26
CA LEU D 300 -12.60 -39.34 -2.92
C LEU D 300 -13.76 -39.50 -1.97
N LEU D 301 -13.60 -40.38 -0.98
CA LEU D 301 -14.51 -40.45 0.15
C LEU D 301 -14.49 -39.13 0.89
N ALA D 302 -13.33 -38.82 1.47
CA ALA D 302 -13.22 -37.74 2.44
C ALA D 302 -13.43 -36.35 1.87
N ASN D 303 -13.21 -36.16 0.57
CA ASN D 303 -13.63 -34.90 -0.09
C ASN D 303 -15.15 -34.82 -0.23
N ILE D 304 -15.77 -35.98 -0.46
CA ILE D 304 -17.22 -36.13 -0.51
C ILE D 304 -17.85 -36.08 0.90
N ILE D 305 -17.20 -36.65 1.92
CA ILE D 305 -17.56 -36.39 3.32
C ILE D 305 -17.63 -34.88 3.56
N LEU D 306 -16.55 -34.16 3.21
CA LEU D 306 -16.47 -32.71 3.43
C LEU D 306 -17.47 -31.97 2.58
N ALA D 307 -17.40 -32.17 1.26
CA ALA D 307 -18.37 -31.57 0.35
C ALA D 307 -19.79 -31.54 0.95
N PHE D 308 -20.27 -32.70 1.36
CA PHE D 308 -21.58 -32.79 2.02
C PHE D 308 -21.60 -31.95 3.31
N LEU D 309 -20.69 -32.25 4.25
CA LEU D 309 -20.48 -31.47 5.49
C LEU D 309 -20.52 -29.93 5.36
N PHE D 310 -20.25 -29.40 4.17
CA PHE D 310 -20.17 -27.95 3.93
C PHE D 310 -21.29 -27.39 3.03
N PHE D 311 -22.18 -28.25 2.50
CA PHE D 311 -23.15 -27.83 1.47
C PHE D 311 -24.55 -28.47 1.72
N VAL E 1 -27.94 31.49 -9.73
CA VAL E 1 -28.54 31.45 -11.10
C VAL E 1 -29.44 30.22 -11.20
N SER E 2 -29.74 29.85 -12.44
CA SER E 2 -30.56 28.70 -12.88
C SER E 2 -30.51 28.83 -14.41
N PRO E 3 -30.89 27.77 -15.16
CA PRO E 3 -30.40 27.60 -16.55
C PRO E 3 -30.87 28.64 -17.58
N PRO E 4 -30.33 28.59 -18.83
CA PRO E 4 -30.89 29.44 -19.91
C PRO E 4 -32.29 29.02 -20.28
N PRO E 5 -33.24 29.99 -20.35
CA PRO E 5 -34.60 29.59 -20.73
C PRO E 5 -34.67 29.19 -22.23
N PRO E 6 -35.46 28.13 -22.58
CA PRO E 6 -35.49 27.63 -23.98
C PRO E 6 -36.28 28.54 -24.93
N ILE E 7 -35.60 29.20 -25.88
CA ILE E 7 -36.30 30.14 -26.80
C ILE E 7 -37.45 29.43 -27.54
N ALA E 8 -37.19 28.24 -28.08
CA ALA E 8 -38.24 27.38 -28.64
C ALA E 8 -38.73 26.42 -27.51
N ASP E 9 -38.81 25.13 -27.77
CA ASP E 9 -38.93 24.13 -26.71
C ASP E 9 -37.80 23.10 -26.90
N GLU E 10 -36.63 23.58 -27.34
CA GLU E 10 -35.50 22.72 -27.67
C GLU E 10 -34.74 22.32 -26.38
N PRO E 11 -34.06 21.16 -26.39
CA PRO E 11 -33.14 20.90 -25.29
C PRO E 11 -31.83 21.70 -25.53
N LEU E 12 -31.01 21.89 -24.49
CA LEU E 12 -29.71 22.62 -24.61
C LEU E 12 -28.52 21.72 -24.99
N THR E 13 -27.88 21.96 -26.14
CA THR E 13 -26.66 21.22 -26.49
C THR E 13 -25.49 21.86 -25.71
N VAL E 14 -24.69 21.02 -25.05
CA VAL E 14 -23.45 21.41 -24.36
C VAL E 14 -22.24 20.76 -25.03
N ASN E 15 -21.26 21.59 -25.40
CA ASN E 15 -20.20 21.19 -26.32
C ASN E 15 -18.89 20.81 -25.61
N THR E 16 -18.74 19.49 -25.45
CA THR E 16 -17.72 18.85 -24.64
C THR E 16 -16.46 18.47 -25.41
N GLY E 17 -15.31 18.54 -24.72
CA GLY E 17 -14.02 18.04 -25.24
C GLY E 17 -12.98 17.72 -24.16
N ILE E 18 -12.34 16.55 -24.27
CA ILE E 18 -11.35 16.11 -23.31
C ILE E 18 -9.99 16.05 -23.98
N TYR E 19 -9.01 16.79 -23.46
CA TYR E 19 -7.65 16.76 -24.01
C TYR E 19 -6.66 16.26 -22.98
N LEU E 20 -6.14 15.05 -23.24
CA LEU E 20 -5.34 14.31 -22.26
C LEU E 20 -3.95 14.91 -22.18
N ILE E 21 -3.56 15.25 -20.96
CA ILE E 21 -2.24 15.78 -20.70
C ILE E 21 -1.34 14.71 -20.09
N GLU E 22 -1.91 13.81 -19.28
CA GLU E 22 -1.23 12.62 -18.72
C GLU E 22 -2.18 11.41 -18.66
N CYS E 23 -1.74 10.23 -19.12
CA CYS E 23 -2.35 8.98 -18.67
C CYS E 23 -1.26 8.32 -17.86
N TYR E 24 -1.63 7.70 -16.74
CA TYR E 24 -0.68 6.96 -15.90
C TYR E 24 -1.36 5.95 -14.98
N SER E 25 -0.59 5.02 -14.42
CA SER E 25 -1.09 4.00 -13.49
C SER E 25 -2.23 3.13 -14.04
N LEU E 26 -2.00 2.51 -15.20
CA LEU E 26 -2.96 1.53 -15.65
C LEU E 26 -2.74 0.38 -14.73
N ASP E 27 -3.71 0.15 -13.84
CA ASP E 27 -3.64 -0.94 -12.85
C ASP E 27 -4.49 -2.13 -13.29
N ASP E 28 -3.84 -3.12 -13.91
CA ASP E 28 -4.49 -4.34 -14.41
C ASP E 28 -5.39 -5.05 -13.42
N LYS E 29 -4.84 -5.26 -12.23
CA LYS E 29 -5.49 -5.99 -11.15
C LYS E 29 -6.76 -5.25 -10.76
N ALA E 30 -6.65 -3.94 -10.61
CA ALA E 30 -7.76 -3.05 -10.20
C ALA E 30 -8.76 -2.74 -11.31
N GLU E 31 -8.27 -2.85 -12.56
CA GLU E 31 -8.96 -2.45 -13.78
C GLU E 31 -9.30 -0.94 -13.75
N THR E 32 -8.24 -0.15 -13.64
CA THR E 32 -8.32 1.29 -13.52
C THR E 32 -7.14 1.95 -14.20
N PHE E 33 -7.21 3.28 -14.27
CA PHE E 33 -6.10 4.13 -14.74
C PHE E 33 -6.36 5.59 -14.37
N LYS E 34 -5.30 6.32 -14.05
CA LYS E 34 -5.40 7.75 -13.76
C LYS E 34 -5.15 8.57 -15.04
N VAL E 35 -5.93 9.63 -15.17
CA VAL E 35 -5.88 10.52 -16.28
C VAL E 35 -5.79 11.93 -15.72
N ASN E 36 -5.18 12.83 -16.49
CA ASN E 36 -5.07 14.25 -16.16
C ASN E 36 -5.20 15.04 -17.46
N ALA E 37 -6.27 15.82 -17.56
CA ALA E 37 -6.73 16.30 -18.86
C ALA E 37 -7.48 17.61 -18.73
N PHE E 38 -7.58 18.38 -19.83
CA PHE E 38 -8.53 19.51 -19.91
C PHE E 38 -9.89 18.93 -20.21
N LEU E 39 -10.91 19.41 -19.47
CA LEU E 39 -12.31 19.22 -19.83
C LEU E 39 -12.76 20.56 -20.27
N SER E 40 -13.32 20.61 -21.49
CA SER E 40 -13.75 21.85 -22.11
C SER E 40 -15.21 21.76 -22.47
N LEU E 41 -15.99 22.69 -21.93
CA LEU E 41 -17.43 22.76 -22.14
C LEU E 41 -17.79 24.06 -22.85
N SER E 42 -18.95 24.08 -23.49
CA SER E 42 -19.35 25.19 -24.36
C SER E 42 -20.86 25.20 -24.66
N TRP E 43 -21.60 26.18 -24.14
CA TRP E 43 -23.07 26.23 -24.28
C TRP E 43 -23.53 27.65 -24.56
N LYS E 44 -24.82 27.78 -24.91
CA LYS E 44 -25.44 29.07 -25.26
C LYS E 44 -26.44 29.55 -24.19
N ASP E 45 -26.05 30.62 -23.50
CA ASP E 45 -26.84 31.27 -22.45
C ASP E 45 -26.97 32.75 -22.80
N ARG E 46 -28.04 33.07 -23.55
CA ARG E 46 -28.28 34.42 -24.11
C ARG E 46 -28.37 35.52 -23.07
N ARG E 47 -28.86 35.17 -21.88
CA ARG E 47 -28.84 36.08 -20.71
C ARG E 47 -27.48 36.80 -20.53
N LEU E 48 -26.39 36.11 -20.88
CA LEU E 48 -25.03 36.67 -20.79
C LEU E 48 -24.58 37.47 -22.02
N ALA E 49 -25.29 37.36 -23.15
CA ALA E 49 -24.92 38.02 -24.43
C ALA E 49 -24.77 39.53 -24.29
N PHE E 50 -24.08 40.17 -25.24
CA PHE E 50 -23.79 41.60 -25.12
C PHE E 50 -23.35 42.26 -26.45
N ASP E 51 -23.25 43.59 -26.42
CA ASP E 51 -22.80 44.43 -27.55
C ASP E 51 -21.28 44.66 -27.43
N PRO E 52 -20.47 44.09 -28.37
CA PRO E 52 -19.00 44.29 -28.30
C PRO E 52 -18.60 45.72 -28.54
N VAL E 53 -19.30 46.37 -29.48
CA VAL E 53 -18.97 47.71 -29.97
C VAL E 53 -18.94 48.68 -28.78
N ARG E 54 -20.03 48.73 -28.01
CA ARG E 54 -20.10 49.62 -26.84
C ARG E 54 -19.40 49.10 -25.58
N SER E 55 -19.28 47.78 -25.40
CA SER E 55 -18.83 47.25 -24.11
C SER E 55 -17.29 47.29 -23.94
N GLY E 56 -16.56 47.26 -25.05
CA GLY E 56 -15.11 47.49 -25.06
C GLY E 56 -14.44 46.29 -25.69
N VAL E 57 -13.72 45.49 -24.87
CA VAL E 57 -12.97 44.31 -25.40
C VAL E 57 -13.97 43.24 -25.87
N ARG E 58 -13.55 42.40 -26.82
CA ARG E 58 -14.46 41.50 -27.59
C ARG E 58 -15.26 40.52 -26.74
N VAL E 59 -14.62 39.99 -25.70
CA VAL E 59 -15.13 38.83 -24.96
C VAL E 59 -14.95 39.03 -23.44
N LYS E 60 -15.91 38.50 -22.69
CA LYS E 60 -16.05 38.78 -21.26
C LYS E 60 -15.74 37.54 -20.44
N THR E 61 -14.93 37.71 -19.40
CA THR E 61 -14.58 36.65 -18.44
C THR E 61 -15.44 36.72 -17.19
N TYR E 62 -15.76 35.56 -16.61
CA TYR E 62 -16.48 35.49 -15.34
C TYR E 62 -15.78 34.52 -14.39
N GLU E 63 -15.83 34.84 -13.10
CA GLU E 63 -15.49 33.89 -12.05
C GLU E 63 -16.59 32.81 -12.02
N PRO E 64 -16.23 31.55 -11.70
CA PRO E 64 -17.16 30.39 -11.86
C PRO E 64 -18.56 30.54 -11.27
N GLU E 65 -18.68 30.78 -9.97
CA GLU E 65 -20.00 30.88 -9.34
C GLU E 65 -20.81 32.15 -9.75
N ALA E 66 -20.30 32.99 -10.66
CA ALA E 66 -21.11 34.09 -11.27
C ALA E 66 -22.20 33.60 -12.23
N ILE E 67 -21.81 32.83 -13.24
CA ILE E 67 -22.75 32.36 -14.27
C ILE E 67 -23.32 30.97 -13.95
N TRP E 68 -24.29 30.56 -14.75
CA TRP E 68 -24.84 29.20 -14.71
C TRP E 68 -23.94 28.31 -15.52
N ILE E 69 -23.48 27.23 -14.89
CA ILE E 69 -22.60 26.24 -15.51
C ILE E 69 -23.23 24.86 -15.34
N PRO E 70 -23.23 24.03 -16.41
CA PRO E 70 -23.96 22.75 -16.35
C PRO E 70 -23.29 21.70 -15.45
N GLU E 71 -24.12 20.88 -14.81
CA GLU E 71 -23.63 19.77 -14.00
C GLU E 71 -23.12 18.63 -14.87
N ILE E 72 -21.88 18.78 -15.34
CA ILE E 72 -21.17 17.75 -16.10
C ILE E 72 -20.41 16.92 -15.08
N ARG E 73 -20.61 15.61 -15.08
CA ARG E 73 -19.98 14.72 -14.13
C ARG E 73 -19.52 13.45 -14.84
N PHE E 74 -18.37 12.93 -14.42
CA PHE E 74 -17.82 11.67 -14.97
C PHE E 74 -18.58 10.50 -14.37
N VAL E 75 -18.81 9.46 -15.17
CA VAL E 75 -19.62 8.34 -14.71
C VAL E 75 -18.77 7.32 -14.01
N ASN E 76 -17.73 6.86 -14.71
CA ASN E 76 -17.00 5.66 -14.34
C ASN E 76 -15.69 6.02 -13.66
N VAL E 77 -15.82 6.69 -12.52
CA VAL E 77 -14.68 7.10 -11.71
C VAL E 77 -14.94 6.78 -10.24
N GLU E 78 -13.85 6.60 -9.50
CA GLU E 78 -13.89 6.30 -8.07
C GLU E 78 -13.74 7.61 -7.31
N ASN E 79 -12.65 8.32 -7.65
CA ASN E 79 -12.37 9.67 -7.20
C ASN E 79 -13.20 10.62 -8.07
N ALA E 80 -14.32 11.12 -7.52
CA ALA E 80 -15.09 12.24 -8.09
C ALA E 80 -14.13 13.42 -8.35
N ARG E 81 -14.01 13.82 -9.61
CA ARG E 81 -12.81 14.54 -10.12
C ARG E 81 -12.27 15.75 -9.32
N ASP E 82 -10.94 15.82 -9.22
CA ASP E 82 -10.24 16.99 -8.70
C ASP E 82 -9.96 17.99 -9.88
N ALA E 83 -10.62 19.16 -9.86
CA ALA E 83 -10.57 20.15 -10.99
C ALA E 83 -10.20 21.59 -10.55
N ASP E 84 -9.34 22.27 -11.33
CA ASP E 84 -9.20 23.75 -11.26
C ASP E 84 -9.94 24.31 -12.45
N VAL E 85 -10.56 25.46 -12.26
CA VAL E 85 -11.18 26.17 -13.37
C VAL E 85 -10.10 27.01 -13.99
N VAL E 86 -10.02 26.99 -15.32
CA VAL E 86 -8.91 27.61 -16.08
C VAL E 86 -9.35 28.92 -16.72
N ASP E 87 -10.45 28.89 -17.48
CA ASP E 87 -11.01 30.09 -18.07
C ASP E 87 -12.50 29.90 -18.31
N ILE E 88 -13.27 30.97 -18.07
CA ILE E 88 -14.65 31.05 -18.57
C ILE E 88 -14.73 32.30 -19.44
N SER E 89 -14.85 32.12 -20.77
CA SER E 89 -14.97 33.24 -21.72
C SER E 89 -16.39 33.20 -22.32
N VAL E 90 -17.07 34.34 -22.28
CA VAL E 90 -18.39 34.47 -22.88
C VAL E 90 -18.24 35.27 -24.15
N SER E 91 -18.60 34.67 -25.29
CA SER E 91 -18.62 35.38 -26.58
C SER E 91 -19.86 36.30 -26.68
N PRO E 92 -19.75 37.40 -27.45
CA PRO E 92 -20.79 38.43 -27.67
C PRO E 92 -22.23 37.88 -27.73
N ASP E 93 -22.40 36.74 -28.41
CA ASP E 93 -23.72 36.14 -28.67
C ASP E 93 -24.31 35.24 -27.57
N GLY E 94 -23.79 35.34 -26.34
CA GLY E 94 -24.24 34.53 -25.20
C GLY E 94 -23.68 33.12 -25.12
N THR E 95 -22.70 32.80 -25.97
CA THR E 95 -22.10 31.48 -26.01
C THR E 95 -20.92 31.49 -25.03
N VAL E 96 -20.91 30.50 -24.14
CA VAL E 96 -19.90 30.37 -23.09
C VAL E 96 -18.84 29.36 -23.51
N GLN E 97 -17.62 29.63 -23.08
CA GLN E 97 -16.46 28.74 -23.24
C GLN E 97 -15.90 28.44 -21.85
N TYR E 98 -16.18 27.25 -21.33
CA TYR E 98 -15.66 26.77 -20.04
C TYR E 98 -14.46 25.86 -20.25
N LEU E 99 -13.42 26.06 -19.44
CA LEU E 99 -12.27 25.16 -19.42
C LEU E 99 -11.77 24.92 -18.02
N GLU E 100 -11.75 23.64 -17.66
CA GLU E 100 -11.13 23.19 -16.44
C GLU E 100 -10.05 22.22 -16.85
N ARG E 101 -9.05 22.10 -16.00
CA ARG E 101 -8.13 20.99 -16.06
C ARG E 101 -8.51 20.11 -14.88
N PHE E 102 -8.66 18.81 -15.13
CA PHE E 102 -9.05 17.86 -14.10
C PHE E 102 -8.08 16.72 -14.13
N SER E 103 -8.12 15.94 -13.05
CA SER E 103 -7.49 14.63 -13.02
C SER E 103 -8.37 13.71 -12.18
N ALA E 104 -8.55 12.47 -12.65
CA ALA E 104 -9.40 11.50 -11.97
C ALA E 104 -8.94 10.08 -12.18
N ARG E 105 -9.41 9.21 -11.31
CA ARG E 105 -9.11 7.80 -11.42
C ARG E 105 -10.32 7.13 -12.04
N VAL E 106 -10.12 6.63 -13.26
CA VAL E 106 -11.16 6.03 -14.10
C VAL E 106 -11.16 4.51 -13.93
N LEU E 107 -12.34 3.94 -14.04
CA LEU E 107 -12.57 2.54 -13.75
C LEU E 107 -13.14 1.90 -15.02
N SER E 108 -12.27 1.62 -16.00
CA SER E 108 -12.66 0.86 -17.21
C SER E 108 -12.13 -0.57 -17.12
N PRO E 109 -12.99 -1.55 -17.44
CA PRO E 109 -12.56 -2.94 -17.41
C PRO E 109 -11.69 -3.26 -18.61
N LEU E 110 -10.82 -4.26 -18.42
CA LEU E 110 -9.86 -4.72 -19.40
C LEU E 110 -10.17 -6.21 -19.68
N ASP E 111 -10.03 -6.63 -20.94
CA ASP E 111 -10.26 -8.02 -21.34
C ASP E 111 -8.91 -8.73 -21.53
N PHE E 112 -8.66 -9.68 -20.63
CA PHE E 112 -7.37 -10.33 -20.50
C PHE E 112 -7.20 -11.62 -21.30
N ARG E 113 -8.22 -12.01 -22.05
CA ARG E 113 -8.16 -13.22 -22.88
C ARG E 113 -6.82 -13.38 -23.58
N ARG E 114 -6.34 -12.31 -24.19
CA ARG E 114 -5.11 -12.36 -24.96
C ARG E 114 -3.85 -11.85 -24.25
N TYR E 115 -3.85 -11.85 -22.92
CA TYR E 115 -2.69 -11.37 -22.15
C TYR E 115 -1.49 -12.29 -22.41
N PRO E 116 -0.27 -11.75 -22.57
CA PRO E 116 0.05 -10.34 -22.51
C PRO E 116 0.17 -9.76 -23.91
N PHE E 117 -0.63 -10.26 -24.84
CA PHE E 117 -0.67 -9.78 -26.20
C PHE E 117 -1.96 -9.01 -26.49
N ASP E 118 -2.56 -8.47 -25.45
CA ASP E 118 -3.89 -7.88 -25.54
C ASP E 118 -3.81 -6.41 -25.93
N SER E 119 -4.96 -5.94 -26.40
CA SER E 119 -5.23 -4.52 -26.50
C SER E 119 -6.53 -4.24 -25.81
N GLN E 120 -6.72 -2.96 -25.51
CA GLN E 120 -7.86 -2.54 -24.74
C GLN E 120 -8.45 -1.27 -25.34
N THR E 121 -9.72 -1.08 -24.97
CA THR E 121 -10.47 0.14 -25.21
C THR E 121 -10.92 0.71 -23.86
N LEU E 122 -10.17 1.69 -23.36
CA LEU E 122 -10.54 2.38 -22.13
C LEU E 122 -11.73 3.32 -22.43
N HIS E 123 -12.43 3.72 -21.37
CA HIS E 123 -13.70 4.45 -21.49
C HIS E 123 -13.80 5.55 -20.45
N ILE E 124 -13.97 6.80 -20.88
CA ILE E 124 -14.23 7.89 -19.94
C ILE E 124 -15.62 8.38 -20.28
N TYR E 125 -16.62 7.99 -19.48
CA TYR E 125 -18.01 8.38 -19.74
C TYR E 125 -18.37 9.70 -19.09
N LEU E 126 -18.88 10.63 -19.90
CA LEU E 126 -19.35 11.94 -19.44
C LEU E 126 -20.85 11.94 -19.38
N ILE E 127 -21.40 12.52 -18.33
CA ILE E 127 -22.84 12.58 -18.17
C ILE E 127 -23.25 14.03 -17.88
N VAL E 128 -24.54 14.29 -18.00
CA VAL E 128 -25.16 15.52 -17.49
C VAL E 128 -26.60 15.23 -17.13
N ARG E 129 -27.04 15.63 -15.93
CA ARG E 129 -28.42 15.41 -15.55
C ARG E 129 -29.25 16.58 -15.98
N SER E 130 -30.45 16.28 -16.49
CA SER E 130 -31.34 17.29 -17.05
C SER E 130 -32.22 17.85 -15.94
N VAL E 131 -32.33 19.17 -15.91
CA VAL E 131 -33.01 19.86 -14.82
C VAL E 131 -34.51 19.97 -15.05
N ASP E 132 -35.20 20.32 -13.98
CA ASP E 132 -36.55 20.80 -13.96
C ASP E 132 -37.05 21.60 -15.19
N THR E 133 -36.45 22.79 -15.37
CA THR E 133 -36.91 23.82 -16.29
C THR E 133 -36.60 23.49 -17.77
N ARG E 134 -35.51 22.77 -18.03
CA ARG E 134 -35.29 22.18 -19.36
C ARG E 134 -34.29 20.99 -19.42
N ASN E 135 -34.49 20.16 -20.45
CA ASN E 135 -33.58 19.08 -20.82
C ASN E 135 -32.21 19.59 -21.24
N ILE E 136 -31.21 18.74 -21.05
CA ILE E 136 -29.84 19.02 -21.48
C ILE E 136 -29.27 17.80 -22.23
N VAL E 137 -28.53 18.11 -23.29
CA VAL E 137 -27.82 17.13 -24.11
C VAL E 137 -26.36 17.56 -24.26
N LEU E 138 -25.50 16.55 -24.34
CA LEU E 138 -24.09 16.75 -24.61
C LEU E 138 -23.80 16.49 -26.09
N ALA E 139 -22.70 17.03 -26.58
CA ALA E 139 -22.18 16.62 -27.87
C ALA E 139 -20.74 17.02 -27.96
N VAL E 140 -20.06 16.44 -28.95
CA VAL E 140 -18.61 16.49 -29.07
C VAL E 140 -18.11 17.67 -29.90
N ASP E 141 -17.22 18.49 -29.34
CA ASP E 141 -16.56 19.54 -30.13
C ASP E 141 -15.27 18.93 -30.66
N LEU E 142 -15.39 18.16 -31.74
CA LEU E 142 -14.29 17.34 -32.26
C LEU E 142 -12.91 18.04 -32.33
N GLU E 143 -12.85 19.38 -32.36
CA GLU E 143 -11.55 20.10 -32.36
C GLU E 143 -10.95 20.35 -30.98
N LYS E 144 -11.74 20.13 -29.93
CA LYS E 144 -11.27 20.24 -28.55
C LYS E 144 -11.07 18.85 -27.88
N VAL E 145 -10.79 17.83 -28.70
CA VAL E 145 -10.52 16.45 -28.25
C VAL E 145 -9.14 16.05 -28.80
N GLY E 146 -8.20 15.73 -27.92
CA GLY E 146 -6.91 15.22 -28.36
C GLY E 146 -6.10 14.61 -27.24
N LYS E 147 -4.78 14.60 -27.44
CA LYS E 147 -3.83 14.18 -26.41
C LYS E 147 -2.44 14.77 -26.65
N ASN E 148 -1.55 14.68 -25.66
CA ASN E 148 -0.19 15.21 -25.82
C ASN E 148 0.73 14.26 -26.63
N ASP E 149 1.81 14.82 -27.17
CA ASP E 149 2.92 14.05 -27.71
C ASP E 149 3.83 13.57 -26.60
N ASP E 150 3.75 14.20 -25.43
CA ASP E 150 4.35 13.64 -24.21
C ASP E 150 3.74 12.28 -23.78
N VAL E 151 2.39 12.18 -23.77
CA VAL E 151 1.61 11.11 -23.04
C VAL E 151 2.16 9.69 -23.21
N PHE E 152 2.61 9.10 -22.12
CA PHE E 152 3.17 7.75 -22.12
C PHE E 152 2.53 6.97 -20.99
N LEU E 153 1.92 5.85 -21.34
CA LEU E 153 1.33 4.96 -20.38
C LEU E 153 2.28 3.77 -20.32
N THR E 154 3.19 3.79 -19.35
CA THR E 154 4.26 2.78 -19.24
C THR E 154 3.71 1.36 -19.43
N GLY E 155 4.30 0.62 -20.36
CA GLY E 155 3.88 -0.75 -20.66
C GLY E 155 2.71 -0.86 -21.63
N TRP E 156 2.31 0.26 -22.24
CA TRP E 156 1.31 0.24 -23.31
C TRP E 156 1.62 1.25 -24.40
N ASP E 157 1.26 0.92 -25.63
CA ASP E 157 1.25 1.91 -26.69
C ASP E 157 -0.16 2.43 -26.76
N ILE E 158 -0.27 3.69 -27.18
CA ILE E 158 -1.56 4.36 -27.23
C ILE E 158 -1.94 4.63 -28.67
N GLU E 159 -3.08 4.06 -29.11
CA GLU E 159 -3.56 4.18 -30.51
C GLU E 159 -4.29 5.49 -30.74
N SER E 160 -5.51 5.56 -30.21
CA SER E 160 -6.42 6.62 -30.53
C SER E 160 -7.03 7.16 -29.25
N PHE E 161 -7.40 8.43 -29.28
CA PHE E 161 -8.36 8.95 -28.34
C PHE E 161 -9.41 9.66 -29.16
N THR E 162 -10.58 9.03 -29.25
CA THR E 162 -11.69 9.49 -30.07
C THR E 162 -12.92 9.60 -29.17
N ALA E 163 -14.06 9.99 -29.74
CA ALA E 163 -15.29 10.04 -28.97
C ALA E 163 -16.50 9.66 -29.79
N VAL E 164 -17.34 8.77 -29.25
CA VAL E 164 -18.58 8.38 -29.91
C VAL E 164 -19.50 9.59 -29.90
N VAL E 165 -19.54 10.23 -31.07
CA VAL E 165 -20.22 11.51 -31.30
C VAL E 165 -21.66 11.55 -30.79
N LYS E 166 -22.39 10.45 -30.98
CA LYS E 166 -23.79 10.39 -30.56
C LYS E 166 -24.01 9.97 -29.11
N PRO E 167 -24.44 10.90 -28.24
CA PRO E 167 -24.75 10.50 -26.88
C PRO E 167 -26.09 9.79 -26.79
N ALA E 168 -26.10 8.53 -26.39
CA ALA E 168 -27.35 7.86 -26.05
C ALA E 168 -27.84 8.45 -24.70
N ASN E 169 -29.08 8.96 -24.72
CA ASN E 169 -29.72 9.58 -23.56
C ASN E 169 -30.87 8.70 -23.15
N PHE E 170 -31.33 8.91 -21.92
CA PHE E 170 -32.22 7.96 -21.26
C PHE E 170 -32.72 8.47 -19.93
N ALA E 171 -33.76 7.81 -19.44
CA ALA E 171 -34.46 8.20 -18.24
C ALA E 171 -33.86 7.48 -17.06
N LEU E 172 -33.44 8.25 -16.07
CA LEU E 172 -32.89 7.71 -14.82
C LEU E 172 -33.62 8.40 -13.67
N GLU E 173 -34.32 7.60 -12.85
CA GLU E 173 -35.14 8.12 -11.76
C GLU E 173 -35.93 9.38 -12.22
N ASP E 174 -36.93 9.19 -13.08
CA ASP E 174 -37.86 10.25 -13.52
C ASP E 174 -37.36 11.32 -14.51
N ARG E 175 -36.10 11.72 -14.45
CA ARG E 175 -35.55 12.74 -15.37
C ARG E 175 -34.62 12.14 -16.40
N LEU E 176 -34.32 12.93 -17.42
CA LEU E 176 -33.40 12.52 -18.47
C LEU E 176 -31.96 12.78 -18.04
N GLU E 177 -31.06 11.92 -18.51
CA GLU E 177 -29.61 12.06 -18.35
C GLU E 177 -28.98 11.81 -19.76
N SER E 178 -28.01 12.64 -20.18
CA SER E 178 -27.35 12.47 -21.49
C SER E 178 -25.91 12.06 -21.29
N LYS E 179 -25.51 10.93 -21.88
CA LYS E 179 -24.21 10.27 -21.60
C LYS E 179 -23.33 10.14 -22.86
N LEU E 180 -22.15 10.74 -22.82
CA LEU E 180 -21.18 10.61 -23.90
C LEU E 180 -20.24 9.49 -23.59
N ASP E 181 -19.44 9.11 -24.58
CA ASP E 181 -18.45 8.02 -24.47
C ASP E 181 -17.11 8.36 -25.12
N TYR E 182 -16.08 8.66 -24.32
CA TYR E 182 -14.72 8.91 -24.84
C TYR E 182 -13.90 7.64 -24.78
N GLN E 183 -13.13 7.37 -25.84
CA GLN E 183 -12.49 6.06 -26.03
C GLN E 183 -10.99 6.09 -26.31
N LEU E 184 -10.23 5.69 -25.29
CA LEU E 184 -8.78 5.57 -25.35
C LEU E 184 -8.40 4.11 -25.59
N ARG E 185 -7.84 3.83 -26.77
CA ARG E 185 -7.43 2.48 -27.19
C ARG E 185 -5.94 2.34 -26.96
N ILE E 186 -5.55 1.18 -26.44
CA ILE E 186 -4.16 0.91 -26.12
C ILE E 186 -3.85 -0.53 -26.38
N SER E 187 -2.56 -0.79 -26.59
CA SER E 187 -2.02 -2.13 -26.88
C SER E 187 -0.84 -2.41 -25.99
N ARG E 188 -0.82 -3.61 -25.39
CA ARG E 188 0.20 -3.89 -24.41
C ARG E 188 1.55 -4.08 -25.07
N GLN E 189 2.57 -3.47 -24.48
CA GLN E 189 3.97 -3.72 -24.83
C GLN E 189 4.46 -5.09 -24.34
N TYR E 190 4.27 -6.10 -25.19
CA TYR E 190 4.53 -7.51 -24.85
C TYR E 190 6.01 -7.94 -24.82
N PHE E 191 6.92 -7.12 -25.33
CA PHE E 191 8.35 -7.51 -25.40
C PHE E 191 8.90 -8.00 -24.07
N SER E 192 8.69 -7.19 -23.02
CA SER E 192 9.13 -7.54 -21.67
C SER E 192 8.93 -9.03 -21.36
N TYR E 193 7.77 -9.56 -21.73
CA TYR E 193 7.34 -10.90 -21.33
C TYR E 193 8.08 -12.06 -21.96
N ILE E 194 8.78 -11.83 -23.06
CA ILE E 194 9.52 -12.91 -23.74
C ILE E 194 10.67 -13.38 -22.86
N PRO E 195 11.68 -12.51 -22.60
CA PRO E 195 12.86 -12.92 -21.84
C PRO E 195 12.70 -12.88 -20.30
N ASN E 196 11.54 -12.43 -19.83
CA ASN E 196 11.26 -12.36 -18.41
C ASN E 196 10.39 -13.50 -17.93
N ILE E 197 9.43 -13.93 -18.75
CA ILE E 197 8.52 -15.02 -18.36
C ILE E 197 8.54 -16.25 -19.29
N ILE E 198 8.48 -16.06 -20.60
CA ILE E 198 8.24 -17.18 -21.51
C ILE E 198 9.52 -18.00 -21.70
N LEU E 199 10.61 -17.36 -22.10
CA LEU E 199 11.84 -18.10 -22.39
C LEU E 199 12.40 -18.87 -21.21
N PRO E 200 12.45 -18.23 -20.02
CA PRO E 200 12.80 -18.97 -18.81
C PRO E 200 11.83 -20.11 -18.50
N MET E 201 10.54 -19.80 -18.46
CA MET E 201 9.56 -20.81 -18.15
C MET E 201 9.67 -22.03 -19.09
N LEU E 202 10.19 -21.80 -20.29
CA LEU E 202 10.46 -22.87 -21.24
C LEU E 202 11.75 -23.59 -20.93
N PHE E 203 12.84 -22.88 -20.71
CA PHE E 203 14.09 -23.56 -20.32
C PHE E 203 13.92 -24.52 -19.14
N ILE E 204 13.21 -24.07 -18.10
CA ILE E 204 12.98 -24.93 -16.93
C ILE E 204 12.10 -26.13 -17.28
N LEU E 205 11.22 -25.98 -18.28
CA LEU E 205 10.47 -27.10 -18.79
C LEU E 205 11.37 -28.06 -19.59
N PHE E 206 12.21 -27.49 -20.44
CA PHE E 206 13.09 -28.30 -21.30
C PHE E 206 14.07 -29.13 -20.48
N ILE E 207 14.60 -28.51 -19.43
CA ILE E 207 15.42 -29.24 -18.48
C ILE E 207 14.64 -30.50 -18.01
N SER E 208 13.37 -30.35 -17.61
CA SER E 208 12.52 -31.51 -17.19
C SER E 208 12.65 -32.67 -18.18
N TRP E 209 12.65 -32.34 -19.47
CA TRP E 209 12.75 -33.33 -20.54
C TRP E 209 14.12 -34.04 -20.71
N THR E 210 15.18 -33.56 -20.04
CA THR E 210 16.43 -34.32 -20.00
C THR E 210 16.30 -35.69 -19.28
N ALA E 211 15.20 -35.94 -18.58
CA ALA E 211 14.96 -37.25 -17.95
C ALA E 211 14.46 -38.35 -18.90
N PHE E 212 14.33 -37.99 -20.18
CA PHE E 212 14.10 -39.00 -21.21
C PHE E 212 15.42 -39.66 -21.68
N TRP E 213 16.55 -38.95 -21.59
CA TRP E 213 17.88 -39.48 -21.90
C TRP E 213 18.56 -40.03 -20.61
N SER E 214 17.76 -40.34 -19.60
CA SER E 214 18.28 -40.90 -18.39
C SER E 214 17.39 -42.02 -17.99
N THR E 215 17.99 -42.93 -17.23
CA THR E 215 17.37 -44.15 -16.75
C THR E 215 17.62 -44.33 -15.24
N SER E 216 17.75 -43.21 -14.53
CA SER E 216 18.08 -43.21 -13.11
C SER E 216 16.95 -42.49 -12.43
N TYR E 217 15.97 -43.25 -11.93
CA TYR E 217 14.78 -42.73 -11.23
C TYR E 217 15.23 -41.76 -10.14
N GLU E 218 16.11 -42.28 -9.30
CA GLU E 218 16.76 -41.60 -8.19
C GLU E 218 17.09 -40.10 -8.59
N ALA E 219 17.61 -39.93 -9.82
CA ALA E 219 17.92 -38.62 -10.43
C ALA E 219 16.76 -37.96 -11.19
N ASN E 220 16.02 -38.75 -11.96
CA ASN E 220 14.89 -38.25 -12.78
C ASN E 220 13.80 -37.59 -11.96
N VAL E 221 13.51 -38.20 -10.81
CA VAL E 221 12.57 -37.61 -9.88
C VAL E 221 13.06 -36.21 -9.56
N THR E 222 14.32 -36.12 -9.11
CA THR E 222 14.93 -34.84 -8.87
C THR E 222 14.79 -33.90 -10.07
N LEU E 223 15.31 -34.27 -11.23
CA LEU E 223 15.10 -33.48 -12.48
C LEU E 223 13.70 -32.93 -12.67
N VAL E 224 12.70 -33.80 -12.73
CA VAL E 224 11.32 -33.37 -12.96
C VAL E 224 10.67 -32.61 -11.80
N VAL E 225 10.82 -33.08 -10.57
CA VAL E 225 10.13 -32.46 -9.44
C VAL E 225 10.74 -31.09 -9.09
N SER E 226 12.06 -30.97 -9.20
CA SER E 226 12.76 -29.70 -8.93
C SER E 226 12.42 -28.60 -9.91
N THR E 227 12.46 -28.95 -11.17
CA THR E 227 11.98 -28.05 -12.20
C THR E 227 10.51 -27.67 -12.05
N LEU E 228 9.67 -28.58 -11.53
CA LEU E 228 8.28 -28.26 -11.20
C LEU E 228 8.18 -27.24 -10.08
N ILE E 229 9.06 -27.35 -9.09
CA ILE E 229 9.18 -26.33 -8.07
C ILE E 229 9.55 -24.97 -8.71
N ALA E 230 10.63 -24.97 -9.49
CA ALA E 230 11.01 -23.77 -10.22
C ALA E 230 9.86 -23.17 -11.05
N HIS E 231 9.07 -24.02 -11.70
CA HIS E 231 7.93 -23.57 -12.50
C HIS E 231 6.88 -22.97 -11.61
N ILE E 232 6.66 -23.55 -10.45
CA ILE E 232 5.70 -23.01 -9.50
C ILE E 232 6.10 -21.58 -9.12
N ALA E 233 7.42 -21.32 -8.97
CA ALA E 233 7.94 -19.93 -8.77
C ALA E 233 7.34 -18.83 -9.75
N PHE E 234 7.18 -19.25 -11.00
CA PHE E 234 6.69 -18.44 -12.08
C PHE E 234 5.15 -18.56 -12.31
N ASN E 235 4.46 -19.55 -11.75
CA ASN E 235 2.96 -19.52 -11.81
C ASN E 235 2.41 -18.54 -10.78
N ILE E 236 2.89 -18.60 -9.53
CA ILE E 236 2.42 -17.68 -8.49
C ILE E 236 2.86 -16.20 -8.80
N LEU E 237 3.99 -15.97 -9.50
CA LEU E 237 4.38 -14.60 -10.01
C LEU E 237 3.45 -13.98 -11.13
N VAL E 238 2.94 -14.83 -12.06
CA VAL E 238 2.04 -14.41 -13.20
C VAL E 238 0.58 -14.26 -12.76
N GLU E 239 0.09 -15.19 -11.92
CA GLU E 239 -1.37 -15.21 -11.52
C GLU E 239 -1.75 -14.11 -10.56
N THR E 240 -0.77 -13.40 -9.96
CA THR E 240 -1.02 -12.19 -9.11
C THR E 240 -0.67 -10.80 -9.74
N ASN E 241 -0.01 -10.78 -10.92
CA ASN E 241 0.00 -9.60 -11.85
C ASN E 241 -1.45 -9.19 -12.24
N LEU E 242 -2.29 -10.21 -12.46
CA LEU E 242 -3.63 -10.12 -13.07
C LEU E 242 -4.73 -10.32 -12.09
N PRO E 243 -5.93 -9.87 -12.43
CA PRO E 243 -7.08 -10.20 -11.62
C PRO E 243 -7.65 -11.56 -11.93
N LYS E 244 -8.48 -12.02 -10.98
CA LYS E 244 -9.21 -13.26 -11.09
C LYS E 244 -10.28 -13.04 -12.12
N THR E 245 -9.95 -13.48 -13.31
CA THR E 245 -10.90 -13.52 -14.39
C THR E 245 -11.75 -14.78 -14.25
N PRO E 246 -13.06 -14.66 -14.54
CA PRO E 246 -13.94 -15.82 -14.65
C PRO E 246 -13.90 -16.48 -16.04
N TYR E 247 -13.02 -16.00 -16.92
CA TYR E 247 -12.81 -16.58 -18.26
C TYR E 247 -11.36 -16.94 -18.38
N MET E 248 -11.04 -17.87 -19.27
CA MET E 248 -9.64 -18.29 -19.36
C MET E 248 -8.72 -17.31 -20.10
N THR E 249 -7.69 -16.83 -19.41
CA THR E 249 -6.58 -16.14 -20.08
C THR E 249 -5.73 -17.09 -20.93
N TYR E 250 -5.07 -16.52 -21.92
CA TYR E 250 -4.23 -17.29 -22.83
C TYR E 250 -2.92 -17.74 -22.15
N THR E 251 -2.25 -16.81 -21.48
CA THR E 251 -1.10 -17.14 -20.61
C THR E 251 -1.45 -18.20 -19.58
N GLY E 252 -2.66 -18.10 -19.05
CA GLY E 252 -3.12 -18.98 -17.98
C GLY E 252 -3.33 -20.38 -18.46
N ALA E 253 -3.81 -20.48 -19.69
CA ALA E 253 -3.93 -21.76 -20.37
C ALA E 253 -2.56 -22.40 -20.56
N ILE E 254 -1.68 -21.71 -21.27
CA ILE E 254 -0.31 -22.17 -21.47
C ILE E 254 0.29 -22.68 -20.18
N ILE E 255 0.19 -21.86 -19.14
CA ILE E 255 0.71 -22.20 -17.82
C ILE E 255 0.04 -23.43 -17.26
N PHE E 256 -1.28 -23.47 -17.29
CA PHE E 256 -2.01 -24.65 -16.80
C PHE E 256 -1.70 -25.92 -17.61
N MET E 257 -1.53 -25.76 -18.90
CA MET E 257 -1.20 -26.91 -19.73
C MET E 257 0.21 -27.45 -19.39
N ILE E 258 1.12 -26.54 -19.05
CA ILE E 258 2.44 -26.94 -18.60
C ILE E 258 2.34 -27.85 -17.37
N TYR E 259 1.45 -27.57 -16.43
CA TYR E 259 1.27 -28.46 -15.26
C TYR E 259 0.92 -29.91 -15.60
N LEU E 260 0.61 -30.21 -16.85
CA LEU E 260 0.43 -31.60 -17.29
C LEU E 260 1.74 -32.17 -17.78
N PHE E 261 2.46 -31.38 -18.54
CA PHE E 261 3.75 -31.80 -19.11
C PHE E 261 4.85 -32.03 -18.04
N TYR E 262 4.53 -31.63 -16.81
CA TYR E 262 5.22 -32.09 -15.63
C TYR E 262 4.52 -33.33 -15.13
N PHE E 263 3.20 -33.28 -14.99
CA PHE E 263 2.47 -34.44 -14.45
C PHE E 263 2.70 -35.72 -15.25
N VAL E 264 2.52 -35.58 -16.54
CA VAL E 264 2.68 -36.68 -17.49
C VAL E 264 4.14 -37.14 -17.58
N ALA E 265 5.08 -36.20 -17.56
CA ALA E 265 6.50 -36.56 -17.44
C ALA E 265 6.75 -37.45 -16.23
N VAL E 266 6.24 -37.08 -15.07
CA VAL E 266 6.37 -37.92 -13.89
C VAL E 266 5.82 -39.30 -14.21
N ILE E 267 4.65 -39.37 -14.86
CA ILE E 267 4.01 -40.66 -15.19
C ILE E 267 4.99 -41.52 -15.99
N GLU E 268 5.45 -40.99 -17.12
CA GLU E 268 6.46 -41.66 -17.97
C GLU E 268 7.64 -42.16 -17.16
N VAL E 269 8.19 -41.27 -16.33
CA VAL E 269 9.39 -41.58 -15.55
C VAL E 269 9.07 -42.66 -14.56
N THR E 270 7.97 -42.48 -13.84
CA THR E 270 7.51 -43.44 -12.84
C THR E 270 7.29 -44.84 -13.46
N VAL E 271 6.83 -44.86 -14.72
CA VAL E 271 6.67 -46.08 -15.55
C VAL E 271 7.96 -46.75 -16.04
N GLN E 272 8.78 -46.01 -16.78
CA GLN E 272 10.11 -46.46 -17.16
C GLN E 272 10.81 -47.13 -15.97
N HIS E 273 10.87 -46.46 -14.81
CA HIS E 273 11.35 -47.11 -13.58
C HIS E 273 10.53 -48.34 -13.23
N TYR E 274 9.21 -48.28 -13.26
CA TYR E 274 8.41 -49.47 -12.88
C TYR E 274 8.81 -50.72 -13.68
N LEU E 275 8.75 -50.59 -15.00
CA LEU E 275 9.08 -51.69 -15.91
C LEU E 275 10.46 -52.26 -15.71
N LYS E 276 11.43 -51.40 -15.42
CA LYS E 276 12.79 -51.84 -15.14
C LYS E 276 12.94 -52.64 -13.84
N VAL E 277 12.04 -52.48 -12.87
CA VAL E 277 11.95 -53.42 -11.74
C VAL E 277 11.22 -54.69 -12.19
N GLU E 278 10.24 -54.56 -13.08
CA GLU E 278 9.52 -55.72 -13.66
C GLU E 278 10.26 -56.43 -14.82
N SER E 279 11.47 -55.97 -15.16
CA SER E 279 12.31 -56.57 -16.19
C SER E 279 11.63 -56.66 -17.55
N GLN E 280 11.44 -55.49 -18.13
CA GLN E 280 11.18 -55.43 -19.54
C GLN E 280 11.94 -54.19 -20.13
N PRO E 281 13.24 -54.00 -19.73
CA PRO E 281 14.02 -52.85 -20.19
C PRO E 281 13.84 -52.46 -21.66
N ALA E 282 13.50 -53.42 -22.50
CA ALA E 282 13.12 -53.11 -23.89
C ALA E 282 11.92 -52.17 -23.92
N ARG E 283 10.79 -52.63 -23.38
CA ARG E 283 9.53 -51.86 -23.39
C ARG E 283 9.62 -50.53 -22.62
N ALA E 284 10.28 -50.57 -21.47
CA ALA E 284 10.61 -49.36 -20.69
C ALA E 284 11.30 -48.33 -21.55
N ALA E 285 12.49 -48.66 -22.06
CA ALA E 285 13.24 -47.70 -22.84
C ALA E 285 12.81 -47.67 -24.33
N SER E 286 11.68 -48.28 -24.70
CA SER E 286 10.97 -47.89 -25.93
C SER E 286 10.24 -46.57 -25.64
N ILE E 287 9.38 -46.63 -24.63
CA ILE E 287 8.60 -45.48 -24.13
C ILE E 287 9.55 -44.28 -24.00
N THR E 288 10.57 -44.45 -23.17
CA THR E 288 11.46 -43.33 -22.85
C THR E 288 12.05 -42.72 -24.13
N ARG E 289 12.39 -43.56 -25.11
CA ARG E 289 12.93 -43.06 -26.38
C ARG E 289 11.86 -42.39 -27.20
N ALA E 290 10.63 -42.93 -27.14
CA ALA E 290 9.48 -42.31 -27.79
C ALA E 290 9.28 -40.89 -27.31
N SER E 291 9.06 -40.78 -26.01
CA SER E 291 8.89 -39.52 -25.34
C SER E 291 9.85 -38.46 -25.86
N ARG E 292 11.11 -38.83 -26.03
CA ARG E 292 12.11 -37.88 -26.53
C ARG E 292 11.62 -37.05 -27.73
N ILE E 293 10.66 -37.58 -28.48
CA ILE E 293 9.98 -36.83 -29.52
C ILE E 293 8.52 -36.50 -29.17
N ALA E 294 7.77 -37.46 -28.62
CA ALA E 294 6.34 -37.25 -28.22
C ALA E 294 6.08 -35.92 -27.52
N PHE E 295 6.95 -35.60 -26.57
CA PHE E 295 6.77 -34.43 -25.71
C PHE E 295 6.95 -33.12 -26.50
N PRO E 296 8.15 -32.87 -27.07
CA PRO E 296 8.35 -31.68 -27.90
C PRO E 296 7.32 -31.49 -29.01
N VAL E 297 6.89 -32.61 -29.60
CA VAL E 297 5.85 -32.63 -30.62
C VAL E 297 4.53 -32.20 -30.02
N VAL E 298 4.00 -33.02 -29.11
CA VAL E 298 2.69 -32.74 -28.55
C VAL E 298 2.61 -31.30 -27.99
N PHE E 299 3.75 -30.77 -27.51
CA PHE E 299 3.85 -29.36 -27.09
C PHE E 299 3.68 -28.37 -28.24
N LEU E 300 4.45 -28.56 -29.30
CA LEU E 300 4.37 -27.64 -30.42
C LEU E 300 3.06 -27.72 -31.18
N LEU E 301 2.43 -28.90 -31.17
CA LEU E 301 1.04 -29.04 -31.61
C LEU E 301 0.16 -28.20 -30.72
N ALA E 302 0.12 -28.58 -29.45
CA ALA E 302 -0.89 -28.08 -28.53
C ALA E 302 -0.75 -26.60 -28.20
N ASN E 303 0.45 -26.03 -28.34
CA ASN E 303 0.59 -24.56 -28.27
C ASN E 303 0.01 -23.88 -29.52
N ILE E 304 0.14 -24.56 -30.67
CA ILE E 304 -0.46 -24.13 -31.93
C ILE E 304 -1.97 -24.40 -31.97
N ILE E 305 -2.44 -25.50 -31.38
CA ILE E 305 -3.88 -25.67 -31.10
C ILE E 305 -4.42 -24.47 -30.34
N LEU E 306 -3.77 -24.12 -29.23
CA LEU E 306 -4.18 -22.99 -28.38
C LEU E 306 -4.03 -21.66 -29.10
N ALA E 307 -2.82 -21.35 -29.54
CA ALA E 307 -2.57 -20.15 -30.34
C ALA E 307 -3.76 -19.83 -31.26
N PHE E 308 -4.14 -20.79 -32.09
CA PHE E 308 -5.27 -20.64 -33.01
C PHE E 308 -6.54 -20.38 -32.20
N LEU E 309 -6.88 -21.33 -31.32
CA LEU E 309 -8.01 -21.21 -30.35
C LEU E 309 -8.19 -19.84 -29.65
N PHE E 310 -7.13 -19.04 -29.56
CA PHE E 310 -7.16 -17.74 -28.87
C PHE E 310 -6.98 -16.52 -29.79
N PHE E 311 -6.76 -16.73 -31.09
CA PHE E 311 -6.43 -15.63 -32.01
C PHE E 311 -7.14 -15.75 -33.40
CL CL F . -0.22 22.44 -11.01
C1 LMT G . 6.19 -11.38 -0.92
C2 LMT G . 6.25 -12.85 -1.28
C3 LMT G . 7.68 -13.40 -1.12
C4 LMT G . 8.03 -14.58 -2.06
C5 LMT G . 8.27 -15.91 -1.31
C6 LMT G . 8.63 -17.15 -2.15
C7 LMT G . 9.51 -18.22 -1.46
C8 LMT G . 10.29 -19.20 -2.35
C9 LMT G . 10.49 -20.60 -1.77
C10 LMT G . 11.21 -21.53 -2.75
C11 LMT G . 12.07 -22.60 -2.05
C12 LMT G . 12.28 -23.89 -2.83
C5 LMT H . 10.90 -11.65 -3.48
C6 LMT H . 11.99 -12.46 -4.23
C7 LMT H . 11.92 -14.00 -4.18
C8 LMT H . 11.44 -14.71 -5.45
C9 LMT H . 10.80 -16.08 -5.21
C10 LMT H . 11.01 -17.21 -6.26
C11 LMT H . 11.82 -18.48 -5.82
C12 LMT H . 11.42 -19.87 -6.35
C6 LMT I . 10.84 -13.18 1.65
C7 LMT I . 11.99 -14.15 1.32
C8 LMT I . 11.91 -14.75 -0.12
C9 LMT I . 13.01 -15.81 -0.41
C10 LMT I . 13.13 -16.53 -1.80
C11 LMT I . 14.20 -17.69 -1.86
C12 LMT I . 14.18 -18.77 -2.95
S SO4 J . 1.43 12.89 -2.88
O1 SO4 J . -0.03 13.00 -2.63
O2 SO4 J . 1.95 14.18 -3.41
O3 SO4 J . 2.19 12.56 -1.64
O4 SO4 J . 1.63 11.80 -3.86
S SO4 K . 0.62 4.73 -7.79
O1 SO4 K . 0.71 6.05 -8.44
O2 SO4 K . -0.58 4.04 -8.34
O3 SO4 K . 0.44 4.87 -6.34
O4 SO4 K . 1.89 4.01 -8.04
C ACT L . -1.65 22.40 -19.43
O ACT L . -2.31 23.24 -18.80
OXT ACT L . -1.83 22.22 -20.66
CH3 ACT L . -0.59 21.59 -18.72
C1 HXA M . 22.25 4.29 -26.33
O1 HXA M . 22.60 5.49 -26.33
O2 HXA M . 22.48 3.52 -25.35
C2 HXA M . 21.55 3.71 -27.53
C3 HXA M . 22.53 2.81 -28.27
C4 HXA M . 21.70 1.93 -29.13
C5 HXA M . 21.26 0.76 -28.67
C6 HXA M . 20.40 -0.07 -29.59
C7 HXA M . 19.17 0.75 -29.95
C8 HXA M . 18.04 0.81 -29.23
C9 HXA M . 17.74 0.05 -27.93
C10 HXA M . 16.64 -1.01 -28.12
C11 HXA M . 16.87 -2.33 -28.00
C12 HXA M . 15.77 -3.38 -28.17
C13 HXA M . 16.27 -4.80 -27.99
C1 PLC N . 28.66 3.78 -15.73
C2 PLC N . 29.67 2.64 -15.48
C3 PLC N . 30.32 2.73 -14.07
C4 PLC N . 29.27 6.51 -13.53
C5 PLC N . 30.46 7.38 -13.06
C6 PLC N . 31.63 5.57 -11.81
C7 PLC N . 32.38 7.82 -11.62
C8 PLC N . 30.29 7.19 -10.64
C' PLC N . 29.54 0.20 -16.11
C1' PLC N . 29.23 -1.09 -15.38
C2' PLC N . 30.21 -2.24 -15.59
C3' PLC N . 29.50 -3.59 -15.49
C4' PLC N . 29.78 -4.35 -14.19
C5' PLC N . 28.83 -5.54 -14.06
C6' PLC N . 29.38 -6.87 -13.51
C7' PLC N . 28.71 -8.07 -14.23
C8' PLC N . 28.95 -9.47 -13.64
CB PLC N . 30.97 0.77 -12.48
C1B PLC N . 32.04 -0.17 -11.94
C2B PLC N . 31.58 -1.62 -12.11
C3B PLC N . 31.59 -2.42 -10.81
C4B PLC N . 31.13 -3.89 -11.04
C5B PLC N . 31.66 -4.96 -10.05
C6B PLC N . 31.25 -6.40 -10.46
C7B PLC N . 32.08 -7.54 -9.81
O' PLC N . 30.23 0.23 -17.11
OB PLC N . 29.92 0.82 -11.87
O2 PLC N . 28.93 1.42 -15.60
O3 PLC N . 31.14 1.59 -13.70
O1P PLC N . 28.45 7.09 -17.45
O2P PLC N . 30.71 6.68 -16.38
O3P PLC N . 29.12 4.78 -16.64
O4P PLC N . 28.72 6.83 -14.84
N PLC N . 31.17 6.98 -11.80
P PLC N . 29.25 6.39 -16.35
C5 LMT O . 5.28 -14.18 2.33
C6 LMT O . 5.62 -15.67 2.12
C7 LMT O . 6.67 -16.31 3.08
C8 LMT O . 7.61 -17.39 2.47
C9 LMT O . 9.07 -17.38 2.96
C10 LMT O . 10.06 -18.09 1.98
C11 LMT O . 11.21 -18.97 2.57
C12 LMT O . 12.24 -19.71 1.65
S SO4 P . 6.03 6.88 -0.10
O1 SO4 P . 4.99 5.85 -0.33
O2 SO4 P . 5.42 7.95 0.70
O3 SO4 P . 6.48 7.40 -1.42
O4 SO4 P . 7.14 6.26 0.67
S SO4 Q . 1.27 3.85 7.83
O1 SO4 Q . 0.53 5.13 7.74
O2 SO4 Q . 0.35 2.71 7.99
O3 SO4 Q . 2.20 3.87 8.99
O4 SO4 Q . 2.01 3.69 6.57
C1 HXA R . 32.73 5.66 12.17
O1 HXA R . 32.36 6.68 12.80
O2 HXA R . 32.71 4.53 12.69
C2 HXA R . 33.22 5.85 10.76
C3 HXA R . 34.55 5.12 10.65
C4 HXA R . 34.74 4.61 9.25
C5 HXA R . 34.27 3.40 8.85
C6 HXA R . 34.50 2.92 7.43
C7 HXA R . 34.59 4.14 6.53
C8 HXA R . 33.57 4.71 5.87
C9 HXA R . 32.17 4.16 5.87
C10 HXA R . 31.88 3.63 4.48
C11 HXA R . 32.65 2.71 3.84
C12 HXA R . 32.25 2.27 2.45
C13 HXA R . 32.85 0.94 2.02
S SO4 S . -7.17 -0.13 5.70
O1 SO4 S . -8.62 0.13 5.82
O2 SO4 S . -6.47 1.10 5.27
O3 SO4 S . -6.67 -0.51 7.05
O4 SO4 S . -6.94 -1.18 4.67
C1 HXA T . 3.64 -11.94 32.40
O1 HXA T . 2.50 -11.55 32.75
O2 HXA T . 3.84 -12.90 31.63
C2 HXA T . 4.83 -11.22 32.95
C3 HXA T . 5.53 -12.16 33.92
C4 HXA T . 6.97 -11.77 33.92
C5 HXA T . 7.78 -12.25 32.99
C6 HXA T . 9.21 -11.80 33.04
C7 HXA T . 9.21 -10.33 32.64
C8 HXA T . 9.09 -9.92 31.38
C9 HXA T . 8.94 -10.85 30.18
C10 HXA T . 10.07 -10.56 29.22
C11 HXA T . 10.79 -11.51 28.60
C12 HXA T . 11.90 -11.08 27.68
C13 HXA T . 12.69 -12.28 27.22
CL CL U . -22.48 9.29 5.90
C3 LMT V . 2.05 -13.91 -2.30
C4 LMT V . 2.68 -15.16 -1.65
C5 LMT V . 2.91 -16.38 -2.61
C6 LMT V . 3.22 -17.82 -2.05
C7 LMT V . 4.53 -18.00 -1.25
C8 LMT V . 4.90 -19.46 -0.95
C9 LMT V . 6.07 -19.72 0.05
C10 LMT V . 6.88 -21.05 -0.07
C5 LMT W . 6.75 -13.56 -6.24
C6 LMT W . 6.89 -15.01 -6.75
C7 LMT W . 6.63 -16.04 -5.64
C8 LMT W . 6.62 -17.51 -6.09
C9 LMT W . 6.86 -18.41 -4.86
C10 LMT W . 6.63 -19.95 -4.97
C11 LMT W . 7.72 -20.82 -4.26
C12 LMT W . 7.51 -22.33 -4.23
C1 HXA X . -24.05 -24.39 7.83
O1 HXA X . -25.06 -23.67 7.87
O2 HXA X . -23.70 -25.04 6.83
C2 HXA X . -23.22 -24.50 9.07
C3 HXA X . -23.24 -25.96 9.43
C4 HXA X . -22.48 -26.09 10.70
C5 HXA X . -21.19 -26.38 10.67
C6 HXA X . -20.49 -26.50 12.00
C7 HXA X . -20.66 -25.20 12.77
C8 HXA X . -19.77 -24.18 12.75
C9 HXA X . -18.47 -24.18 11.96
C10 HXA X . -17.24 -24.41 12.83
C11 HXA X . -16.71 -25.63 13.03
C12 HXA X . -15.46 -25.82 13.89
C13 HXA X . -15.03 -27.27 13.95
CL CL Y . -17.18 13.57 -11.52
S SO4 Z . -7.76 -0.02 -4.35
O1 SO4 Z . -7.59 -0.23 -5.80
O2 SO4 Z . -8.73 1.05 -4.05
O3 SO4 Z . -6.43 0.30 -3.78
O4 SO4 Z . -8.30 -1.28 -3.76
C ACT AA . -24.35 9.66 -13.11
O ACT AA . -24.97 10.72 -12.83
OXT ACT AA . -23.09 9.64 -13.09
CH3 ACT AA . -25.09 8.37 -13.47
C1 HXA BA . -13.11 -14.54 -29.20
O1 HXA BA . -13.33 -13.35 -29.50
O2 HXA BA . -12.13 -15.16 -29.66
C2 HXA BA . -14.05 -15.24 -28.25
C3 HXA BA . -14.47 -16.56 -28.87
C4 HXA BA . -15.50 -17.16 -27.95
C5 HXA BA . -15.20 -18.17 -27.15
C6 HXA BA . -16.29 -18.70 -26.26
C7 HXA BA . -16.63 -17.68 -25.19
C8 HXA BA . -15.86 -17.44 -24.12
C9 HXA BA . -14.54 -18.14 -23.82
C10 HXA BA . -14.52 -18.74 -22.41
C11 HXA BA . -14.06 -19.98 -22.20
C12 HXA BA . -14.02 -20.60 -20.82
C13 HXA BA . -13.68 -22.09 -20.91
#